data_2M9X
#
_entry.id   2M9X
#
_entity_poly.entity_id   1
_entity_poly.type   'polypeptide(L)'
_entity_poly.pdbx_seq_one_letter_code
;MGHHHHHHSHMPKATAQMEEKLRDFTRAYEPDSVLPLADGVLSFIHHQIIELARDCLTKSRDGLITTVYFYELQENLEKL
LQDAYERSESLEVAFVTQLVKKLLIIISRPAR
;
_entity_poly.pdbx_strand_id   A
#
# COMPACT_ATOMS: atom_id res chain seq x y z
N MET A 1 -11.78 -10.38 -11.42
CA MET A 1 -10.92 -10.15 -12.61
C MET A 1 -11.49 -10.88 -13.84
N GLY A 2 -12.37 -11.86 -13.60
CA GLY A 2 -13.24 -12.40 -14.64
C GLY A 2 -12.82 -13.78 -15.16
N HIS A 3 -12.04 -13.77 -16.26
CA HIS A 3 -11.82 -14.94 -17.16
C HIS A 3 -13.09 -15.19 -18.02
N HIS A 4 -13.03 -16.25 -18.86
CA HIS A 4 -14.10 -16.62 -19.81
C HIS A 4 -15.43 -16.91 -19.08
N HIS A 5 -15.44 -18.02 -18.34
CA HIS A 5 -16.60 -18.45 -17.56
C HIS A 5 -16.51 -17.86 -16.14
N HIS A 6 -16.89 -16.57 -16.00
CA HIS A 6 -16.93 -15.93 -14.68
C HIS A 6 -18.31 -16.12 -14.04
N HIS A 7 -18.33 -16.84 -12.92
CA HIS A 7 -19.50 -17.02 -12.05
C HIS A 7 -19.01 -17.82 -10.82
N HIS A 8 -17.76 -17.50 -10.43
CA HIS A 8 -16.93 -18.31 -9.53
C HIS A 8 -17.23 -17.95 -8.06
N SER A 9 -16.58 -16.87 -7.56
CA SER A 9 -16.74 -16.40 -6.18
C SER A 9 -17.99 -15.51 -6.11
N HIS A 10 -19.15 -16.16 -5.87
CA HIS A 10 -20.45 -15.49 -5.68
C HIS A 10 -20.67 -15.09 -4.20
N MET A 11 -19.56 -15.10 -3.44
CA MET A 11 -19.47 -14.51 -2.10
C MET A 11 -18.73 -13.16 -2.24
N PRO A 12 -19.38 -11.99 -1.92
CA PRO A 12 -18.71 -10.66 -1.92
C PRO A 12 -17.54 -10.62 -0.90
N LYS A 13 -16.34 -11.01 -1.37
CA LYS A 13 -15.16 -11.23 -0.53
C LYS A 13 -14.19 -10.04 -0.67
N ALA A 14 -13.73 -9.52 0.48
CA ALA A 14 -12.76 -8.41 0.54
C ALA A 14 -11.38 -8.84 0.01
N THR A 15 -11.10 -10.16 0.00
CA THR A 15 -9.88 -10.71 -0.62
C THR A 15 -9.81 -10.33 -2.11
N ALA A 16 -10.85 -10.73 -2.87
CA ALA A 16 -10.96 -10.49 -4.31
C ALA A 16 -10.89 -8.98 -4.63
N GLN A 17 -11.83 -8.22 -4.05
CA GLN A 17 -12.01 -6.76 -4.30
C GLN A 17 -10.70 -5.98 -4.01
N MET A 18 -10.19 -6.12 -2.77
CA MET A 18 -9.01 -5.36 -2.29
C MET A 18 -7.73 -5.74 -3.05
N GLU A 19 -7.49 -7.07 -3.23
CA GLU A 19 -6.26 -7.59 -3.89
C GLU A 19 -6.22 -7.15 -5.36
N GLU A 20 -7.40 -7.06 -6.01
CA GLU A 20 -7.51 -6.52 -7.38
C GLU A 20 -7.23 -5.02 -7.44
N LYS A 21 -7.83 -4.25 -6.52
CA LYS A 21 -7.59 -2.81 -6.40
C LYS A 21 -6.07 -2.53 -6.22
N LEU A 22 -5.46 -3.34 -5.34
CA LEU A 22 -4.05 -3.20 -4.91
C LEU A 22 -3.10 -3.56 -6.07
N ARG A 23 -3.34 -4.71 -6.74
CA ARG A 23 -2.44 -5.20 -7.81
C ARG A 23 -2.50 -4.26 -9.02
N ASP A 24 -3.72 -3.79 -9.39
CA ASP A 24 -3.92 -2.89 -10.54
C ASP A 24 -3.30 -1.50 -10.26
N PHE A 25 -3.46 -1.04 -9.01
CA PHE A 25 -2.79 0.15 -8.45
C PHE A 25 -1.27 0.07 -8.71
N THR A 26 -0.63 -0.97 -8.14
CA THR A 26 0.85 -1.10 -8.09
C THR A 26 1.46 -1.45 -9.48
N ARG A 27 0.65 -2.14 -10.32
CA ARG A 27 1.05 -2.66 -11.67
C ARG A 27 1.53 -1.54 -12.63
N ALA A 28 0.94 -0.35 -12.48
CA ALA A 28 1.07 0.76 -13.46
C ALA A 28 2.50 1.36 -13.53
N TYR A 29 3.35 1.12 -12.51
CA TYR A 29 4.64 1.85 -12.35
C TYR A 29 5.73 1.03 -11.62
N GLU A 30 6.94 1.65 -11.54
CA GLU A 30 8.16 1.05 -10.95
C GLU A 30 8.50 1.73 -9.58
N PRO A 31 9.34 1.07 -8.71
CA PRO A 31 9.84 1.69 -7.45
C PRO A 31 10.76 2.90 -7.69
N ASP A 32 11.65 2.76 -8.70
CA ASP A 32 12.72 3.74 -8.99
C ASP A 32 12.27 4.82 -9.98
N SER A 33 11.14 4.59 -10.66
CA SER A 33 10.65 5.47 -11.75
C SER A 33 9.23 6.01 -11.46
N VAL A 34 8.73 6.87 -12.37
CA VAL A 34 7.57 7.77 -12.15
C VAL A 34 7.94 8.71 -10.99
N LEU A 35 9.04 9.43 -11.26
CA LEU A 35 9.73 10.32 -10.33
C LEU A 35 10.39 9.55 -9.14
N PRO A 36 11.75 9.61 -9.01
CA PRO A 36 12.43 9.39 -7.70
C PRO A 36 12.15 10.56 -6.73
N LEU A 37 11.46 11.61 -7.26
CA LEU A 37 10.91 12.75 -6.50
C LEU A 37 12.07 13.64 -6.01
N ALA A 38 12.65 13.27 -4.86
CA ALA A 38 13.93 13.82 -4.36
C ALA A 38 14.92 12.64 -4.28
N ASP A 39 16.05 12.76 -4.99
CA ASP A 39 17.00 11.64 -5.16
C ASP A 39 17.68 11.32 -3.81
N GLY A 40 17.40 10.11 -3.31
CA GLY A 40 17.86 9.67 -1.99
C GLY A 40 16.70 9.43 -1.02
N VAL A 41 16.19 10.52 -0.41
CA VAL A 41 15.15 10.46 0.65
C VAL A 41 13.77 9.99 0.11
N LEU A 42 13.25 10.70 -0.90
CA LEU A 42 11.92 10.43 -1.47
C LEU A 42 12.00 9.31 -2.52
N SER A 43 13.22 9.05 -3.04
CA SER A 43 13.51 7.84 -3.80
C SER A 43 13.28 6.59 -2.93
N PHE A 44 13.77 6.66 -1.68
CA PHE A 44 13.52 5.62 -0.65
C PHE A 44 12.02 5.52 -0.39
N ILE A 45 11.36 6.66 -0.15
CA ILE A 45 9.89 6.69 0.15
C ILE A 45 9.03 6.20 -1.06
N HIS A 46 9.51 6.42 -2.30
CA HIS A 46 8.81 5.94 -3.52
C HIS A 46 8.94 4.41 -3.60
N HIS A 47 10.17 3.92 -3.29
CA HIS A 47 10.45 2.48 -3.11
C HIS A 47 9.47 1.93 -2.07
N GLN A 48 9.29 2.66 -0.96
CA GLN A 48 8.39 2.23 0.13
C GLN A 48 6.94 2.10 -0.35
N ILE A 49 6.44 3.09 -1.13
CA ILE A 49 5.08 3.02 -1.72
C ILE A 49 4.92 1.70 -2.50
N ILE A 50 5.83 1.49 -3.47
CA ILE A 50 5.71 0.37 -4.43
C ILE A 50 6.03 -1.00 -3.77
N GLU A 51 7.00 -1.04 -2.85
CA GLU A 51 7.49 -2.30 -2.24
C GLU A 51 6.59 -2.77 -1.09
N LEU A 52 6.04 -1.81 -0.30
CA LEU A 52 5.01 -2.13 0.71
C LEU A 52 3.73 -2.57 0.00
N ALA A 53 3.40 -1.91 -1.12
CA ALA A 53 2.26 -2.31 -1.96
C ALA A 53 2.41 -3.77 -2.46
N ARG A 54 3.56 -4.08 -3.11
CA ARG A 54 3.83 -5.43 -3.67
C ARG A 54 3.93 -6.49 -2.57
N ASP A 55 4.60 -6.16 -1.45
CA ASP A 55 4.83 -7.11 -0.35
C ASP A 55 3.50 -7.45 0.32
N CYS A 56 2.76 -6.41 0.77
CA CYS A 56 1.44 -6.59 1.42
C CYS A 56 0.45 -7.32 0.49
N LEU A 57 0.55 -7.05 -0.82
CA LEU A 57 -0.23 -7.73 -1.87
C LEU A 57 0.02 -9.25 -1.85
N THR A 58 1.31 -9.61 -1.96
CA THR A 58 1.74 -11.02 -2.02
C THR A 58 1.56 -11.73 -0.66
N LYS A 59 1.61 -10.95 0.46
CA LYS A 59 1.42 -11.46 1.82
C LYS A 59 -0.09 -11.60 2.14
N SER A 60 -0.94 -10.84 1.43
CA SER A 60 -2.41 -10.99 1.51
C SER A 60 -2.85 -12.28 0.80
N ARG A 61 -2.28 -12.47 -0.40
CA ARG A 61 -2.47 -13.67 -1.23
C ARG A 61 -1.90 -14.93 -0.53
N ASP A 62 -0.77 -14.73 0.17
CA ASP A 62 -0.12 -15.78 1.01
C ASP A 62 -0.96 -16.03 2.28
N GLY A 63 -1.54 -14.94 2.81
CA GLY A 63 -2.33 -14.96 4.06
C GLY A 63 -1.49 -14.61 5.29
N LEU A 64 -0.22 -14.20 5.07
CA LEU A 64 0.74 -13.85 6.13
C LEU A 64 0.28 -12.63 6.97
N ILE A 65 -0.57 -11.75 6.36
CA ILE A 65 -1.11 -10.56 7.04
C ILE A 65 -1.84 -10.92 8.35
N THR A 66 -1.20 -10.62 9.48
CA THR A 66 -1.81 -10.64 10.81
C THR A 66 -2.46 -9.27 11.10
N THR A 67 -3.05 -9.11 12.29
CA THR A 67 -3.58 -7.82 12.74
C THR A 67 -2.40 -6.83 13.00
N VAL A 68 -1.26 -7.40 13.50
CA VAL A 68 -0.02 -6.65 13.82
C VAL A 68 0.55 -5.98 12.55
N TYR A 69 0.47 -6.76 11.44
CA TYR A 69 0.95 -6.36 10.11
C TYR A 69 0.36 -4.99 9.71
N PHE A 70 -0.97 -4.85 9.86
CA PHE A 70 -1.70 -3.63 9.50
C PHE A 70 -1.26 -2.44 10.36
N TYR A 71 -1.15 -2.62 11.70
CA TYR A 71 -0.76 -1.51 12.61
C TYR A 71 0.61 -0.94 12.23
N GLU A 72 1.60 -1.85 12.10
CA GLU A 72 2.97 -1.48 11.70
C GLU A 72 2.97 -0.78 10.31
N LEU A 73 2.18 -1.34 9.36
CA LEU A 73 2.12 -0.84 7.97
C LEU A 73 1.50 0.56 7.90
N GLN A 74 0.44 0.81 8.71
CA GLN A 74 -0.29 2.10 8.69
C GLN A 74 0.59 3.19 9.30
N GLU A 75 1.16 2.90 10.47
CA GLU A 75 2.02 3.83 11.20
C GLU A 75 3.35 4.06 10.46
N ASN A 76 3.78 3.09 9.61
CA ASN A 76 4.94 3.24 8.72
C ASN A 76 4.60 4.16 7.54
N LEU A 77 3.38 3.99 6.95
CA LEU A 77 2.90 4.87 5.86
C LEU A 77 2.75 6.32 6.35
N GLU A 78 2.28 6.47 7.59
CA GLU A 78 2.08 7.78 8.22
C GLU A 78 3.42 8.38 8.71
N LYS A 79 4.37 7.51 9.08
CA LYS A 79 5.76 7.92 9.32
C LYS A 79 6.33 8.61 8.06
N LEU A 80 6.19 7.88 6.92
CA LEU A 80 6.65 8.34 5.59
C LEU A 80 5.79 9.50 5.06
N LEU A 81 4.54 9.60 5.56
CA LEU A 81 3.64 10.73 5.26
C LEU A 81 4.23 12.02 5.87
N GLN A 82 4.64 11.94 7.15
CA GLN A 82 5.29 13.07 7.83
C GLN A 82 6.75 13.27 7.35
N ASP A 83 7.39 12.21 6.81
CA ASP A 83 8.73 12.33 6.18
C ASP A 83 8.61 13.06 4.83
N ALA A 84 7.47 12.83 4.15
CA ALA A 84 7.14 13.50 2.86
C ALA A 84 6.65 14.93 3.12
N TYR A 85 6.02 15.16 4.28
CA TYR A 85 5.63 16.50 4.73
C TYR A 85 6.85 17.27 5.30
N GLU A 86 7.88 16.51 5.72
CA GLU A 86 9.19 17.08 6.14
C GLU A 86 10.03 17.44 4.91
N ARG A 87 9.73 16.79 3.77
CA ARG A 87 10.25 17.20 2.45
C ARG A 87 9.73 18.62 2.15
N SER A 88 10.60 19.62 2.42
CA SER A 88 10.27 21.05 2.41
C SER A 88 9.75 21.51 1.03
N GLU A 89 10.39 21.03 -0.04
CA GLU A 89 10.00 21.34 -1.41
C GLU A 89 8.88 20.35 -1.82
N SER A 90 7.62 20.79 -1.72
CA SER A 90 6.44 19.95 -1.97
C SER A 90 5.77 20.30 -3.31
N LEU A 91 6.00 19.41 -4.29
CA LEU A 91 5.27 19.33 -5.58
C LEU A 91 5.10 17.82 -5.82
N GLU A 92 6.26 17.15 -5.77
CA GLU A 92 6.44 15.69 -5.74
C GLU A 92 5.57 14.99 -4.66
N VAL A 93 5.36 15.68 -3.52
CA VAL A 93 4.69 15.15 -2.33
C VAL A 93 3.19 14.88 -2.57
N ALA A 94 2.57 15.57 -3.55
CA ALA A 94 1.16 15.33 -3.94
C ALA A 94 0.95 13.84 -4.35
N PHE A 95 1.87 13.36 -5.23
CA PHE A 95 1.91 11.94 -5.66
C PHE A 95 1.99 11.02 -4.44
N VAL A 96 3.05 11.22 -3.64
CA VAL A 96 3.40 10.37 -2.48
C VAL A 96 2.20 10.20 -1.51
N THR A 97 1.64 11.35 -1.11
CA THR A 97 0.53 11.42 -0.15
C THR A 97 -0.71 10.71 -0.70
N GLN A 98 -1.13 11.09 -1.93
CA GLN A 98 -2.35 10.54 -2.56
C GLN A 98 -2.20 9.02 -2.83
N LEU A 99 -0.95 8.57 -3.04
CA LEU A 99 -0.62 7.14 -3.31
C LEU A 99 -0.75 6.28 -2.03
N VAL A 100 -0.03 6.67 -0.94
CA VAL A 100 -0.06 5.93 0.35
C VAL A 100 -1.49 5.98 0.98
N LYS A 101 -2.18 7.11 0.77
CA LYS A 101 -3.55 7.36 1.23
C LYS A 101 -4.53 6.43 0.49
N LYS A 102 -4.45 6.44 -0.85
CA LYS A 102 -5.31 5.59 -1.73
C LYS A 102 -5.11 4.09 -1.42
N LEU A 103 -3.85 3.72 -1.18
CA LEU A 103 -3.46 2.36 -0.77
C LEU A 103 -4.11 2.00 0.59
N LEU A 104 -4.08 2.96 1.52
CA LEU A 104 -4.64 2.81 2.88
C LEU A 104 -6.18 2.67 2.82
N ILE A 105 -6.79 3.32 1.80
CA ILE A 105 -8.23 3.23 1.52
C ILE A 105 -8.57 1.84 0.92
N ILE A 106 -7.74 1.37 -0.03
CA ILE A 106 -7.88 0.06 -0.72
C ILE A 106 -7.95 -1.10 0.30
N ILE A 107 -7.04 -1.09 1.30
CA ILE A 107 -6.94 -2.15 2.33
C ILE A 107 -7.91 -1.91 3.52
N SER A 108 -8.94 -1.08 3.27
CA SER A 108 -10.04 -0.77 4.21
C SER A 108 -9.56 0.14 5.36
N ARG A 109 -10.52 0.72 6.09
CA ARG A 109 -10.28 1.89 6.97
C ARG A 109 -9.69 3.07 6.14
N PRO A 110 -10.51 3.71 5.22
CA PRO A 110 -10.09 4.90 4.45
C PRO A 110 -9.42 6.00 5.33
N ALA A 111 -8.33 6.58 4.80
CA ALA A 111 -7.60 7.67 5.46
C ALA A 111 -8.37 9.01 5.31
N ARG A 112 -7.70 10.13 5.69
CA ARG A 112 -8.23 11.49 5.49
C ARG A 112 -7.17 12.32 4.72
N MET A 1 -24.41 -26.87 -11.45
CA MET A 1 -23.12 -27.53 -11.16
C MET A 1 -22.08 -27.07 -12.20
N GLY A 2 -22.18 -27.62 -13.44
CA GLY A 2 -21.33 -27.22 -14.57
C GLY A 2 -19.82 -27.40 -14.30
N HIS A 3 -19.16 -26.30 -13.91
CA HIS A 3 -17.70 -26.26 -13.67
C HIS A 3 -17.37 -26.65 -12.21
N HIS A 4 -16.06 -26.87 -11.94
CA HIS A 4 -15.58 -27.27 -10.61
C HIS A 4 -14.88 -26.10 -9.93
N HIS A 5 -15.60 -25.43 -9.02
CA HIS A 5 -15.10 -24.26 -8.29
C HIS A 5 -14.34 -24.70 -7.02
N HIS A 6 -13.01 -24.78 -7.13
CA HIS A 6 -12.13 -25.03 -5.97
C HIS A 6 -11.93 -23.71 -5.19
N HIS A 7 -12.91 -23.41 -4.32
CA HIS A 7 -12.98 -22.19 -3.52
C HIS A 7 -13.64 -22.52 -2.17
N HIS A 8 -12.84 -22.49 -1.11
CA HIS A 8 -13.34 -22.59 0.27
C HIS A 8 -14.01 -21.26 0.67
N SER A 9 -13.44 -20.15 0.16
CA SER A 9 -14.07 -18.84 0.19
C SER A 9 -15.13 -18.80 -0.92
N HIS A 10 -16.37 -19.16 -0.53
CA HIS A 10 -17.55 -19.14 -1.42
C HIS A 10 -17.97 -17.69 -1.70
N MET A 11 -17.62 -16.80 -0.75
CA MET A 11 -17.65 -15.33 -0.93
C MET A 11 -16.68 -14.90 -2.05
N PRO A 12 -17.00 -13.79 -2.80
CA PRO A 12 -15.97 -13.05 -3.58
C PRO A 12 -14.90 -12.49 -2.60
N LYS A 13 -15.38 -12.12 -1.39
CA LYS A 13 -14.56 -11.78 -0.20
C LYS A 13 -13.82 -10.42 -0.38
N ALA A 14 -13.37 -9.85 0.76
CA ALA A 14 -12.52 -8.65 0.79
C ALA A 14 -11.19 -8.88 0.05
N THR A 15 -10.74 -10.16 0.00
CA THR A 15 -9.46 -10.54 -0.64
C THR A 15 -9.42 -10.07 -2.11
N ALA A 16 -10.38 -10.52 -2.95
CA ALA A 16 -10.40 -10.24 -4.40
C ALA A 16 -10.49 -8.72 -4.71
N GLN A 17 -11.36 -8.03 -3.95
CA GLN A 17 -11.61 -6.58 -4.08
C GLN A 17 -10.32 -5.77 -3.80
N MET A 18 -9.74 -6.04 -2.62
CA MET A 18 -8.50 -5.38 -2.13
C MET A 18 -7.30 -5.77 -3.01
N GLU A 19 -7.30 -7.01 -3.51
CA GLU A 19 -6.21 -7.56 -4.34
C GLU A 19 -6.12 -6.84 -5.67
N GLU A 20 -7.29 -6.65 -6.32
CA GLU A 20 -7.36 -5.97 -7.63
C GLU A 20 -7.14 -4.46 -7.47
N LYS A 21 -7.66 -3.87 -6.38
CA LYS A 21 -7.38 -2.47 -6.03
C LYS A 21 -5.86 -2.23 -5.91
N LEU A 22 -5.20 -3.16 -5.20
CA LEU A 22 -3.77 -3.07 -4.89
C LEU A 22 -2.95 -3.31 -6.18
N ARG A 23 -3.24 -4.38 -6.93
CA ARG A 23 -2.45 -4.74 -8.13
C ARG A 23 -2.60 -3.67 -9.23
N ASP A 24 -3.78 -3.00 -9.28
CA ASP A 24 -4.05 -1.87 -10.20
C ASP A 24 -3.23 -0.63 -9.79
N PHE A 25 -3.28 -0.34 -8.48
CA PHE A 25 -2.48 0.72 -7.81
C PHE A 25 -0.98 0.59 -8.18
N THR A 26 -0.49 -0.65 -8.05
CA THR A 26 0.91 -1.00 -8.27
C THR A 26 1.29 -0.94 -9.77
N ARG A 27 0.39 -1.49 -10.62
CA ARG A 27 0.58 -1.59 -12.10
C ARG A 27 0.74 -0.20 -12.76
N ALA A 28 0.28 0.86 -12.07
CA ALA A 28 0.39 2.25 -12.54
C ALA A 28 1.86 2.62 -12.88
N TYR A 29 2.82 2.11 -12.07
CA TYR A 29 4.27 2.34 -12.31
C TYR A 29 5.04 1.01 -12.19
N GLU A 30 5.11 0.49 -10.93
CA GLU A 30 6.10 -0.51 -10.49
C GLU A 30 7.54 0.09 -10.66
N PRO A 31 8.69 -0.64 -10.51
CA PRO A 31 10.02 -0.13 -10.95
C PRO A 31 10.27 -0.37 -12.48
N ASP A 32 9.17 -0.31 -13.29
CA ASP A 32 9.24 -0.51 -14.75
C ASP A 32 9.76 0.75 -15.49
N SER A 33 8.85 1.66 -15.88
CA SER A 33 9.17 2.83 -16.70
C SER A 33 8.87 4.10 -15.89
N VAL A 34 9.72 4.37 -14.89
CA VAL A 34 9.49 5.41 -13.88
C VAL A 34 10.80 5.77 -13.15
N LEU A 35 10.85 6.96 -12.54
CA LEU A 35 11.90 7.35 -11.59
C LEU A 35 11.39 7.13 -10.14
N PRO A 36 12.31 6.88 -9.15
CA PRO A 36 11.94 6.76 -7.72
C PRO A 36 11.83 8.15 -7.03
N LEU A 37 11.12 9.11 -7.70
CA LEU A 37 10.93 10.50 -7.20
C LEU A 37 12.28 11.25 -7.14
N ALA A 38 12.33 12.33 -6.35
CA ALA A 38 13.59 13.00 -6.01
C ALA A 38 14.41 12.12 -5.05
N ASP A 39 15.72 12.38 -5.01
CA ASP A 39 16.72 11.54 -4.28
C ASP A 39 16.50 11.52 -2.75
N GLY A 40 16.97 10.43 -2.13
CA GLY A 40 17.05 10.31 -0.68
C GLY A 40 15.79 9.69 -0.06
N VAL A 41 15.11 10.50 0.79
CA VAL A 41 13.94 10.07 1.59
C VAL A 41 12.76 9.70 0.68
N LEU A 42 12.54 10.51 -0.38
CA LEU A 42 11.44 10.30 -1.35
C LEU A 42 11.68 9.04 -2.21
N SER A 43 12.96 8.68 -2.41
CA SER A 43 13.35 7.42 -3.06
C SER A 43 13.01 6.21 -2.16
N PHE A 44 13.29 6.37 -0.85
CA PHE A 44 12.95 5.38 0.19
C PHE A 44 11.42 5.21 0.28
N ILE A 45 10.67 6.31 0.15
CA ILE A 45 9.20 6.31 0.20
C ILE A 45 8.62 5.57 -1.02
N HIS A 46 9.12 5.91 -2.24
CA HIS A 46 8.68 5.28 -3.53
C HIS A 46 8.98 3.76 -3.50
N HIS A 47 10.16 3.45 -2.91
CA HIS A 47 10.60 2.09 -2.60
C HIS A 47 9.52 1.38 -1.76
N GLN A 48 9.16 1.98 -0.61
CA GLN A 48 8.14 1.42 0.30
C GLN A 48 6.74 1.34 -0.35
N ILE A 49 6.41 2.29 -1.24
CA ILE A 49 5.12 2.31 -1.95
C ILE A 49 5.00 1.04 -2.79
N ILE A 50 5.89 0.87 -3.78
CA ILE A 50 5.81 -0.26 -4.71
C ILE A 50 6.14 -1.60 -4.01
N GLU A 51 7.23 -1.62 -3.24
CA GLU A 51 7.69 -2.80 -2.50
C GLU A 51 6.60 -3.30 -1.56
N LEU A 52 6.20 -2.46 -0.58
CA LEU A 52 5.24 -2.88 0.47
C LEU A 52 3.84 -3.08 -0.10
N ALA A 53 3.53 -2.44 -1.26
CA ALA A 53 2.31 -2.79 -2.02
C ALA A 53 2.36 -4.28 -2.42
N ARG A 54 3.38 -4.67 -3.20
CA ARG A 54 3.52 -6.06 -3.71
C ARG A 54 3.79 -7.07 -2.59
N ASP A 55 4.46 -6.59 -1.55
CA ASP A 55 4.81 -7.34 -0.34
C ASP A 55 3.53 -7.77 0.37
N CYS A 56 2.72 -6.77 0.77
CA CYS A 56 1.46 -6.99 1.46
C CYS A 56 0.42 -7.69 0.56
N LEU A 57 0.52 -7.47 -0.79
CA LEU A 57 -0.35 -8.13 -1.78
C LEU A 57 -0.15 -9.66 -1.73
N THR A 58 1.13 -10.07 -1.90
CA THR A 58 1.55 -11.47 -1.88
C THR A 58 1.27 -12.08 -0.49
N LYS A 59 1.48 -11.29 0.59
CA LYS A 59 1.30 -11.73 1.98
C LYS A 59 -0.20 -11.83 2.39
N SER A 60 -1.09 -11.09 1.70
CA SER A 60 -2.57 -11.23 1.88
C SER A 60 -3.05 -12.51 1.18
N ARG A 61 -2.56 -12.71 -0.06
CA ARG A 61 -2.85 -13.92 -0.88
C ARG A 61 -2.23 -15.18 -0.23
N ASP A 62 -1.11 -14.97 0.50
CA ASP A 62 -0.36 -16.02 1.24
C ASP A 62 -1.09 -16.35 2.57
N GLY A 63 -1.87 -15.35 3.07
CA GLY A 63 -2.61 -15.46 4.33
C GLY A 63 -1.79 -15.00 5.53
N LEU A 64 -0.56 -14.52 5.26
CA LEU A 64 0.44 -14.13 6.27
C LEU A 64 -0.08 -13.05 7.21
N ILE A 65 -0.63 -11.96 6.64
CA ILE A 65 -0.83 -10.69 7.37
C ILE A 65 -1.69 -10.85 8.63
N THR A 66 -0.98 -10.88 9.78
CA THR A 66 -1.55 -10.70 11.11
C THR A 66 -2.13 -9.28 11.25
N THR A 67 -3.04 -9.09 12.21
CA THR A 67 -3.75 -7.83 12.41
C THR A 67 -2.76 -6.67 12.67
N VAL A 68 -1.73 -6.94 13.53
CA VAL A 68 -0.69 -5.96 13.91
C VAL A 68 0.03 -5.39 12.66
N TYR A 69 0.25 -6.27 11.66
CA TYR A 69 1.04 -5.98 10.46
C TYR A 69 0.43 -4.82 9.64
N PHE A 70 -0.91 -4.73 9.63
CA PHE A 70 -1.65 -3.64 8.96
C PHE A 70 -1.37 -2.27 9.64
N TYR A 71 -1.17 -2.29 10.97
CA TYR A 71 -0.90 -1.08 11.79
C TYR A 71 0.59 -0.72 11.79
N GLU A 72 1.45 -1.73 11.62
CA GLU A 72 2.90 -1.53 11.36
C GLU A 72 3.04 -0.77 10.05
N LEU A 73 2.32 -1.29 9.04
CA LEU A 73 2.17 -0.65 7.75
C LEU A 73 1.60 0.76 7.90
N GLN A 74 0.49 0.91 8.64
CA GLN A 74 -0.25 2.20 8.78
C GLN A 74 0.66 3.33 9.35
N GLU A 75 1.42 3.01 10.42
CA GLU A 75 2.35 3.97 11.05
C GLU A 75 3.50 4.30 10.08
N ASN A 76 4.10 3.25 9.47
CA ASN A 76 5.18 3.38 8.47
C ASN A 76 4.75 4.30 7.31
N LEU A 77 3.58 4.01 6.75
CA LEU A 77 3.02 4.68 5.57
C LEU A 77 2.78 6.17 5.84
N GLU A 78 2.13 6.48 6.98
CA GLU A 78 1.80 7.86 7.35
C GLU A 78 3.01 8.62 7.91
N LYS A 79 4.04 7.90 8.38
CA LYS A 79 5.30 8.53 8.80
C LYS A 79 6.13 8.95 7.56
N LEU A 80 6.09 8.11 6.50
CA LEU A 80 6.69 8.43 5.17
C LEU A 80 5.96 9.63 4.55
N LEU A 81 4.62 9.58 4.65
CA LEU A 81 3.70 10.68 4.30
C LEU A 81 4.11 11.99 5.00
N GLN A 82 4.41 11.88 6.32
CA GLN A 82 4.83 13.01 7.16
C GLN A 82 6.20 13.56 6.70
N ASP A 83 7.14 12.64 6.39
CA ASP A 83 8.48 13.00 5.90
C ASP A 83 8.44 13.56 4.46
N ALA A 84 7.38 13.25 3.72
CA ALA A 84 7.13 13.87 2.41
C ALA A 84 6.60 15.29 2.61
N TYR A 85 5.58 15.42 3.51
CA TYR A 85 4.90 16.70 3.84
C TYR A 85 5.90 17.81 4.17
N GLU A 86 6.79 17.48 5.10
CA GLU A 86 7.69 18.45 5.70
C GLU A 86 9.10 18.36 5.09
N ARG A 87 9.16 18.20 3.75
CA ARG A 87 10.43 18.31 3.02
C ARG A 87 10.38 19.52 2.07
N SER A 88 9.48 19.45 1.07
CA SER A 88 9.45 20.45 -0.03
C SER A 88 8.11 21.21 -0.15
N GLU A 89 6.97 20.54 0.16
CA GLU A 89 5.60 21.03 -0.20
C GLU A 89 5.48 21.26 -1.73
N SER A 90 6.11 20.38 -2.50
CA SER A 90 6.16 20.44 -3.96
C SER A 90 5.40 19.22 -4.57
N LEU A 91 5.62 18.96 -5.88
CA LEU A 91 4.91 17.91 -6.66
C LEU A 91 5.13 16.50 -6.05
N GLU A 92 6.33 16.27 -5.50
CA GLU A 92 6.72 14.97 -4.92
C GLU A 92 5.82 14.64 -3.71
N VAL A 93 5.46 15.68 -2.94
CA VAL A 93 4.59 15.58 -1.75
C VAL A 93 3.17 15.14 -2.15
N ALA A 94 2.63 15.77 -3.21
CA ALA A 94 1.29 15.45 -3.75
C ALA A 94 1.20 13.98 -4.16
N PHE A 95 2.25 13.53 -4.89
CA PHE A 95 2.41 12.13 -5.34
C PHE A 95 2.28 11.18 -4.14
N VAL A 96 3.20 11.34 -3.15
CA VAL A 96 3.26 10.48 -1.96
C VAL A 96 1.92 10.48 -1.20
N THR A 97 1.29 11.67 -1.04
CA THR A 97 0.04 11.83 -0.29
C THR A 97 -1.07 10.95 -0.90
N GLN A 98 -1.33 11.19 -2.22
CA GLN A 98 -2.34 10.46 -3.00
C GLN A 98 -2.09 8.94 -2.90
N LEU A 99 -0.89 8.53 -3.33
CA LEU A 99 -0.46 7.13 -3.41
C LEU A 99 -0.62 6.38 -2.08
N VAL A 100 0.07 6.88 -1.04
CA VAL A 100 0.15 6.21 0.27
C VAL A 100 -1.25 6.13 0.95
N LYS A 101 -2.07 7.20 0.73
CA LYS A 101 -3.45 7.25 1.24
C LYS A 101 -4.31 6.17 0.58
N LYS A 102 -4.18 6.04 -0.76
CA LYS A 102 -4.91 5.00 -1.51
C LYS A 102 -4.55 3.61 -0.97
N LEU A 103 -3.22 3.34 -0.90
CA LEU A 103 -2.67 2.03 -0.47
C LEU A 103 -3.17 1.64 0.93
N LEU A 104 -3.21 2.64 1.84
CA LEU A 104 -3.72 2.44 3.22
C LEU A 104 -5.23 2.09 3.22
N ILE A 105 -6.02 2.89 2.48
CA ILE A 105 -7.49 2.69 2.39
C ILE A 105 -7.84 1.35 1.69
N ILE A 106 -6.95 0.87 0.78
CA ILE A 106 -7.09 -0.43 0.08
C ILE A 106 -7.03 -1.60 1.10
N ILE A 107 -5.93 -1.65 1.90
CA ILE A 107 -5.66 -2.78 2.82
C ILE A 107 -6.50 -2.72 4.12
N SER A 108 -7.32 -1.66 4.26
CA SER A 108 -8.25 -1.47 5.40
C SER A 108 -9.71 -1.60 4.93
N ARG A 109 -10.61 -2.04 5.83
CA ARG A 109 -12.07 -2.02 5.58
C ARG A 109 -12.78 -1.25 6.73
N PRO A 110 -13.18 0.04 6.48
CA PRO A 110 -14.05 0.83 7.40
C PRO A 110 -15.41 0.14 7.67
N ALA A 111 -16.01 0.52 8.82
CA ALA A 111 -17.34 0.04 9.27
C ALA A 111 -17.30 -1.43 9.75
N ARG A 112 -16.07 -1.92 10.07
CA ARG A 112 -15.81 -3.28 10.59
C ARG A 112 -16.31 -4.35 9.59
N MET A 1 -38.04 -24.30 11.81
CA MET A 1 -36.67 -23.80 12.06
C MET A 1 -35.65 -24.90 11.74
N GLY A 2 -34.58 -24.50 11.01
CA GLY A 2 -33.55 -25.43 10.56
C GLY A 2 -32.55 -25.82 11.67
N HIS A 3 -31.69 -26.79 11.36
CA HIS A 3 -30.65 -27.29 12.30
C HIS A 3 -29.26 -26.90 11.77
N HIS A 4 -28.25 -26.94 12.66
CA HIS A 4 -26.87 -26.53 12.34
C HIS A 4 -26.11 -27.71 11.68
N HIS A 5 -26.47 -28.02 10.42
CA HIS A 5 -25.70 -28.97 9.58
C HIS A 5 -24.77 -28.16 8.65
N HIS A 6 -23.64 -28.78 8.23
CA HIS A 6 -22.44 -28.03 7.78
C HIS A 6 -22.68 -27.24 6.47
N HIS A 7 -22.01 -26.07 6.39
CA HIS A 7 -22.18 -25.08 5.31
C HIS A 7 -20.88 -24.25 5.17
N HIS A 8 -20.38 -24.13 3.91
CA HIS A 8 -19.21 -23.25 3.56
C HIS A 8 -19.74 -21.97 2.85
N SER A 9 -18.80 -21.14 2.33
CA SER A 9 -19.14 -19.99 1.46
C SER A 9 -18.04 -19.77 0.42
N HIS A 10 -18.45 -19.64 -0.86
CA HIS A 10 -17.56 -19.34 -2.00
C HIS A 10 -17.53 -17.81 -2.24
N MET A 11 -17.49 -17.04 -1.13
CA MET A 11 -17.61 -15.58 -1.14
C MET A 11 -16.71 -14.97 -0.05
N PRO A 12 -15.40 -14.66 -0.37
CA PRO A 12 -14.52 -13.89 0.53
C PRO A 12 -14.84 -12.37 0.55
N LYS A 13 -15.09 -11.79 -0.67
CA LYS A 13 -15.29 -10.34 -0.92
C LYS A 13 -13.99 -9.52 -0.66
N ALA A 14 -13.56 -9.50 0.62
CA ALA A 14 -12.34 -8.78 1.08
C ALA A 14 -11.10 -9.07 0.23
N THR A 15 -10.88 -10.37 -0.08
CA THR A 15 -9.75 -10.82 -0.92
C THR A 15 -9.81 -10.18 -2.33
N ALA A 16 -10.97 -10.37 -3.00
CA ALA A 16 -11.19 -9.88 -4.38
C ALA A 16 -10.94 -8.37 -4.48
N GLN A 17 -11.63 -7.61 -3.62
CA GLN A 17 -11.60 -6.13 -3.62
C GLN A 17 -10.17 -5.59 -3.42
N MET A 18 -9.58 -5.97 -2.27
CA MET A 18 -8.29 -5.44 -1.81
C MET A 18 -7.15 -5.84 -2.78
N GLU A 19 -7.14 -7.13 -3.19
CA GLU A 19 -6.13 -7.67 -4.13
C GLU A 19 -6.18 -6.89 -5.45
N GLU A 20 -7.36 -6.88 -6.10
CA GLU A 20 -7.56 -6.25 -7.42
C GLU A 20 -7.14 -4.77 -7.41
N LYS A 21 -7.63 -4.03 -6.38
CA LYS A 21 -7.32 -2.59 -6.22
C LYS A 21 -5.80 -2.38 -6.10
N LEU A 22 -5.17 -3.12 -5.15
CA LEU A 22 -3.74 -2.98 -4.81
C LEU A 22 -2.86 -3.24 -6.05
N ARG A 23 -3.06 -4.40 -6.70
CA ARG A 23 -2.17 -4.85 -7.80
C ARG A 23 -2.39 -4.04 -9.09
N ASP A 24 -3.65 -3.61 -9.36
CA ASP A 24 -3.95 -2.77 -10.56
C ASP A 24 -3.30 -1.37 -10.40
N PHE A 25 -3.42 -0.85 -9.17
CA PHE A 25 -2.76 0.40 -8.70
C PHE A 25 -1.23 0.32 -8.92
N THR A 26 -0.62 -0.74 -8.35
CA THR A 26 0.85 -0.92 -8.31
C THR A 26 1.41 -1.36 -9.69
N ARG A 27 0.55 -1.97 -10.54
CA ARG A 27 0.93 -2.45 -11.90
C ARG A 27 1.41 -1.27 -12.78
N ALA A 28 0.83 -0.09 -12.51
CA ALA A 28 1.12 1.16 -13.25
C ALA A 28 2.56 1.65 -13.01
N TYR A 29 3.15 1.36 -11.82
CA TYR A 29 4.43 1.96 -11.43
C TYR A 29 5.24 1.18 -10.39
N GLU A 30 6.55 1.33 -10.56
CA GLU A 30 7.59 0.97 -9.59
C GLU A 30 8.63 2.13 -9.57
N PRO A 31 9.61 2.13 -8.63
CA PRO A 31 10.90 2.82 -8.86
C PRO A 31 11.72 2.05 -9.92
N ASP A 32 12.31 2.79 -10.88
CA ASP A 32 12.81 2.25 -12.17
C ASP A 32 11.62 1.65 -12.97
N SER A 33 10.76 2.56 -13.46
CA SER A 33 9.53 2.24 -14.21
C SER A 33 8.93 3.57 -14.70
N VAL A 34 8.51 4.38 -13.71
CA VAL A 34 8.05 5.77 -13.91
C VAL A 34 9.11 6.76 -13.40
N LEU A 35 8.75 8.05 -13.44
CA LEU A 35 9.58 9.16 -12.93
C LEU A 35 9.72 9.03 -11.41
N PRO A 36 10.95 9.28 -10.84
CA PRO A 36 11.17 9.23 -9.39
C PRO A 36 10.89 10.61 -8.73
N LEU A 37 10.85 10.62 -7.39
CA LEU A 37 10.72 11.84 -6.58
C LEU A 37 12.15 12.39 -6.31
N ALA A 38 12.32 13.25 -5.29
CA ALA A 38 13.64 13.83 -4.94
C ALA A 38 14.66 12.76 -4.47
N ASP A 39 15.94 13.16 -4.51
CA ASP A 39 17.12 12.29 -4.24
C ASP A 39 17.08 11.70 -2.81
N GLY A 40 17.50 10.44 -2.70
CA GLY A 40 17.61 9.72 -1.45
C GLY A 40 16.25 9.46 -0.82
N VAL A 41 15.85 10.35 0.10
CA VAL A 41 14.68 10.16 0.98
C VAL A 41 13.35 9.91 0.22
N LEU A 42 12.96 10.83 -0.70
CA LEU A 42 11.63 10.75 -1.35
C LEU A 42 11.55 9.61 -2.38
N SER A 43 12.68 9.32 -3.06
CA SER A 43 12.78 8.18 -4.00
C SER A 43 12.71 6.85 -3.23
N PHE A 44 13.31 6.83 -2.02
CA PHE A 44 13.29 5.69 -1.10
C PHE A 44 11.88 5.46 -0.56
N ILE A 45 11.14 6.56 -0.28
CA ILE A 45 9.75 6.50 0.21
C ILE A 45 8.81 5.94 -0.88
N HIS A 46 8.96 6.44 -2.13
CA HIS A 46 8.27 5.88 -3.33
C HIS A 46 8.57 4.36 -3.46
N HIS A 47 9.86 4.02 -3.23
CA HIS A 47 10.37 2.64 -3.22
C HIS A 47 9.68 1.80 -2.12
N GLN A 48 9.52 2.38 -0.91
CA GLN A 48 8.91 1.67 0.24
C GLN A 48 7.40 1.45 0.00
N ILE A 49 6.73 2.46 -0.57
CA ILE A 49 5.29 2.38 -0.91
C ILE A 49 5.07 1.19 -1.86
N ILE A 50 5.75 1.22 -3.02
CA ILE A 50 5.55 0.18 -4.05
C ILE A 50 5.97 -1.23 -3.53
N GLU A 51 7.17 -1.32 -2.92
CA GLU A 51 7.78 -2.60 -2.52
C GLU A 51 6.95 -3.28 -1.41
N LEU A 52 6.59 -2.50 -0.37
CA LEU A 52 5.83 -3.01 0.79
C LEU A 52 4.34 -3.19 0.44
N ALA A 53 3.83 -2.49 -0.61
CA ALA A 53 2.47 -2.73 -1.14
C ALA A 53 2.41 -4.11 -1.81
N ARG A 54 3.38 -4.39 -2.72
CA ARG A 54 3.52 -5.71 -3.38
C ARG A 54 3.74 -6.83 -2.36
N ASP A 55 4.54 -6.50 -1.33
CA ASP A 55 4.91 -7.42 -0.25
C ASP A 55 3.69 -7.79 0.61
N CYS A 56 2.83 -6.78 0.89
CA CYS A 56 1.60 -6.96 1.68
C CYS A 56 0.54 -7.76 0.87
N LEU A 57 0.46 -7.44 -0.45
CA LEU A 57 -0.38 -8.14 -1.44
C LEU A 57 -0.06 -9.66 -1.47
N THR A 58 1.26 -9.94 -1.58
CA THR A 58 1.84 -11.28 -1.49
C THR A 58 1.49 -11.94 -0.16
N LYS A 59 1.71 -11.18 0.94
CA LYS A 59 1.63 -11.67 2.32
C LYS A 59 0.18 -12.06 2.70
N SER A 60 -0.80 -11.39 2.06
CA SER A 60 -2.23 -11.69 2.22
C SER A 60 -2.57 -13.09 1.66
N ARG A 61 -2.13 -13.34 0.42
CA ARG A 61 -2.38 -14.63 -0.28
C ARG A 61 -1.36 -15.70 0.17
N ASP A 62 -0.34 -15.26 0.93
CA ASP A 62 0.60 -16.14 1.63
C ASP A 62 0.01 -16.54 3.00
N GLY A 63 -0.97 -15.74 3.46
CA GLY A 63 -1.70 -15.96 4.71
C GLY A 63 -0.96 -15.47 5.95
N LEU A 64 0.27 -14.97 5.74
CA LEU A 64 1.24 -14.70 6.83
C LEU A 64 1.07 -13.27 7.40
N ILE A 65 0.10 -12.49 6.90
CA ILE A 65 -0.29 -11.23 7.57
C ILE A 65 -0.95 -11.54 8.92
N THR A 66 -0.13 -11.50 9.99
CA THR A 66 -0.62 -11.31 11.35
C THR A 66 -1.16 -9.88 11.42
N THR A 67 -2.26 -9.69 12.16
CA THR A 67 -3.15 -8.51 12.06
C THR A 67 -2.40 -7.14 12.14
N VAL A 68 -1.26 -7.12 12.88
CA VAL A 68 -0.41 -5.92 13.08
C VAL A 68 0.12 -5.32 11.75
N TYR A 69 0.33 -6.18 10.74
CA TYR A 69 1.09 -5.86 9.51
C TYR A 69 0.44 -4.73 8.69
N PHE A 70 -0.91 -4.72 8.63
CA PHE A 70 -1.68 -3.67 7.94
C PHE A 70 -1.55 -2.32 8.67
N TYR A 71 -1.62 -2.36 10.02
CA TYR A 71 -1.47 -1.16 10.85
C TYR A 71 -0.03 -0.60 10.75
N GLU A 72 0.94 -1.54 10.67
CA GLU A 72 2.37 -1.25 10.52
C GLU A 72 2.63 -0.66 9.13
N LEU A 73 1.88 -1.14 8.12
CA LEU A 73 1.98 -0.63 6.74
C LEU A 73 1.52 0.84 6.70
N GLN A 74 0.32 1.11 7.27
CA GLN A 74 -0.28 2.47 7.37
C GLN A 74 0.65 3.44 8.16
N GLU A 75 1.18 2.94 9.29
CA GLU A 75 2.01 3.70 10.25
C GLU A 75 3.38 4.04 9.61
N ASN A 76 3.93 3.06 8.87
CA ASN A 76 5.15 3.22 8.03
C ASN A 76 4.92 4.31 6.97
N LEU A 77 3.79 4.21 6.27
CA LEU A 77 3.45 5.07 5.14
C LEU A 77 3.25 6.53 5.59
N GLU A 78 2.57 6.76 6.74
CA GLU A 78 2.30 8.11 7.28
C GLU A 78 3.49 8.69 8.07
N LYS A 79 4.39 7.79 8.56
CA LYS A 79 5.71 8.20 9.08
C LYS A 79 6.53 8.84 7.94
N LEU A 80 6.70 8.05 6.86
CA LEU A 80 7.43 8.47 5.65
C LEU A 80 6.74 9.69 4.99
N LEU A 81 5.39 9.70 5.04
CA LEU A 81 4.55 10.80 4.52
C LEU A 81 4.86 12.13 5.22
N GLN A 82 4.87 12.10 6.57
CA GLN A 82 5.04 13.30 7.39
C GLN A 82 6.52 13.80 7.33
N ASP A 83 7.45 12.85 7.20
CA ASP A 83 8.86 13.15 6.90
C ASP A 83 9.00 13.78 5.49
N ALA A 84 8.16 13.27 4.54
CA ALA A 84 8.10 13.75 3.14
C ALA A 84 7.54 15.18 3.05
N TYR A 85 6.55 15.50 3.91
CA TYR A 85 5.88 16.83 3.94
C TYR A 85 6.88 17.98 4.25
N GLU A 86 7.87 17.71 5.12
CA GLU A 86 8.89 18.70 5.48
C GLU A 86 10.12 18.62 4.53
N ARG A 87 9.95 17.93 3.39
CA ARG A 87 10.78 18.12 2.20
C ARG A 87 10.09 19.19 1.36
N SER A 88 10.82 20.26 1.02
CA SER A 88 10.26 21.50 0.44
C SER A 88 9.86 21.36 -1.05
N GLU A 89 10.00 20.12 -1.59
CA GLU A 89 9.68 19.77 -2.98
C GLU A 89 8.20 20.06 -3.32
N SER A 90 7.96 20.39 -4.60
CA SER A 90 6.73 21.04 -5.07
C SER A 90 5.49 20.12 -4.98
N LEU A 91 5.45 19.07 -5.81
CA LEU A 91 4.27 18.17 -5.94
C LEU A 91 4.60 16.73 -5.52
N GLU A 92 5.88 16.51 -5.17
CA GLU A 92 6.45 15.18 -4.87
C GLU A 92 5.91 14.63 -3.53
N VAL A 93 5.55 15.56 -2.63
CA VAL A 93 4.91 15.23 -1.34
C VAL A 93 3.45 14.75 -1.55
N ALA A 94 2.80 15.28 -2.61
CA ALA A 94 1.39 14.99 -2.93
C ALA A 94 1.22 13.59 -3.53
N PHE A 95 2.26 13.11 -4.24
CA PHE A 95 2.34 11.73 -4.75
C PHE A 95 2.19 10.74 -3.58
N VAL A 96 3.03 10.97 -2.55
CA VAL A 96 3.05 10.16 -1.33
C VAL A 96 1.67 10.19 -0.65
N THR A 97 1.06 11.41 -0.58
CA THR A 97 -0.29 11.62 -0.02
C THR A 97 -1.33 10.69 -0.69
N GLN A 98 -1.39 10.75 -2.03
CA GLN A 98 -2.34 9.96 -2.84
C GLN A 98 -2.16 8.45 -2.60
N LEU A 99 -0.89 8.00 -2.64
CA LEU A 99 -0.56 6.55 -2.56
C LEU A 99 -0.90 5.96 -1.16
N VAL A 100 -0.50 6.70 -0.10
CA VAL A 100 -0.74 6.31 1.31
C VAL A 100 -2.26 6.23 1.60
N LYS A 101 -2.98 7.32 1.26
CA LYS A 101 -4.45 7.38 1.42
C LYS A 101 -5.12 6.26 0.59
N LYS A 102 -4.55 5.95 -0.60
CA LYS A 102 -5.11 4.92 -1.48
C LYS A 102 -5.03 3.54 -0.82
N LEU A 103 -3.84 3.16 -0.28
CA LEU A 103 -3.68 1.89 0.47
C LEU A 103 -4.65 1.84 1.65
N LEU A 104 -4.80 2.99 2.33
CA LEU A 104 -5.72 3.15 3.45
C LEU A 104 -7.21 3.05 2.99
N ILE A 105 -7.50 3.32 1.70
CA ILE A 105 -8.84 3.04 1.07
C ILE A 105 -8.98 1.53 0.70
N ILE A 106 -7.91 0.96 0.10
CA ILE A 106 -7.88 -0.39 -0.51
C ILE A 106 -8.15 -1.48 0.55
N ILE A 107 -7.40 -1.41 1.65
CA ILE A 107 -7.41 -2.44 2.71
C ILE A 107 -8.56 -2.21 3.72
N SER A 108 -9.07 -0.95 3.76
CA SER A 108 -10.12 -0.56 4.71
C SER A 108 -11.45 -1.22 4.37
N ARG A 109 -12.19 -1.59 5.42
CA ARG A 109 -13.54 -2.14 5.32
C ARG A 109 -14.54 -1.12 5.94
N PRO A 110 -15.15 -0.18 5.13
CA PRO A 110 -16.23 0.69 5.62
C PRO A 110 -17.50 -0.12 5.96
N ALA A 111 -17.57 -0.53 7.25
CA ALA A 111 -18.69 -1.32 7.80
C ALA A 111 -19.99 -0.50 7.70
N ARG A 112 -20.96 -1.03 6.97
CA ARG A 112 -22.16 -0.31 6.54
C ARG A 112 -23.42 -1.17 6.78
N MET A 1 -19.07 -36.34 -4.50
CA MET A 1 -19.54 -36.67 -5.87
C MET A 1 -21.04 -36.31 -6.00
N GLY A 2 -21.43 -35.83 -7.20
CA GLY A 2 -22.84 -35.52 -7.47
C GLY A 2 -22.98 -34.40 -8.48
N HIS A 3 -23.68 -33.31 -8.08
CA HIS A 3 -23.99 -32.19 -8.98
C HIS A 3 -24.36 -30.91 -8.17
N HIS A 4 -23.46 -29.94 -8.22
CA HIS A 4 -23.73 -28.52 -7.86
C HIS A 4 -22.59 -27.66 -8.45
N HIS A 5 -21.86 -28.24 -9.42
CA HIS A 5 -20.71 -27.62 -10.06
C HIS A 5 -21.18 -26.77 -11.26
N HIS A 6 -21.56 -25.52 -10.97
CA HIS A 6 -21.77 -24.48 -12.00
C HIS A 6 -21.08 -23.21 -11.50
N HIS A 7 -20.53 -22.43 -12.45
CA HIS A 7 -19.54 -21.37 -12.19
C HIS A 7 -20.02 -20.35 -11.14
N HIS A 8 -19.17 -20.11 -10.12
CA HIS A 8 -19.43 -19.14 -9.04
C HIS A 8 -18.28 -18.13 -8.94
N SER A 9 -18.41 -17.01 -9.67
CA SER A 9 -17.60 -15.80 -9.37
C SER A 9 -18.35 -14.99 -8.32
N HIS A 10 -18.20 -15.40 -7.06
CA HIS A 10 -18.83 -14.74 -5.90
C HIS A 10 -17.72 -14.11 -5.05
N MET A 11 -17.83 -12.81 -4.80
CA MET A 11 -16.83 -12.04 -4.04
C MET A 11 -17.50 -11.46 -2.77
N PRO A 12 -17.65 -12.30 -1.69
CA PRO A 12 -18.42 -11.93 -0.49
C PRO A 12 -17.59 -11.19 0.60
N LYS A 13 -16.26 -11.08 0.37
CA LYS A 13 -15.32 -10.46 1.34
C LYS A 13 -14.46 -9.41 0.64
N ALA A 14 -13.63 -8.72 1.44
CA ALA A 14 -12.67 -7.71 0.95
C ALA A 14 -11.56 -8.35 0.10
N THR A 15 -11.05 -9.52 0.58
CA THR A 15 -9.74 -10.12 0.18
C THR A 15 -9.46 -10.11 -1.35
N ALA A 16 -10.42 -10.67 -2.13
CA ALA A 16 -10.31 -10.76 -3.60
C ALA A 16 -10.24 -9.35 -4.23
N GLN A 17 -11.25 -8.53 -3.90
CA GLN A 17 -11.43 -7.18 -4.45
C GLN A 17 -10.29 -6.25 -4.03
N MET A 18 -9.77 -6.49 -2.81
CA MET A 18 -8.70 -5.69 -2.18
C MET A 18 -7.37 -5.95 -2.91
N GLU A 19 -7.12 -7.24 -3.20
CA GLU A 19 -5.93 -7.70 -3.96
C GLU A 19 -5.95 -7.14 -5.40
N GLU A 20 -7.15 -7.18 -6.04
CA GLU A 20 -7.36 -6.62 -7.39
C GLU A 20 -7.12 -5.09 -7.43
N LYS A 21 -7.69 -4.38 -6.44
CA LYS A 21 -7.56 -2.92 -6.31
C LYS A 21 -6.10 -2.55 -6.04
N LEU A 22 -5.42 -3.35 -5.19
CA LEU A 22 -4.02 -3.12 -4.79
C LEU A 22 -3.12 -3.20 -6.05
N ARG A 23 -3.21 -4.35 -6.76
CA ARG A 23 -2.36 -4.61 -7.92
C ARG A 23 -2.59 -3.57 -9.02
N ASP A 24 -3.86 -3.30 -9.39
CA ASP A 24 -4.19 -2.43 -10.54
C ASP A 24 -4.06 -0.93 -10.20
N PHE A 25 -4.08 -0.60 -8.91
CA PHE A 25 -3.65 0.73 -8.41
C PHE A 25 -2.14 0.91 -8.67
N THR A 26 -1.35 -0.06 -8.20
CA THR A 26 0.10 0.00 -8.27
C THR A 26 0.64 -0.27 -9.71
N ARG A 27 -0.20 -0.88 -10.60
CA ARG A 27 0.16 -1.13 -12.04
C ARG A 27 0.53 0.18 -12.77
N ALA A 28 -0.08 1.29 -12.30
CA ALA A 28 0.16 2.65 -12.84
C ALA A 28 1.66 3.05 -12.77
N TYR A 29 2.39 2.46 -11.79
CA TYR A 29 3.82 2.68 -11.55
C TYR A 29 4.51 1.31 -11.32
N GLU A 30 4.50 0.83 -10.03
CA GLU A 30 5.13 -0.45 -9.53
C GLU A 30 6.66 -0.58 -9.87
N PRO A 31 7.48 -1.29 -9.02
CA PRO A 31 8.96 -1.14 -9.05
C PRO A 31 9.66 -2.05 -10.08
N ASP A 32 9.12 -2.09 -11.31
CA ASP A 32 9.78 -2.71 -12.47
C ASP A 32 10.67 -1.66 -13.16
N SER A 33 10.09 -0.49 -13.44
CA SER A 33 10.78 0.56 -14.20
C SER A 33 10.30 1.99 -13.86
N VAL A 34 9.54 2.17 -12.75
CA VAL A 34 9.18 3.51 -12.25
C VAL A 34 10.39 4.18 -11.56
N LEU A 35 10.49 5.51 -11.72
CA LEU A 35 11.60 6.30 -11.16
C LEU A 35 11.47 6.41 -9.61
N PRO A 36 12.62 6.48 -8.86
CA PRO A 36 12.62 6.37 -7.37
C PRO A 36 12.18 7.65 -6.63
N LEU A 37 12.11 8.79 -7.36
CA LEU A 37 12.00 10.17 -6.80
C LEU A 37 13.37 10.61 -6.24
N ALA A 38 14.15 11.26 -7.14
CA ALA A 38 15.46 11.88 -6.83
C ALA A 38 16.52 10.86 -6.33
N ASP A 39 16.78 10.84 -5.01
CA ASP A 39 17.87 10.09 -4.38
C ASP A 39 17.62 10.07 -2.86
N GLY A 40 18.16 9.03 -2.19
CA GLY A 40 18.17 8.95 -0.72
C GLY A 40 16.80 8.94 -0.06
N VAL A 41 16.33 10.12 0.41
CA VAL A 41 15.13 10.27 1.26
C VAL A 41 13.83 9.89 0.50
N LEU A 42 13.58 10.57 -0.62
CA LEU A 42 12.35 10.37 -1.42
C LEU A 42 12.36 9.00 -2.11
N SER A 43 13.57 8.52 -2.46
CA SER A 43 13.78 7.18 -3.01
C SER A 43 13.39 6.11 -1.97
N PHE A 44 13.79 6.38 -0.70
CA PHE A 44 13.47 5.54 0.47
C PHE A 44 11.96 5.45 0.65
N ILE A 45 11.30 6.61 0.72
CA ILE A 45 9.85 6.72 0.98
C ILE A 45 9.03 5.99 -0.13
N HIS A 46 9.32 6.31 -1.40
CA HIS A 46 8.71 5.62 -2.59
C HIS A 46 8.93 4.08 -2.47
N HIS A 47 10.17 3.69 -2.13
CA HIS A 47 10.59 2.28 -1.97
C HIS A 47 9.73 1.58 -0.91
N GLN A 48 9.51 2.25 0.23
CA GLN A 48 8.77 1.66 1.36
C GLN A 48 7.29 1.49 1.01
N ILE A 49 6.66 2.56 0.46
CA ILE A 49 5.22 2.55 0.06
C ILE A 49 4.96 1.41 -0.93
N ILE A 50 5.69 1.45 -2.06
CA ILE A 50 5.44 0.56 -3.20
C ILE A 50 5.84 -0.90 -2.86
N GLU A 51 7.01 -1.11 -2.21
CA GLU A 51 7.50 -2.48 -1.91
C GLU A 51 6.66 -3.14 -0.78
N LEU A 52 6.20 -2.33 0.21
CA LEU A 52 5.25 -2.85 1.24
C LEU A 52 3.85 -3.06 0.66
N ALA A 53 3.48 -2.30 -0.39
CA ALA A 53 2.23 -2.53 -1.14
C ALA A 53 2.27 -3.89 -1.84
N ARG A 54 3.37 -4.12 -2.58
CA ARG A 54 3.56 -5.35 -3.37
C ARG A 54 3.91 -6.56 -2.46
N ASP A 55 4.47 -6.26 -1.27
CA ASP A 55 4.70 -7.29 -0.22
C ASP A 55 3.36 -7.71 0.38
N CYS A 56 2.50 -6.72 0.66
CA CYS A 56 1.12 -6.95 1.14
C CYS A 56 0.31 -7.76 0.12
N LEU A 57 0.55 -7.45 -1.16
CA LEU A 57 -0.08 -8.14 -2.30
C LEU A 57 0.34 -9.62 -2.35
N THR A 58 1.67 -9.85 -2.23
CA THR A 58 2.27 -11.21 -2.22
C THR A 58 1.79 -12.02 -0.98
N LYS A 59 1.62 -11.34 0.16
CA LYS A 59 1.14 -11.96 1.40
C LYS A 59 -0.38 -12.24 1.33
N SER A 60 -1.12 -11.38 0.59
CA SER A 60 -2.57 -11.52 0.40
C SER A 60 -2.91 -12.70 -0.55
N ARG A 61 -1.92 -13.11 -1.38
CA ARG A 61 -2.05 -14.25 -2.31
C ARG A 61 -2.37 -15.54 -1.54
N ASP A 62 -1.62 -15.73 -0.45
CA ASP A 62 -1.78 -16.88 0.46
C ASP A 62 -2.71 -16.49 1.63
N GLY A 63 -2.85 -15.18 1.86
CA GLY A 63 -3.69 -14.62 2.93
C GLY A 63 -3.00 -14.56 4.29
N LEU A 64 -1.68 -14.84 4.33
CA LEU A 64 -0.93 -15.04 5.61
C LEU A 64 -0.36 -13.70 6.18
N ILE A 65 -1.15 -12.64 6.02
CA ILE A 65 -0.87 -11.31 6.62
C ILE A 65 -1.23 -11.36 8.12
N THR A 66 -0.20 -11.47 9.01
CA THR A 66 -0.43 -11.40 10.47
C THR A 66 -0.84 -9.97 10.85
N THR A 67 -1.76 -9.86 11.83
CA THR A 67 -2.55 -8.63 12.13
C THR A 67 -1.69 -7.33 12.23
N VAL A 68 -0.49 -7.47 12.81
CA VAL A 68 0.47 -6.35 13.05
C VAL A 68 0.73 -5.53 11.77
N TYR A 69 0.86 -6.26 10.66
CA TYR A 69 1.36 -5.74 9.38
C TYR A 69 0.46 -4.63 8.78
N PHE A 70 -0.85 -4.64 9.09
CA PHE A 70 -1.79 -3.57 8.63
C PHE A 70 -1.45 -2.23 9.33
N TYR A 71 -1.28 -2.31 10.66
CA TYR A 71 -0.95 -1.13 11.49
C TYR A 71 0.42 -0.59 11.11
N GLU A 72 1.37 -1.53 10.99
CA GLU A 72 2.77 -1.28 10.61
C GLU A 72 2.87 -0.64 9.22
N LEU A 73 2.00 -1.11 8.30
CA LEU A 73 1.87 -0.55 6.94
C LEU A 73 1.50 0.93 7.05
N GLN A 74 0.37 1.19 7.76
CA GLN A 74 -0.20 2.53 7.93
C GLN A 74 0.79 3.51 8.62
N GLU A 75 1.51 2.99 9.63
CA GLU A 75 2.56 3.74 10.38
C GLU A 75 3.64 4.22 9.41
N ASN A 76 4.19 3.26 8.63
CA ASN A 76 5.21 3.53 7.62
C ASN A 76 4.73 4.59 6.60
N LEU A 77 3.51 4.36 6.09
CA LEU A 77 2.88 5.19 5.04
C LEU A 77 2.79 6.67 5.46
N GLU A 78 2.09 6.94 6.59
CA GLU A 78 1.80 8.32 7.03
C GLU A 78 3.00 8.98 7.74
N LYS A 79 3.90 8.18 8.34
CA LYS A 79 5.15 8.73 8.91
C LYS A 79 6.02 9.29 7.77
N LEU A 80 6.21 8.48 6.73
CA LEU A 80 7.06 8.86 5.59
C LEU A 80 6.34 9.83 4.64
N LEU A 81 5.01 9.89 4.76
CA LEU A 81 4.20 11.01 4.24
C LEU A 81 4.67 12.32 4.89
N GLN A 82 4.77 12.28 6.22
CA GLN A 82 5.23 13.43 7.03
C GLN A 82 6.73 13.75 6.77
N ASP A 83 7.55 12.70 6.47
CA ASP A 83 8.96 12.87 6.07
C ASP A 83 9.05 13.54 4.67
N ALA A 84 8.14 13.14 3.75
CA ALA A 84 8.08 13.70 2.38
C ALA A 84 7.54 15.13 2.37
N TYR A 85 6.66 15.43 3.34
CA TYR A 85 6.12 16.79 3.57
C TYR A 85 7.25 17.75 4.00
N GLU A 86 8.25 17.19 4.70
CA GLU A 86 9.40 17.95 5.20
C GLU A 86 10.43 18.24 4.07
N ARG A 87 11.18 19.35 4.25
CA ARG A 87 12.33 19.76 3.39
C ARG A 87 11.89 20.32 2.02
N SER A 88 11.99 19.48 0.97
CA SER A 88 12.01 19.90 -0.44
C SER A 88 10.68 19.58 -1.18
N GLU A 89 9.58 19.63 -0.41
CA GLU A 89 8.18 19.52 -0.91
C GLU A 89 7.90 20.46 -2.13
N SER A 90 7.95 19.92 -3.35
CA SER A 90 7.65 20.66 -4.60
C SER A 90 6.44 20.02 -5.33
N LEU A 91 6.62 18.77 -5.79
CA LEU A 91 5.58 18.00 -6.51
C LEU A 91 5.48 16.57 -5.91
N GLU A 92 6.55 16.15 -5.22
CA GLU A 92 6.80 14.74 -4.86
C GLU A 92 5.79 14.24 -3.83
N VAL A 93 5.27 15.20 -3.02
CA VAL A 93 4.25 14.95 -1.99
C VAL A 93 2.92 14.46 -2.60
N ALA A 94 2.64 14.84 -3.87
CA ALA A 94 1.42 14.40 -4.60
C ALA A 94 1.38 12.87 -4.72
N PHE A 95 2.51 12.30 -5.22
CA PHE A 95 2.70 10.85 -5.32
C PHE A 95 2.43 10.20 -3.96
N VAL A 96 3.17 10.67 -2.95
CA VAL A 96 3.14 10.10 -1.58
C VAL A 96 1.72 10.17 -0.96
N THR A 97 1.01 11.31 -1.11
CA THR A 97 -0.32 11.52 -0.51
C THR A 97 -1.32 10.53 -1.11
N GLN A 98 -1.42 10.54 -2.46
CA GLN A 98 -2.40 9.69 -3.17
C GLN A 98 -2.11 8.20 -2.88
N LEU A 99 -0.81 7.86 -2.93
CA LEU A 99 -0.32 6.49 -2.72
C LEU A 99 -0.75 5.94 -1.35
N VAL A 100 -0.39 6.65 -0.28
CA VAL A 100 -0.59 6.16 1.09
C VAL A 100 -2.09 6.17 1.50
N LYS A 101 -2.86 7.20 1.06
CA LYS A 101 -4.32 7.31 1.37
C LYS A 101 -5.11 6.21 0.66
N LYS A 102 -4.91 6.11 -0.65
CA LYS A 102 -5.59 5.09 -1.48
C LYS A 102 -5.25 3.67 -1.02
N LEU A 103 -3.93 3.39 -0.84
CA LEU A 103 -3.43 2.06 -0.42
C LEU A 103 -4.02 1.65 0.94
N LEU A 104 -4.13 2.65 1.86
CA LEU A 104 -4.79 2.45 3.17
C LEU A 104 -6.25 2.04 2.97
N ILE A 105 -7.03 2.89 2.27
CA ILE A 105 -8.48 2.66 2.00
C ILE A 105 -8.76 1.28 1.31
N ILE A 106 -7.80 0.83 0.48
CA ILE A 106 -7.83 -0.51 -0.17
C ILE A 106 -7.82 -1.63 0.90
N ILE A 107 -6.76 -1.67 1.73
CA ILE A 107 -6.56 -2.74 2.74
C ILE A 107 -7.40 -2.53 4.03
N SER A 108 -8.11 -1.39 4.10
CA SER A 108 -8.94 -1.03 5.26
C SER A 108 -10.39 -1.56 5.14
N ARG A 109 -11.15 -1.34 6.21
CA ARG A 109 -12.58 -1.66 6.33
C ARG A 109 -13.33 -0.39 6.78
N PRO A 110 -14.69 -0.38 6.74
CA PRO A 110 -15.48 0.58 7.55
C PRO A 110 -15.19 0.38 9.06
N ALA A 111 -15.22 -0.90 9.45
CA ALA A 111 -14.95 -1.41 10.81
C ALA A 111 -15.23 -2.91 10.76
N ARG A 112 -16.36 -3.22 10.11
CA ARG A 112 -16.85 -4.58 9.86
C ARG A 112 -16.21 -5.09 8.53
N MET A 1 2.22 -19.64 -0.27
CA MET A 1 2.52 -21.08 -0.07
C MET A 1 1.42 -21.75 0.77
N GLY A 2 1.39 -23.10 0.74
CA GLY A 2 0.55 -23.89 1.65
C GLY A 2 -0.83 -24.22 1.10
N HIS A 3 -0.94 -25.34 0.37
CA HIS A 3 -2.23 -25.93 0.02
C HIS A 3 -2.49 -27.11 0.97
N HIS A 4 -3.46 -26.90 1.87
CA HIS A 4 -3.78 -27.87 2.94
C HIS A 4 -5.31 -27.84 3.19
N HIS A 5 -5.82 -26.61 3.30
CA HIS A 5 -7.26 -26.31 3.46
C HIS A 5 -7.61 -25.21 2.46
N HIS A 6 -8.67 -25.41 1.66
CA HIS A 6 -9.17 -24.38 0.74
C HIS A 6 -10.71 -24.36 0.70
N HIS A 7 -11.23 -23.25 0.16
CA HIS A 7 -12.66 -23.04 -0.09
C HIS A 7 -12.80 -22.00 -1.21
N HIS A 8 -14.02 -21.55 -1.52
CA HIS A 8 -14.27 -20.47 -2.49
C HIS A 8 -15.09 -19.35 -1.84
N SER A 9 -14.43 -18.21 -1.60
CA SER A 9 -15.05 -17.03 -0.98
C SER A 9 -15.91 -16.27 -2.02
N HIS A 10 -17.14 -15.92 -1.64
CA HIS A 10 -18.05 -15.09 -2.48
C HIS A 10 -18.48 -13.84 -1.67
N MET A 11 -18.46 -13.98 -0.34
CA MET A 11 -18.46 -12.85 0.62
C MET A 11 -17.03 -12.69 1.20
N PRO A 12 -16.12 -11.92 0.54
CA PRO A 12 -14.75 -11.70 1.02
C PRO A 12 -14.63 -10.43 1.90
N LYS A 13 -13.75 -10.47 2.91
CA LYS A 13 -13.43 -9.31 3.75
C LYS A 13 -12.42 -8.43 3.02
N ALA A 14 -12.97 -7.64 2.07
CA ALA A 14 -12.23 -6.68 1.21
C ALA A 14 -11.31 -7.38 0.18
N THR A 15 -11.04 -8.69 0.38
CA THR A 15 -9.84 -9.38 -0.14
C THR A 15 -9.66 -9.26 -1.67
N ALA A 16 -10.69 -9.64 -2.46
CA ALA A 16 -10.58 -9.71 -3.94
C ALA A 16 -10.39 -8.31 -4.57
N GLN A 17 -11.23 -7.36 -4.10
CA GLN A 17 -11.17 -5.95 -4.54
C GLN A 17 -9.84 -5.34 -4.11
N MET A 18 -9.43 -5.60 -2.85
CA MET A 18 -8.18 -5.08 -2.26
C MET A 18 -6.96 -5.62 -3.04
N GLU A 19 -7.07 -6.89 -3.46
CA GLU A 19 -6.01 -7.64 -4.17
C GLU A 19 -5.75 -6.96 -5.52
N GLU A 20 -6.84 -6.84 -6.29
CA GLU A 20 -6.82 -6.27 -7.64
C GLU A 20 -6.70 -4.73 -7.63
N LYS A 21 -7.08 -4.05 -6.51
CA LYS A 21 -6.88 -2.59 -6.32
C LYS A 21 -5.42 -2.31 -6.00
N LEU A 22 -4.81 -3.22 -5.22
CA LEU A 22 -3.39 -3.16 -4.86
C LEU A 22 -2.54 -3.32 -6.14
N ARG A 23 -2.99 -4.22 -7.02
CA ARG A 23 -2.42 -4.38 -8.36
C ARG A 23 -2.75 -3.19 -9.29
N ASP A 24 -3.98 -2.68 -9.20
CA ASP A 24 -4.45 -1.47 -9.96
C ASP A 24 -3.61 -0.23 -9.59
N PHE A 25 -3.13 -0.27 -8.35
CA PHE A 25 -2.23 0.72 -7.76
C PHE A 25 -0.80 0.52 -8.29
N THR A 26 -0.21 -0.64 -7.95
CA THR A 26 1.21 -0.97 -8.20
C THR A 26 1.53 -1.03 -9.70
N ARG A 27 0.77 -1.87 -10.44
CA ARG A 27 1.03 -2.22 -11.87
C ARG A 27 1.04 -1.00 -12.82
N ALA A 28 0.34 0.08 -12.43
CA ALA A 28 0.29 1.33 -13.21
C ALA A 28 1.70 1.99 -13.32
N TYR A 29 2.53 1.75 -12.29
CA TYR A 29 3.95 2.17 -12.22
C TYR A 29 4.82 1.00 -11.68
N GLU A 30 5.99 1.32 -11.08
CA GLU A 30 6.95 0.33 -10.55
C GLU A 30 7.91 1.00 -9.52
N PRO A 31 8.63 0.22 -8.62
CA PRO A 31 9.21 0.77 -7.33
C PRO A 31 10.37 1.79 -7.48
N ASP A 32 10.85 2.04 -8.72
CA ASP A 32 11.96 2.99 -8.96
C ASP A 32 11.47 4.31 -9.56
N SER A 33 12.42 5.21 -9.86
CA SER A 33 12.16 6.59 -10.32
C SER A 33 11.26 6.66 -11.58
N VAL A 34 9.92 6.68 -11.36
CA VAL A 34 8.92 6.94 -12.42
C VAL A 34 8.87 8.45 -12.70
N LEU A 35 8.85 9.23 -11.61
CA LEU A 35 8.89 10.71 -11.65
C LEU A 35 10.26 11.19 -11.13
N PRO A 36 10.71 12.43 -11.49
CA PRO A 36 11.91 13.05 -10.91
C PRO A 36 11.59 13.71 -9.55
N LEU A 37 11.30 12.84 -8.56
CA LEU A 37 10.97 13.25 -7.17
C LEU A 37 12.23 13.72 -6.43
N ALA A 38 12.04 14.20 -5.19
CA ALA A 38 13.17 14.57 -4.32
C ALA A 38 14.00 13.33 -3.97
N ASP A 39 15.28 13.32 -4.41
CA ASP A 39 16.20 12.18 -4.24
C ASP A 39 16.41 11.83 -2.76
N GLY A 40 16.84 10.59 -2.51
CA GLY A 40 16.96 10.07 -1.16
C GLY A 40 15.60 9.76 -0.57
N VAL A 41 14.92 10.80 -0.04
CA VAL A 41 13.67 10.65 0.71
C VAL A 41 12.53 10.01 -0.14
N LEU A 42 12.08 10.70 -1.21
CA LEU A 42 10.84 10.30 -1.92
C LEU A 42 11.08 9.11 -2.85
N SER A 43 12.35 8.91 -3.24
CA SER A 43 12.77 7.75 -4.03
C SER A 43 12.66 6.47 -3.17
N PHE A 44 13.20 6.57 -1.93
CA PHE A 44 13.12 5.49 -0.91
C PHE A 44 11.66 5.23 -0.51
N ILE A 45 10.85 6.31 -0.40
CA ILE A 45 9.42 6.19 -0.07
C ILE A 45 8.63 5.48 -1.19
N HIS A 46 8.87 5.89 -2.46
CA HIS A 46 8.23 5.28 -3.65
C HIS A 46 8.52 3.76 -3.64
N HIS A 47 9.82 3.46 -3.41
CA HIS A 47 10.32 2.11 -3.15
C HIS A 47 9.45 1.40 -2.09
N GLN A 48 9.34 1.99 -0.87
CA GLN A 48 8.59 1.39 0.25
C GLN A 48 7.10 1.17 -0.08
N ILE A 49 6.47 2.15 -0.76
CA ILE A 49 5.02 2.15 -1.02
C ILE A 49 4.66 0.98 -1.97
N ILE A 50 5.34 0.93 -3.12
CA ILE A 50 5.05 -0.08 -4.16
C ILE A 50 5.51 -1.49 -3.66
N GLU A 51 6.69 -1.54 -3.03
CA GLU A 51 7.31 -2.78 -2.52
C GLU A 51 6.46 -3.40 -1.39
N LEU A 52 5.96 -2.55 -0.47
CA LEU A 52 5.18 -3.00 0.71
C LEU A 52 3.73 -3.28 0.34
N ALA A 53 3.23 -2.63 -0.73
CA ALA A 53 1.98 -3.04 -1.36
C ALA A 53 2.12 -4.51 -1.81
N ARG A 54 3.16 -4.75 -2.62
CA ARG A 54 3.48 -6.09 -3.15
C ARG A 54 3.87 -7.11 -2.04
N ASP A 55 4.51 -6.61 -0.97
CA ASP A 55 5.02 -7.46 0.13
C ASP A 55 3.85 -7.94 1.01
N CYS A 56 2.95 -6.98 1.33
CA CYS A 56 1.68 -7.27 2.00
C CYS A 56 0.87 -8.27 1.17
N LEU A 57 0.84 -8.04 -0.16
CA LEU A 57 0.10 -8.90 -1.10
C LEU A 57 0.66 -10.32 -1.14
N THR A 58 2.01 -10.44 -1.13
CA THR A 58 2.72 -11.73 -1.12
C THR A 58 2.30 -12.54 0.13
N LYS A 59 2.53 -11.94 1.29
CA LYS A 59 2.22 -12.56 2.61
C LYS A 59 0.71 -12.77 2.82
N SER A 60 -0.12 -11.98 2.12
CA SER A 60 -1.59 -12.17 2.10
C SER A 60 -1.95 -13.49 1.38
N ARG A 61 -1.29 -13.73 0.24
CA ARG A 61 -1.53 -14.91 -0.63
C ARG A 61 -0.77 -16.16 -0.11
N ASP A 62 -0.07 -16.00 1.03
CA ASP A 62 0.44 -17.15 1.83
C ASP A 62 -0.56 -17.51 2.94
N GLY A 63 -1.30 -16.48 3.43
CA GLY A 63 -2.06 -16.59 4.69
C GLY A 63 -1.15 -16.36 5.89
N LEU A 64 -0.07 -15.63 5.64
CA LEU A 64 1.01 -15.35 6.61
C LEU A 64 0.68 -14.08 7.43
N ILE A 65 -0.09 -13.14 6.82
CA ILE A 65 -0.54 -11.90 7.49
C ILE A 65 -1.36 -12.22 8.75
N THR A 66 -0.93 -11.67 9.88
CA THR A 66 -1.66 -11.73 11.15
C THR A 66 -1.96 -10.25 11.60
N THR A 67 -2.49 -10.08 12.83
CA THR A 67 -3.12 -8.82 13.30
C THR A 67 -2.25 -7.53 13.09
N VAL A 68 -0.93 -7.63 13.34
CA VAL A 68 -0.01 -6.46 13.39
C VAL A 68 0.14 -5.75 12.01
N TYR A 69 0.01 -6.51 10.92
CA TYR A 69 0.58 -6.14 9.61
C TYR A 69 0.00 -4.83 9.04
N PHE A 70 -1.34 -4.68 9.04
CA PHE A 70 -1.98 -3.46 8.48
C PHE A 70 -1.79 -2.24 9.40
N TYR A 71 -1.57 -2.48 10.72
CA TYR A 71 -1.16 -1.42 11.66
C TYR A 71 0.24 -0.91 11.28
N GLU A 72 1.12 -1.87 10.93
CA GLU A 72 2.51 -1.58 10.51
C GLU A 72 2.49 -0.76 9.21
N LEU A 73 1.63 -1.16 8.26
CA LEU A 73 1.47 -0.44 6.97
C LEU A 73 0.98 1.01 7.20
N GLN A 74 -0.04 1.18 8.06
CA GLN A 74 -0.54 2.53 8.44
C GLN A 74 0.58 3.38 9.07
N GLU A 75 1.34 2.75 9.98
CA GLU A 75 2.43 3.37 10.75
C GLU A 75 3.54 3.88 9.79
N ASN A 76 4.03 2.95 8.97
CA ASN A 76 5.15 3.17 8.06
C ASN A 76 4.78 4.24 7.02
N LEU A 77 3.61 4.08 6.35
CA LEU A 77 3.14 4.99 5.29
C LEU A 77 2.86 6.39 5.85
N GLU A 78 2.36 6.47 7.10
CA GLU A 78 2.11 7.78 7.76
C GLU A 78 3.43 8.47 8.10
N LYS A 79 4.44 7.67 8.49
CA LYS A 79 5.81 8.17 8.73
C LYS A 79 6.42 8.72 7.42
N LEU A 80 6.19 7.98 6.31
CA LEU A 80 6.65 8.37 4.95
C LEU A 80 5.93 9.63 4.47
N LEU A 81 4.66 9.73 4.86
CA LEU A 81 3.79 10.90 4.62
C LEU A 81 4.36 12.14 5.36
N GLN A 82 4.86 11.91 6.58
CA GLN A 82 5.58 12.93 7.36
C GLN A 82 6.95 13.25 6.73
N ASP A 83 7.58 12.25 6.08
CA ASP A 83 8.86 12.44 5.35
C ASP A 83 8.64 13.25 4.07
N ALA A 84 7.42 13.14 3.50
CA ALA A 84 6.99 13.95 2.34
C ALA A 84 6.71 15.39 2.77
N TYR A 85 6.07 15.54 3.95
CA TYR A 85 5.81 16.86 4.58
C TYR A 85 7.13 17.54 5.01
N GLU A 86 8.17 16.72 5.24
CA GLU A 86 9.54 17.21 5.43
C GLU A 86 10.19 17.50 4.06
N ARG A 87 11.47 17.91 4.10
CA ARG A 87 12.20 18.41 2.93
C ARG A 87 11.55 19.74 2.45
N SER A 88 10.54 19.65 1.55
CA SER A 88 9.92 20.84 0.90
C SER A 88 8.60 20.44 0.21
N GLU A 89 7.73 21.44 -0.02
CA GLU A 89 6.54 21.29 -0.88
C GLU A 89 6.59 22.29 -2.04
N SER A 90 6.44 21.76 -3.25
CA SER A 90 6.14 22.53 -4.48
C SER A 90 5.10 21.71 -5.27
N LEU A 91 5.38 20.40 -5.36
CA LEU A 91 4.44 19.37 -5.86
C LEU A 91 4.69 18.05 -5.11
N GLU A 92 5.91 17.91 -4.56
CA GLU A 92 6.54 16.63 -4.20
C GLU A 92 5.76 15.86 -3.11
N VAL A 93 5.14 16.62 -2.18
CA VAL A 93 4.30 16.06 -1.09
C VAL A 93 3.11 15.25 -1.66
N ALA A 94 2.53 15.77 -2.75
CA ALA A 94 1.28 15.26 -3.34
C ALA A 94 1.34 13.76 -3.66
N PHE A 95 2.45 13.32 -4.31
CA PHE A 95 2.64 11.91 -4.73
C PHE A 95 2.50 10.95 -3.53
N VAL A 96 3.39 11.13 -2.55
CA VAL A 96 3.48 10.25 -1.38
C VAL A 96 2.16 10.25 -0.58
N THR A 97 1.70 11.46 -0.21
CA THR A 97 0.47 11.66 0.57
C THR A 97 -0.74 10.98 -0.10
N GLN A 98 -0.85 11.16 -1.43
CA GLN A 98 -1.93 10.59 -2.25
C GLN A 98 -1.88 9.07 -2.24
N LEU A 99 -0.66 8.50 -2.42
CA LEU A 99 -0.46 7.04 -2.46
C LEU A 99 -0.67 6.38 -1.08
N VAL A 100 -0.40 7.14 0.00
CA VAL A 100 -0.73 6.70 1.37
C VAL A 100 -2.26 6.62 1.52
N LYS A 101 -2.95 7.71 1.12
CA LYS A 101 -4.44 7.79 1.12
C LYS A 101 -5.07 6.67 0.28
N LYS A 102 -4.47 6.43 -0.90
CA LYS A 102 -5.03 5.54 -1.92
C LYS A 102 -4.84 4.07 -1.50
N LEU A 103 -3.62 3.74 -1.04
CA LEU A 103 -3.30 2.40 -0.51
C LEU A 103 -4.04 2.16 0.82
N LEU A 104 -4.40 3.25 1.54
CA LEU A 104 -5.25 3.17 2.74
C LEU A 104 -6.70 2.76 2.33
N ILE A 105 -7.21 3.39 1.24
CA ILE A 105 -8.54 3.06 0.67
C ILE A 105 -8.57 1.58 0.17
N ILE A 106 -7.43 1.13 -0.38
CA ILE A 106 -7.26 -0.27 -0.80
C ILE A 106 -7.37 -1.22 0.42
N ILE A 107 -6.48 -1.02 1.42
CA ILE A 107 -6.38 -1.90 2.62
C ILE A 107 -7.39 -1.47 3.71
N SER A 108 -8.48 -0.77 3.29
CA SER A 108 -9.58 -0.32 4.17
C SER A 108 -10.08 -1.47 5.06
N ARG A 109 -9.74 -1.36 6.36
CA ARG A 109 -10.09 -2.32 7.43
C ARG A 109 -11.52 -2.92 7.27
N PRO A 110 -11.61 -4.27 7.02
CA PRO A 110 -12.91 -4.96 6.80
C PRO A 110 -13.68 -5.14 8.12
N ALA A 111 -15.01 -5.06 8.04
CA ALA A 111 -15.88 -5.14 9.22
C ALA A 111 -16.41 -6.58 9.43
N ARG A 112 -17.11 -6.77 10.55
CA ARG A 112 -17.71 -8.05 10.95
C ARG A 112 -19.02 -8.30 10.15
N MET A 1 -18.10 -24.58 27.23
CA MET A 1 -17.28 -25.71 26.73
C MET A 1 -15.99 -25.19 26.04
N GLY A 2 -14.85 -25.36 26.75
CA GLY A 2 -13.49 -25.29 26.18
C GLY A 2 -13.16 -24.06 25.32
N HIS A 3 -13.45 -22.85 25.85
CA HIS A 3 -12.97 -21.57 25.26
C HIS A 3 -13.49 -21.38 23.79
N HIS A 4 -14.74 -21.80 23.55
CA HIS A 4 -15.34 -21.80 22.20
C HIS A 4 -15.54 -20.34 21.69
N HIS A 5 -14.59 -19.90 20.85
CA HIS A 5 -14.59 -18.55 20.26
C HIS A 5 -15.74 -18.40 19.24
N HIS A 6 -16.68 -17.51 19.55
CA HIS A 6 -17.84 -17.21 18.68
C HIS A 6 -17.36 -16.52 17.39
N HIS A 7 -17.77 -17.09 16.25
CA HIS A 7 -17.40 -16.59 14.91
C HIS A 7 -18.65 -16.58 14.00
N HIS A 8 -18.84 -15.46 13.29
CA HIS A 8 -19.91 -15.29 12.31
C HIS A 8 -19.40 -14.31 11.24
N SER A 9 -19.26 -14.79 10.00
CA SER A 9 -18.74 -13.99 8.89
C SER A 9 -19.78 -13.98 7.74
N HIS A 10 -20.35 -12.78 7.47
CA HIS A 10 -21.40 -12.56 6.45
C HIS A 10 -20.76 -12.41 5.02
N MET A 11 -19.81 -13.32 4.73
CA MET A 11 -18.88 -13.23 3.59
C MET A 11 -18.24 -11.82 3.49
N PRO A 12 -17.28 -11.48 4.43
CA PRO A 12 -16.55 -10.22 4.39
C PRO A 12 -15.50 -10.29 3.27
N LYS A 13 -15.97 -9.94 2.06
CA LYS A 13 -15.20 -9.99 0.81
C LYS A 13 -14.29 -8.74 0.67
N ALA A 14 -13.43 -8.58 1.69
CA ALA A 14 -12.37 -7.57 1.71
C ALA A 14 -11.25 -8.01 0.76
N THR A 15 -10.69 -9.20 1.06
CA THR A 15 -9.46 -9.73 0.43
C THR A 15 -9.47 -9.66 -1.11
N ALA A 16 -10.60 -10.08 -1.74
CA ALA A 16 -10.73 -10.12 -3.21
C ALA A 16 -10.49 -8.75 -3.87
N GLN A 17 -11.35 -7.76 -3.55
CA GLN A 17 -11.34 -6.44 -4.20
C GLN A 17 -10.24 -5.52 -3.58
N MET A 18 -9.77 -5.89 -2.37
CA MET A 18 -8.60 -5.23 -1.72
C MET A 18 -7.36 -5.53 -2.57
N GLU A 19 -7.11 -6.83 -2.76
CA GLU A 19 -5.96 -7.37 -3.53
C GLU A 19 -6.04 -6.96 -5.01
N GLU A 20 -7.28 -6.84 -5.53
CA GLU A 20 -7.53 -6.43 -6.92
C GLU A 20 -7.26 -4.92 -7.11
N LYS A 21 -7.66 -4.12 -6.11
CA LYS A 21 -7.38 -2.65 -6.08
C LYS A 21 -5.90 -2.39 -5.69
N LEU A 22 -5.30 -3.38 -5.02
CA LEU A 22 -3.86 -3.39 -4.67
C LEU A 22 -3.05 -3.63 -5.96
N ARG A 23 -3.58 -4.53 -6.81
CA ARG A 23 -3.05 -4.76 -8.16
C ARG A 23 -3.20 -3.49 -9.01
N ASP A 24 -4.37 -2.85 -8.92
CA ASP A 24 -4.67 -1.57 -9.61
C ASP A 24 -3.66 -0.47 -9.18
N PHE A 25 -3.34 -0.47 -7.87
CA PHE A 25 -2.35 0.45 -7.25
C PHE A 25 -0.94 0.20 -7.81
N THR A 26 -0.45 -1.03 -7.61
CA THR A 26 0.93 -1.42 -7.88
C THR A 26 1.24 -1.49 -9.40
N ARG A 27 0.22 -1.78 -10.22
CA ARG A 27 0.40 -2.03 -11.68
C ARG A 27 0.90 -0.77 -12.44
N ALA A 28 0.47 0.40 -11.95
CA ALA A 28 0.74 1.71 -12.58
C ALA A 28 2.25 2.04 -12.62
N TYR A 29 3.01 1.54 -11.62
CA TYR A 29 4.44 1.83 -11.46
C TYR A 29 5.23 0.60 -10.94
N GLU A 30 6.55 0.75 -10.89
CA GLU A 30 7.50 -0.26 -10.41
C GLU A 30 8.46 0.46 -9.43
N PRO A 31 9.38 -0.26 -8.68
CA PRO A 31 10.36 0.43 -7.78
C PRO A 31 11.29 1.35 -8.57
N ASP A 32 11.58 0.92 -9.81
CA ASP A 32 12.46 1.61 -10.77
C ASP A 32 11.68 2.59 -11.68
N SER A 33 10.35 2.70 -11.50
CA SER A 33 9.47 3.51 -12.40
C SER A 33 8.94 4.78 -11.69
N VAL A 34 8.15 5.59 -12.44
CA VAL A 34 7.90 7.02 -12.16
C VAL A 34 9.28 7.74 -12.16
N LEU A 35 9.85 7.90 -10.96
CA LEU A 35 11.23 8.34 -10.72
C LEU A 35 11.69 7.64 -9.42
N PRO A 36 12.97 7.84 -8.97
CA PRO A 36 13.31 7.82 -7.52
C PRO A 36 12.81 9.14 -6.86
N LEU A 37 11.51 9.46 -7.15
CA LEU A 37 10.83 10.78 -7.00
C LEU A 37 11.77 12.00 -6.96
N ALA A 38 12.36 12.25 -5.78
CA ALA A 38 13.40 13.26 -5.55
C ALA A 38 14.55 12.60 -4.79
N ASP A 39 15.78 13.05 -5.06
CA ASP A 39 17.00 12.36 -4.61
C ASP A 39 17.09 12.29 -3.08
N GLY A 40 17.10 11.04 -2.56
CA GLY A 40 17.25 10.80 -1.13
C GLY A 40 15.96 10.34 -0.46
N VAL A 41 15.30 11.26 0.25
CA VAL A 41 14.18 10.95 1.15
C VAL A 41 12.89 10.53 0.38
N LEU A 42 12.55 11.23 -0.72
CA LEU A 42 11.36 10.86 -1.57
C LEU A 42 11.62 9.52 -2.29
N SER A 43 12.89 9.27 -2.65
CA SER A 43 13.32 7.98 -3.26
C SER A 43 13.09 6.81 -2.27
N PHE A 44 13.50 7.05 -1.01
CA PHE A 44 13.27 6.12 0.12
C PHE A 44 11.78 5.80 0.20
N ILE A 45 10.96 6.86 0.36
CA ILE A 45 9.48 6.78 0.45
C ILE A 45 8.88 5.87 -0.65
N HIS A 46 9.18 6.19 -1.93
CA HIS A 46 8.65 5.45 -3.11
C HIS A 46 9.02 3.98 -3.07
N HIS A 47 10.33 3.71 -2.91
CA HIS A 47 10.88 2.34 -2.95
C HIS A 47 10.26 1.48 -1.83
N GLN A 48 10.14 2.08 -0.62
CA GLN A 48 9.54 1.42 0.59
C GLN A 48 8.07 1.05 0.34
N ILE A 49 7.31 2.04 -0.17
CA ILE A 49 5.88 1.89 -0.52
C ILE A 49 5.69 0.72 -1.52
N ILE A 50 6.62 0.61 -2.48
CA ILE A 50 6.60 -0.47 -3.48
C ILE A 50 6.92 -1.85 -2.83
N GLU A 51 7.92 -1.89 -1.92
CA GLU A 51 8.31 -3.14 -1.22
C GLU A 51 7.11 -3.70 -0.45
N LEU A 52 6.42 -2.80 0.27
CA LEU A 52 5.26 -3.14 1.10
C LEU A 52 4.00 -3.45 0.25
N ALA A 53 3.83 -2.76 -0.89
CA ALA A 53 2.68 -3.01 -1.80
C ALA A 53 2.77 -4.43 -2.40
N ARG A 54 3.93 -4.74 -2.99
CA ARG A 54 4.21 -6.06 -3.57
C ARG A 54 4.21 -7.16 -2.49
N ASP A 55 4.72 -6.81 -1.28
CA ASP A 55 4.69 -7.70 -0.09
C ASP A 55 3.24 -8.05 0.28
N CYS A 56 2.39 -7.02 0.40
CA CYS A 56 0.97 -7.17 0.79
C CYS A 56 0.22 -8.06 -0.21
N LEU A 57 0.46 -7.77 -1.50
CA LEU A 57 -0.14 -8.47 -2.63
C LEU A 57 0.25 -9.97 -2.65
N THR A 58 1.55 -10.24 -2.46
CA THR A 58 2.09 -11.61 -2.45
C THR A 58 1.65 -12.38 -1.19
N LYS A 59 1.55 -11.65 -0.06
CA LYS A 59 1.27 -12.22 1.28
C LYS A 59 -0.24 -12.50 1.47
N SER A 60 -1.08 -11.78 0.70
CA SER A 60 -2.55 -11.99 0.65
C SER A 60 -2.91 -13.43 0.16
N ARG A 61 -1.95 -14.10 -0.50
CA ARG A 61 -2.05 -15.49 -1.02
C ARG A 61 -2.59 -16.49 0.02
N ASP A 62 -1.91 -16.51 1.18
CA ASP A 62 -2.01 -17.60 2.18
C ASP A 62 -3.38 -17.68 2.86
N GLY A 63 -4.19 -16.59 2.77
CA GLY A 63 -5.39 -16.46 3.58
C GLY A 63 -5.05 -16.25 5.06
N LEU A 64 -3.81 -15.79 5.28
CA LEU A 64 -3.24 -15.57 6.62
C LEU A 64 -3.25 -14.04 6.87
N ILE A 65 -2.18 -13.34 6.39
CA ILE A 65 -1.84 -11.94 6.75
C ILE A 65 -1.89 -11.73 8.29
N THR A 66 -0.70 -11.56 8.90
CA THR A 66 -0.57 -11.25 10.32
C THR A 66 -1.35 -9.96 10.65
N THR A 67 -2.07 -9.96 11.79
CA THR A 67 -2.96 -8.85 12.19
C THR A 67 -2.19 -7.51 12.24
N VAL A 68 -0.88 -7.58 12.58
CA VAL A 68 0.03 -6.42 12.67
C VAL A 68 0.05 -5.61 11.36
N TYR A 69 0.03 -6.33 10.21
CA TYR A 69 0.44 -5.78 8.91
C TYR A 69 -0.31 -4.50 8.50
N PHE A 70 -1.66 -4.51 8.51
CA PHE A 70 -2.47 -3.35 8.04
C PHE A 70 -2.06 -2.06 8.79
N TYR A 71 -1.72 -2.25 10.08
CA TYR A 71 -1.36 -1.17 11.01
C TYR A 71 0.10 -0.73 10.77
N GLU A 72 0.99 -1.74 10.59
CA GLU A 72 2.43 -1.53 10.25
C GLU A 72 2.55 -0.69 8.97
N LEU A 73 1.85 -1.16 7.93
CA LEU A 73 1.78 -0.54 6.60
C LEU A 73 1.26 0.91 6.72
N GLN A 74 0.10 1.07 7.39
CA GLN A 74 -0.54 2.40 7.59
C GLN A 74 0.43 3.43 8.25
N GLU A 75 1.01 3.02 9.38
CA GLU A 75 1.87 3.88 10.22
C GLU A 75 3.21 4.17 9.51
N ASN A 76 3.68 3.21 8.70
CA ASN A 76 4.87 3.40 7.84
C ASN A 76 4.54 4.39 6.70
N LEU A 77 3.33 4.23 6.10
CA LEU A 77 2.85 5.10 5.00
C LEU A 77 2.82 6.55 5.49
N GLU A 78 2.24 6.75 6.69
CA GLU A 78 2.06 8.08 7.27
C GLU A 78 3.36 8.63 7.90
N LYS A 79 4.30 7.73 8.26
CA LYS A 79 5.71 8.12 8.54
C LYS A 79 6.33 8.77 7.29
N LEU A 80 6.18 8.09 6.14
CA LEU A 80 6.71 8.54 4.84
C LEU A 80 5.92 9.76 4.32
N LEU A 81 4.66 9.84 4.74
CA LEU A 81 3.79 11.01 4.48
C LEU A 81 4.37 12.22 5.20
N GLN A 82 4.79 11.98 6.46
CA GLN A 82 5.44 13.01 7.28
C GLN A 82 6.85 13.33 6.78
N ASP A 83 7.55 12.37 6.12
CA ASP A 83 8.86 12.68 5.47
C ASP A 83 8.66 13.59 4.24
N ALA A 84 7.54 13.39 3.54
CA ALA A 84 7.10 14.28 2.45
C ALA A 84 6.63 15.65 3.00
N TYR A 85 5.96 15.64 4.16
CA TYR A 85 5.44 16.87 4.79
C TYR A 85 6.53 17.63 5.59
N GLU A 86 7.63 16.93 5.93
CA GLU A 86 8.76 17.50 6.70
C GLU A 86 9.90 17.82 5.72
N ARG A 87 10.19 19.14 5.56
CA ARG A 87 11.29 19.68 4.73
C ARG A 87 10.99 19.63 3.21
N SER A 88 10.49 18.50 2.70
CA SER A 88 10.18 18.31 1.27
C SER A 88 9.02 19.22 0.82
N GLU A 89 9.36 20.37 0.22
CA GLU A 89 8.39 21.41 -0.22
C GLU A 89 7.78 21.05 -1.60
N SER A 90 8.54 20.28 -2.38
CA SER A 90 8.33 20.07 -3.81
C SER A 90 7.10 19.20 -4.18
N LEU A 91 6.92 18.98 -5.50
CA LEU A 91 5.67 18.49 -6.12
C LEU A 91 5.38 17.00 -5.77
N GLU A 92 6.44 16.25 -5.43
CA GLU A 92 6.38 14.78 -5.24
C GLU A 92 5.51 14.40 -4.04
N VAL A 93 5.27 15.37 -3.13
CA VAL A 93 4.44 15.19 -1.93
C VAL A 93 2.97 14.88 -2.30
N ALA A 94 2.54 15.31 -3.50
CA ALA A 94 1.20 14.99 -4.05
C ALA A 94 1.08 13.49 -4.33
N PHE A 95 2.12 12.92 -4.96
CA PHE A 95 2.19 11.49 -5.31
C PHE A 95 2.30 10.64 -4.02
N VAL A 96 3.03 11.14 -3.01
CA VAL A 96 3.17 10.48 -1.69
C VAL A 96 1.84 10.50 -0.95
N THR A 97 1.22 11.70 -0.85
CA THR A 97 -0.10 11.89 -0.19
C THR A 97 -1.15 10.98 -0.83
N GLN A 98 -1.07 10.86 -2.16
CA GLN A 98 -1.93 9.99 -2.95
C GLN A 98 -1.74 8.52 -2.53
N LEU A 99 -0.49 8.03 -2.60
CA LEU A 99 -0.14 6.60 -2.30
C LEU A 99 -0.48 6.19 -0.86
N VAL A 100 -0.26 7.11 0.08
CA VAL A 100 -0.61 6.92 1.49
C VAL A 100 -2.13 6.75 1.61
N LYS A 101 -2.86 7.72 1.04
CA LYS A 101 -4.34 7.79 1.08
C LYS A 101 -4.96 6.57 0.35
N LYS A 102 -4.33 6.19 -0.77
CA LYS A 102 -4.80 5.09 -1.65
C LYS A 102 -4.69 3.79 -0.91
N LEU A 103 -3.45 3.46 -0.50
CA LEU A 103 -3.14 2.16 0.08
C LEU A 103 -3.82 2.01 1.45
N LEU A 104 -3.98 3.14 2.18
CA LEU A 104 -4.78 3.18 3.44
C LEU A 104 -6.27 2.81 3.17
N ILE A 105 -6.88 3.40 2.10
CA ILE A 105 -8.26 3.07 1.63
C ILE A 105 -8.38 1.57 1.21
N ILE A 106 -7.33 1.06 0.57
CA ILE A 106 -7.27 -0.32 0.02
C ILE A 106 -7.28 -1.34 1.18
N ILE A 107 -6.30 -1.23 2.10
CA ILE A 107 -6.10 -2.20 3.20
C ILE A 107 -6.87 -1.78 4.49
N SER A 108 -7.81 -0.81 4.37
CA SER A 108 -8.58 -0.24 5.50
C SER A 108 -9.34 -1.34 6.28
N ARG A 109 -8.69 -1.86 7.34
CA ARG A 109 -9.13 -3.09 8.04
C ARG A 109 -8.59 -3.16 9.48
N PRO A 110 -9.23 -2.46 10.45
CA PRO A 110 -9.28 -2.92 11.84
C PRO A 110 -10.56 -3.77 12.13
N ALA A 111 -11.59 -3.65 11.26
CA ALA A 111 -12.94 -4.14 11.56
C ALA A 111 -13.77 -4.49 10.29
N ARG A 112 -13.66 -5.75 9.84
CA ARG A 112 -14.66 -6.42 8.95
C ARG A 112 -14.57 -7.94 9.26
N MET A 1 9.63 -23.03 -0.38
CA MET A 1 8.99 -22.82 0.93
C MET A 1 7.46 -22.68 0.78
N GLY A 2 7.00 -22.05 -0.32
CA GLY A 2 5.59 -21.76 -0.54
C GLY A 2 4.79 -22.99 -0.90
N HIS A 3 3.93 -23.45 0.03
CA HIS A 3 3.05 -24.60 -0.18
C HIS A 3 1.83 -24.15 -1.03
N HIS A 4 1.15 -25.13 -1.67
CA HIS A 4 0.24 -24.88 -2.81
C HIS A 4 -1.00 -24.04 -2.40
N HIS A 5 -0.92 -22.73 -2.64
CA HIS A 5 -2.09 -21.82 -2.55
C HIS A 5 -2.76 -21.69 -3.93
N HIS A 6 -4.05 -21.35 -3.94
CA HIS A 6 -4.87 -21.27 -5.16
C HIS A 6 -5.94 -20.19 -5.02
N HIS A 7 -6.16 -19.41 -6.10
CA HIS A 7 -7.34 -18.55 -6.25
C HIS A 7 -7.41 -17.94 -7.66
N HIS A 8 -8.65 -17.67 -8.11
CA HIS A 8 -8.95 -16.64 -9.11
C HIS A 8 -10.16 -15.87 -8.57
N SER A 9 -11.36 -16.48 -8.73
CA SER A 9 -12.62 -15.91 -8.22
C SER A 9 -12.90 -16.45 -6.80
N HIS A 10 -12.14 -15.91 -5.84
CA HIS A 10 -12.40 -16.09 -4.41
C HIS A 10 -12.96 -14.78 -3.85
N MET A 11 -13.62 -14.84 -2.69
CA MET A 11 -14.04 -13.67 -1.92
C MET A 11 -14.53 -14.14 -0.53
N PRO A 12 -13.59 -14.31 0.45
CA PRO A 12 -13.96 -14.53 1.86
C PRO A 12 -14.69 -13.26 2.38
N LYS A 13 -13.93 -12.14 2.42
CA LYS A 13 -14.48 -10.76 2.53
C LYS A 13 -13.50 -9.78 1.84
N ALA A 14 -12.28 -9.69 2.40
CA ALA A 14 -11.29 -8.63 2.09
C ALA A 14 -10.37 -9.00 0.92
N THR A 15 -9.59 -10.09 1.10
CA THR A 15 -8.36 -10.40 0.31
C THR A 15 -8.51 -10.22 -1.23
N ALA A 16 -9.68 -10.62 -1.75
CA ALA A 16 -9.95 -10.61 -3.21
C ALA A 16 -9.99 -9.18 -3.79
N GLN A 17 -10.95 -8.38 -3.33
CA GLN A 17 -11.19 -7.02 -3.84
C GLN A 17 -10.01 -6.12 -3.44
N MET A 18 -9.49 -6.33 -2.23
CA MET A 18 -8.30 -5.63 -1.73
C MET A 18 -7.11 -5.84 -2.69
N GLU A 19 -6.91 -7.12 -3.13
CA GLU A 19 -5.88 -7.48 -4.13
C GLU A 19 -6.07 -6.70 -5.44
N GLU A 20 -7.32 -6.69 -5.94
CA GLU A 20 -7.65 -6.02 -7.23
C GLU A 20 -7.33 -4.50 -7.20
N LYS A 21 -7.70 -3.86 -6.07
CA LYS A 21 -7.42 -2.43 -5.83
C LYS A 21 -5.90 -2.18 -5.81
N LEU A 22 -5.18 -3.05 -5.09
CA LEU A 22 -3.70 -3.00 -4.98
C LEU A 22 -3.05 -3.16 -6.37
N ARG A 23 -3.67 -4.00 -7.22
CA ARG A 23 -3.20 -4.25 -8.59
C ARG A 23 -3.28 -3.00 -9.43
N ASP A 24 -4.49 -2.44 -9.64
CA ASP A 24 -4.65 -1.24 -10.51
C ASP A 24 -3.95 0.01 -9.93
N PHE A 25 -3.69 -0.02 -8.60
CA PHE A 25 -2.82 0.95 -7.89
C PHE A 25 -1.36 0.86 -8.41
N THR A 26 -0.75 -0.33 -8.26
CA THR A 26 0.69 -0.55 -8.57
C THR A 26 0.94 -0.66 -10.10
N ARG A 27 -0.08 -1.09 -10.87
CA ARG A 27 0.06 -1.49 -12.29
C ARG A 27 0.07 -0.28 -13.25
N ALA A 28 -0.39 0.89 -12.76
CA ALA A 28 -0.28 2.19 -13.49
C ALA A 28 1.19 2.48 -13.87
N TYR A 29 2.08 1.91 -13.04
CA TYR A 29 3.55 1.91 -13.19
C TYR A 29 4.01 0.50 -12.71
N GLU A 30 5.20 0.42 -12.03
CA GLU A 30 5.54 -0.65 -11.04
C GLU A 30 6.97 -0.34 -10.39
N PRO A 31 7.83 -1.31 -9.81
CA PRO A 31 8.64 -1.02 -8.59
C PRO A 31 9.55 0.25 -8.63
N ASP A 32 10.30 0.42 -9.72
CA ASP A 32 11.48 1.32 -9.75
C ASP A 32 11.14 2.78 -10.04
N SER A 33 10.68 3.06 -11.27
CA SER A 33 10.56 4.44 -11.79
C SER A 33 9.11 4.78 -12.16
N VAL A 34 8.66 5.96 -11.68
CA VAL A 34 7.36 6.56 -12.03
C VAL A 34 7.64 8.02 -12.45
N LEU A 35 8.03 8.84 -11.45
CA LEU A 35 8.47 10.23 -11.62
C LEU A 35 9.84 10.37 -10.95
N PRO A 36 10.85 11.03 -11.61
CA PRO A 36 12.13 11.42 -10.95
C PRO A 36 11.94 12.25 -9.67
N LEU A 37 11.79 11.56 -8.52
CA LEU A 37 11.79 12.20 -7.19
C LEU A 37 13.27 12.42 -6.82
N ALA A 38 13.85 13.49 -7.39
CA ALA A 38 15.33 13.69 -7.48
C ALA A 38 15.92 14.31 -6.19
N ASP A 39 15.27 14.05 -5.06
CA ASP A 39 15.64 14.53 -3.74
C ASP A 39 16.58 13.53 -3.03
N GLY A 40 16.07 12.30 -2.85
CA GLY A 40 16.75 11.27 -2.07
C GLY A 40 15.79 10.55 -1.16
N VAL A 41 15.34 11.24 -0.07
CA VAL A 41 14.38 10.67 0.89
C VAL A 41 13.04 10.34 0.20
N LEU A 42 12.59 11.24 -0.70
CA LEU A 42 11.29 11.09 -1.40
C LEU A 42 11.25 9.81 -2.28
N SER A 43 12.38 9.52 -2.95
CA SER A 43 12.54 8.32 -3.80
C SER A 43 12.63 7.04 -2.93
N PHE A 44 13.25 7.17 -1.76
CA PHE A 44 13.30 6.12 -0.73
C PHE A 44 11.89 5.82 -0.21
N ILE A 45 11.08 6.87 -0.01
CA ILE A 45 9.68 6.77 0.44
C ILE A 45 8.85 6.02 -0.61
N HIS A 46 9.05 6.38 -1.89
CA HIS A 46 8.47 5.65 -3.05
C HIS A 46 8.81 4.15 -2.99
N HIS A 47 10.10 3.86 -2.76
CA HIS A 47 10.60 2.47 -2.65
C HIS A 47 9.87 1.72 -1.52
N GLN A 48 9.79 2.33 -0.34
CA GLN A 48 9.17 1.71 0.86
C GLN A 48 7.68 1.41 0.61
N ILE A 49 6.98 2.41 0.04
CA ILE A 49 5.55 2.31 -0.31
C ILE A 49 5.28 1.14 -1.27
N ILE A 50 5.95 1.13 -2.44
CA ILE A 50 5.69 0.13 -3.50
C ILE A 50 6.16 -1.28 -3.08
N GLU A 51 7.31 -1.33 -2.39
CA GLU A 51 7.87 -2.59 -1.87
C GLU A 51 6.91 -3.24 -0.88
N LEU A 52 6.44 -2.44 0.10
CA LEU A 52 5.55 -2.93 1.17
C LEU A 52 4.09 -3.06 0.70
N ALA A 53 3.74 -2.42 -0.44
CA ALA A 53 2.44 -2.61 -1.12
C ALA A 53 2.40 -4.00 -1.78
N ARG A 54 3.46 -4.30 -2.52
CA ARG A 54 3.67 -5.60 -3.20
C ARG A 54 3.88 -6.71 -2.14
N ASP A 55 4.54 -6.33 -1.04
CA ASP A 55 4.84 -7.23 0.08
C ASP A 55 3.55 -7.55 0.84
N CYS A 56 2.66 -6.52 0.94
CA CYS A 56 1.29 -6.70 1.44
C CYS A 56 0.52 -7.67 0.53
N LEU A 57 0.66 -7.46 -0.79
CA LEU A 57 0.02 -8.26 -1.84
C LEU A 57 0.41 -9.76 -1.74
N THR A 58 1.70 -10.01 -1.46
CA THR A 58 2.27 -11.36 -1.36
C THR A 58 1.82 -12.05 -0.05
N LYS A 59 1.93 -11.31 1.08
CA LYS A 59 1.58 -11.81 2.42
C LYS A 59 0.05 -11.98 2.60
N SER A 60 -0.75 -11.23 1.79
CA SER A 60 -2.23 -11.31 1.78
C SER A 60 -2.71 -12.61 1.10
N ARG A 61 -1.84 -13.17 0.24
CA ARG A 61 -2.02 -14.51 -0.36
C ARG A 61 -1.56 -15.63 0.61
N ASP A 62 -1.39 -15.27 1.89
CA ASP A 62 -0.98 -16.18 2.97
C ASP A 62 -1.72 -15.77 4.25
N GLY A 63 -1.49 -16.52 5.34
CA GLY A 63 -1.94 -16.14 6.68
C GLY A 63 -0.92 -15.27 7.42
N LEU A 64 0.09 -14.79 6.68
CA LEU A 64 1.18 -13.94 7.22
C LEU A 64 0.61 -12.56 7.59
N ILE A 65 -0.27 -11.98 6.75
CA ILE A 65 -1.07 -10.82 7.16
C ILE A 65 -2.20 -11.28 8.10
N THR A 66 -1.92 -11.18 9.38
CA THR A 66 -2.93 -11.16 10.43
C THR A 66 -3.26 -9.66 10.76
N THR A 67 -3.93 -9.42 11.90
CA THR A 67 -4.37 -8.06 12.31
C THR A 67 -3.20 -7.03 12.31
N VAL A 68 -2.03 -7.47 12.77
CA VAL A 68 -0.88 -6.58 13.03
C VAL A 68 -0.35 -5.89 11.74
N TYR A 69 -0.26 -6.63 10.62
CA TYR A 69 0.43 -6.13 9.40
C TYR A 69 -0.29 -4.90 8.80
N PHE A 70 -1.63 -4.91 8.77
CA PHE A 70 -2.42 -3.79 8.20
C PHE A 70 -2.10 -2.45 8.91
N TYR A 71 -2.07 -2.50 10.26
CA TYR A 71 -1.77 -1.31 11.10
C TYR A 71 -0.28 -0.95 11.05
N GLU A 72 0.58 -1.98 10.92
CA GLU A 72 2.04 -1.80 10.75
C GLU A 72 2.31 -1.00 9.47
N LEU A 73 1.71 -1.45 8.36
CA LEU A 73 1.83 -0.85 7.02
C LEU A 73 1.24 0.57 7.03
N GLN A 74 0.07 0.73 7.66
CA GLN A 74 -0.67 2.03 7.78
C GLN A 74 0.22 3.12 8.45
N GLU A 75 0.66 2.81 9.68
CA GLU A 75 1.48 3.72 10.50
C GLU A 75 2.87 3.95 9.86
N ASN A 76 3.37 2.90 9.17
CA ASN A 76 4.57 2.99 8.32
C ASN A 76 4.35 4.05 7.23
N LEU A 77 3.18 3.99 6.56
CA LEU A 77 2.83 4.91 5.46
C LEU A 77 2.78 6.35 5.96
N GLU A 78 2.29 6.56 7.20
CA GLU A 78 2.26 7.89 7.84
C GLU A 78 3.68 8.41 8.19
N LYS A 79 4.57 7.51 8.65
CA LYS A 79 6.01 7.83 8.87
C LYS A 79 6.64 8.33 7.54
N LEU A 80 6.39 7.56 6.47
CA LEU A 80 6.86 7.87 5.11
C LEU A 80 6.26 9.19 4.60
N LEU A 81 4.96 9.35 4.89
CA LEU A 81 4.12 10.50 4.51
C LEU A 81 4.68 11.80 5.11
N GLN A 82 5.07 11.69 6.39
CA GLN A 82 5.51 12.83 7.20
C GLN A 82 6.94 13.25 6.82
N ASP A 83 7.84 12.26 6.62
CA ASP A 83 9.22 12.51 6.11
C ASP A 83 9.20 13.04 4.67
N ALA A 84 8.17 12.65 3.89
CA ALA A 84 7.97 13.16 2.52
C ALA A 84 7.24 14.53 2.48
N TYR A 85 6.45 14.81 3.53
CA TYR A 85 5.82 16.16 3.73
C TYR A 85 6.88 17.20 4.12
N GLU A 86 8.05 16.72 4.58
CA GLU A 86 9.22 17.57 4.80
C GLU A 86 9.80 17.98 3.43
N ARG A 87 10.37 19.21 3.38
CA ARG A 87 11.03 19.80 2.18
C ARG A 87 10.01 20.29 1.13
N SER A 88 9.29 19.34 0.54
CA SER A 88 8.49 19.51 -0.68
C SER A 88 9.34 20.15 -1.81
N GLU A 89 10.09 19.27 -2.55
CA GLU A 89 10.86 19.66 -3.76
C GLU A 89 9.96 20.49 -4.69
N SER A 90 8.75 19.94 -4.93
CA SER A 90 7.56 20.70 -5.36
C SER A 90 6.33 19.78 -5.40
N LEU A 91 6.25 18.92 -6.43
CA LEU A 91 5.03 18.15 -6.78
C LEU A 91 5.09 16.72 -6.18
N GLU A 92 6.20 16.42 -5.52
CA GLU A 92 6.56 15.06 -5.07
C GLU A 92 5.73 14.63 -3.84
N VAL A 93 5.23 15.62 -3.06
CA VAL A 93 4.31 15.33 -1.94
C VAL A 93 2.96 14.83 -2.45
N ALA A 94 2.57 15.25 -3.68
CA ALA A 94 1.31 14.80 -4.33
C ALA A 94 1.37 13.30 -4.64
N PHE A 95 2.53 12.84 -5.13
CA PHE A 95 2.80 11.43 -5.38
C PHE A 95 2.62 10.62 -4.08
N VAL A 96 3.30 11.05 -3.01
CA VAL A 96 3.32 10.32 -1.73
C VAL A 96 1.94 10.37 -1.04
N THR A 97 1.24 11.51 -1.13
CA THR A 97 -0.11 11.66 -0.56
C THR A 97 -1.09 10.71 -1.25
N GLN A 98 -0.99 10.65 -2.60
CA GLN A 98 -1.77 9.70 -3.41
C GLN A 98 -1.53 8.27 -2.93
N LEU A 99 -0.25 7.85 -2.98
CA LEU A 99 0.19 6.46 -2.72
C LEU A 99 -0.20 5.97 -1.31
N VAL A 100 0.08 6.81 -0.30
CA VAL A 100 -0.27 6.53 1.11
C VAL A 100 -1.80 6.42 1.29
N LYS A 101 -2.53 7.44 0.80
CA LYS A 101 -4.00 7.54 1.00
C LYS A 101 -4.75 6.44 0.26
N LYS A 102 -4.24 6.07 -0.93
CA LYS A 102 -4.85 5.03 -1.78
C LYS A 102 -4.60 3.65 -1.16
N LEU A 103 -3.34 3.37 -0.77
CA LEU A 103 -2.98 2.08 -0.14
C LEU A 103 -3.71 1.91 1.22
N LEU A 104 -3.98 3.04 1.88
CA LEU A 104 -4.84 3.11 3.07
C LEU A 104 -6.27 2.67 2.71
N ILE A 105 -6.85 3.33 1.69
CA ILE A 105 -8.23 3.06 1.20
C ILE A 105 -8.36 1.62 0.58
N ILE A 106 -7.24 1.04 0.12
CA ILE A 106 -7.17 -0.34 -0.43
C ILE A 106 -7.46 -1.36 0.69
N ILE A 107 -6.64 -1.27 1.76
CA ILE A 107 -6.73 -2.17 2.92
C ILE A 107 -7.92 -1.77 3.82
N SER A 108 -8.58 -0.64 3.50
CA SER A 108 -9.82 -0.20 4.14
C SER A 108 -11.06 -0.51 3.27
N ARG A 109 -12.21 -0.24 3.87
CA ARG A 109 -13.55 -0.40 3.26
C ARG A 109 -13.86 0.73 2.24
N PRO A 110 -14.80 0.49 1.28
CA PRO A 110 -15.49 1.56 0.54
C PRO A 110 -16.90 1.86 1.15
N ALA A 111 -17.11 1.35 2.41
CA ALA A 111 -18.40 1.42 3.15
C ALA A 111 -19.49 0.55 2.50
N ARG A 112 -20.08 -0.38 3.28
CA ARG A 112 -21.15 -1.29 2.82
C ARG A 112 -22.33 -1.24 3.83
N MET A 1 -20.85 -36.50 -13.22
CA MET A 1 -20.14 -36.26 -14.49
C MET A 1 -20.30 -34.82 -14.95
N GLY A 2 -19.33 -34.36 -15.77
CA GLY A 2 -19.37 -33.04 -16.40
C GLY A 2 -18.37 -32.06 -15.80
N HIS A 3 -18.10 -30.99 -16.53
CA HIS A 3 -17.30 -29.85 -16.04
C HIS A 3 -18.19 -28.86 -15.26
N HIS A 4 -19.49 -28.78 -15.66
CA HIS A 4 -20.49 -27.85 -15.09
C HIS A 4 -20.12 -26.36 -15.38
N HIS A 5 -21.06 -25.44 -15.14
CA HIS A 5 -20.81 -23.99 -15.36
C HIS A 5 -21.85 -23.11 -14.63
N HIS A 6 -21.34 -22.28 -13.70
CA HIS A 6 -22.06 -21.12 -13.14
C HIS A 6 -21.00 -20.17 -12.54
N HIS A 7 -21.02 -18.90 -12.95
CA HIS A 7 -19.95 -17.92 -12.69
C HIS A 7 -20.37 -16.84 -11.69
N HIS A 8 -19.37 -16.30 -10.96
CA HIS A 8 -19.46 -15.03 -10.20
C HIS A 8 -20.55 -15.06 -9.08
N SER A 9 -20.96 -16.29 -8.69
CA SER A 9 -22.07 -16.53 -7.76
C SER A 9 -21.63 -16.25 -6.30
N HIS A 10 -20.42 -16.75 -5.94
CA HIS A 10 -19.81 -16.49 -4.62
C HIS A 10 -18.29 -16.38 -4.78
N MET A 11 -17.74 -15.24 -4.34
CA MET A 11 -16.30 -14.98 -4.32
C MET A 11 -15.91 -14.38 -2.95
N PRO A 12 -14.66 -14.62 -2.45
CA PRO A 12 -14.18 -14.02 -1.19
C PRO A 12 -14.09 -12.49 -1.29
N LYS A 13 -15.18 -11.80 -0.91
CA LYS A 13 -15.22 -10.33 -0.86
C LYS A 13 -14.27 -9.81 0.24
N ALA A 14 -14.02 -8.50 0.22
CA ALA A 14 -12.99 -7.85 1.06
C ALA A 14 -11.58 -8.27 0.58
N THR A 15 -11.17 -9.53 0.82
CA THR A 15 -9.81 -10.01 0.54
C THR A 15 -9.44 -9.91 -0.97
N ALA A 16 -10.22 -10.62 -1.84
CA ALA A 16 -9.95 -10.68 -3.30
C ALA A 16 -10.26 -9.34 -4.00
N GLN A 17 -11.23 -8.59 -3.44
CA GLN A 17 -11.66 -7.28 -3.98
C GLN A 17 -10.52 -6.26 -3.76
N MET A 18 -10.11 -6.15 -2.49
CA MET A 18 -8.99 -5.31 -2.03
C MET A 18 -7.67 -5.71 -2.70
N GLU A 19 -7.51 -7.04 -2.95
CA GLU A 19 -6.37 -7.58 -3.69
C GLU A 19 -6.34 -6.98 -5.09
N GLU A 20 -7.47 -7.09 -5.82
CA GLU A 20 -7.59 -6.60 -7.22
C GLU A 20 -7.37 -5.08 -7.30
N LYS A 21 -7.86 -4.37 -6.28
CA LYS A 21 -7.63 -2.93 -6.10
C LYS A 21 -6.12 -2.64 -5.93
N LEU A 22 -5.47 -3.43 -5.07
CA LEU A 22 -4.04 -3.29 -4.75
C LEU A 22 -3.18 -3.66 -5.99
N ARG A 23 -3.69 -4.62 -6.79
CA ARG A 23 -3.06 -5.05 -8.04
C ARG A 23 -3.03 -3.87 -8.99
N ASP A 24 -4.24 -3.32 -9.28
CA ASP A 24 -4.43 -2.15 -10.18
C ASP A 24 -3.68 -0.91 -9.66
N PHE A 25 -3.56 -0.82 -8.32
CA PHE A 25 -2.84 0.27 -7.65
C PHE A 25 -1.35 0.24 -8.03
N THR A 26 -0.62 -0.78 -7.57
CA THR A 26 0.86 -0.79 -7.65
C THR A 26 1.35 -1.21 -9.07
N ARG A 27 0.43 -1.76 -9.86
CA ARG A 27 0.55 -1.97 -11.32
C ARG A 27 1.07 -0.71 -12.05
N ALA A 28 0.45 0.44 -11.69
CA ALA A 28 0.63 1.71 -12.40
C ALA A 28 2.03 2.33 -12.18
N TYR A 29 2.64 2.06 -11.02
CA TYR A 29 3.91 2.73 -10.61
C TYR A 29 4.80 1.78 -9.79
N GLU A 30 6.11 1.98 -9.97
CA GLU A 30 7.18 1.24 -9.29
C GLU A 30 8.46 2.12 -9.31
N PRO A 31 9.59 1.75 -8.61
CA PRO A 31 10.87 2.53 -8.67
C PRO A 31 11.44 2.65 -10.10
N ASP A 32 11.10 1.65 -10.94
CA ASP A 32 11.64 1.49 -12.30
C ASP A 32 10.85 2.32 -13.32
N SER A 33 9.50 2.20 -13.26
CA SER A 33 8.58 2.85 -14.21
C SER A 33 8.57 4.36 -13.99
N VAL A 34 8.19 4.79 -12.77
CA VAL A 34 8.28 6.19 -12.35
C VAL A 34 9.57 6.36 -11.52
N LEU A 35 10.41 7.29 -11.96
CA LEU A 35 11.78 7.49 -11.45
C LEU A 35 11.76 8.15 -10.01
N PRO A 36 12.94 8.43 -9.33
CA PRO A 36 13.09 8.24 -7.85
C PRO A 36 12.39 9.28 -6.95
N LEU A 37 11.82 10.36 -7.56
CA LEU A 37 11.38 11.60 -6.85
C LEU A 37 12.64 12.37 -6.34
N ALA A 38 12.43 13.35 -5.43
CA ALA A 38 13.55 14.21 -4.93
C ALA A 38 14.61 13.41 -4.11
N ASP A 39 15.75 14.07 -3.91
CA ASP A 39 16.99 13.47 -3.38
C ASP A 39 16.82 12.88 -1.96
N GLY A 40 17.41 11.70 -1.76
CA GLY A 40 17.51 11.06 -0.45
C GLY A 40 16.20 10.50 0.07
N VAL A 41 15.41 11.37 0.73
CA VAL A 41 14.24 10.97 1.51
C VAL A 41 13.14 10.34 0.63
N LEU A 42 12.79 11.00 -0.49
CA LEU A 42 11.65 10.58 -1.34
C LEU A 42 11.98 9.37 -2.20
N SER A 43 13.27 9.15 -2.50
CA SER A 43 13.74 7.94 -3.20
C SER A 43 13.59 6.71 -2.31
N PHE A 44 13.99 6.91 -1.04
CA PHE A 44 13.92 5.91 0.02
C PHE A 44 12.45 5.53 0.31
N ILE A 45 11.59 6.58 0.39
CA ILE A 45 10.14 6.44 0.61
C ILE A 45 9.47 5.75 -0.59
N HIS A 46 9.87 6.16 -1.82
CA HIS A 46 9.35 5.59 -3.09
C HIS A 46 9.54 4.07 -3.09
N HIS A 47 10.79 3.69 -2.72
CA HIS A 47 11.21 2.29 -2.55
C HIS A 47 10.26 1.60 -1.55
N GLN A 48 10.16 2.17 -0.32
CA GLN A 48 9.38 1.57 0.78
C GLN A 48 7.88 1.42 0.44
N ILE A 49 7.29 2.41 -0.26
CA ILE A 49 5.87 2.40 -0.61
C ILE A 49 5.60 1.25 -1.58
N ILE A 50 6.32 1.25 -2.73
CA ILE A 50 6.08 0.23 -3.77
C ILE A 50 6.46 -1.18 -3.27
N GLU A 51 7.53 -1.23 -2.46
CA GLU A 51 8.04 -2.48 -1.86
C GLU A 51 6.97 -3.13 -1.00
N LEU A 52 6.49 -2.35 0.00
CA LEU A 52 5.54 -2.84 1.00
C LEU A 52 4.11 -2.92 0.45
N ALA A 53 3.82 -2.22 -0.67
CA ALA A 53 2.52 -2.33 -1.35
C ALA A 53 2.42 -3.65 -2.09
N ARG A 54 3.45 -3.98 -2.91
CA ARG A 54 3.50 -5.26 -3.65
C ARG A 54 3.76 -6.44 -2.70
N ASP A 55 4.47 -6.17 -1.59
CA ASP A 55 4.69 -7.14 -0.50
C ASP A 55 3.34 -7.47 0.16
N CYS A 56 2.59 -6.41 0.55
CA CYS A 56 1.24 -6.54 1.13
C CYS A 56 0.28 -7.25 0.18
N LEU A 57 0.42 -6.95 -1.13
CA LEU A 57 -0.38 -7.55 -2.19
C LEU A 57 -0.17 -9.06 -2.22
N THR A 58 1.08 -9.48 -2.39
CA THR A 58 1.44 -10.91 -2.49
C THR A 58 1.10 -11.65 -1.18
N LYS A 59 1.18 -10.92 -0.03
CA LYS A 59 0.71 -11.45 1.26
C LYS A 59 -0.81 -11.68 1.25
N SER A 60 -1.56 -10.74 0.62
CA SER A 60 -3.04 -10.77 0.57
C SER A 60 -3.57 -11.86 -0.39
N ARG A 61 -2.72 -12.29 -1.35
CA ARG A 61 -3.09 -13.34 -2.35
C ARG A 61 -2.86 -14.76 -1.79
N ASP A 62 -2.77 -14.87 -0.47
CA ASP A 62 -2.35 -16.10 0.22
C ASP A 62 -3.00 -16.13 1.61
N GLY A 63 -2.86 -15.00 2.32
CA GLY A 63 -3.43 -14.81 3.65
C GLY A 63 -2.48 -15.15 4.78
N LEU A 64 -1.15 -15.04 4.52
CA LEU A 64 -0.11 -15.26 5.57
C LEU A 64 0.17 -13.95 6.34
N ILE A 65 -0.70 -12.94 6.18
CA ILE A 65 -0.55 -11.62 6.82
C ILE A 65 -0.75 -11.74 8.33
N THR A 66 0.34 -11.55 9.11
CA THR A 66 0.23 -11.30 10.55
C THR A 66 -0.49 -9.95 10.73
N THR A 67 -1.53 -9.91 11.59
CA THR A 67 -2.42 -8.74 11.72
C THR A 67 -1.64 -7.44 12.07
N VAL A 68 -0.53 -7.60 12.81
CA VAL A 68 0.36 -6.49 13.19
C VAL A 68 1.01 -5.82 11.95
N TYR A 69 1.13 -6.56 10.82
CA TYR A 69 1.66 -6.00 9.56
C TYR A 69 0.74 -4.90 9.00
N PHE A 70 -0.58 -4.98 9.25
CA PHE A 70 -1.51 -3.87 8.88
C PHE A 70 -1.08 -2.56 9.57
N TYR A 71 -0.78 -2.70 10.88
CA TYR A 71 -0.29 -1.60 11.72
C TYR A 71 1.05 -1.07 11.18
N GLU A 72 2.01 -2.00 10.96
CA GLU A 72 3.35 -1.67 10.45
C GLU A 72 3.27 -0.91 9.12
N LEU A 73 2.48 -1.46 8.19
CA LEU A 73 2.33 -0.94 6.83
C LEU A 73 1.75 0.47 6.85
N GLN A 74 0.55 0.62 7.44
CA GLN A 74 -0.19 1.89 7.44
C GLN A 74 0.58 2.99 8.20
N GLU A 75 1.18 2.62 9.35
CA GLU A 75 1.94 3.58 10.21
C GLU A 75 3.28 3.97 9.58
N ASN A 76 3.93 3.03 8.85
CA ASN A 76 5.18 3.30 8.11
C ASN A 76 4.88 4.34 7.03
N LEU A 77 3.90 4.01 6.17
CA LEU A 77 3.49 4.86 5.05
C LEU A 77 2.95 6.22 5.54
N GLU A 78 2.28 6.22 6.71
CA GLU A 78 1.74 7.42 7.37
C GLU A 78 2.90 8.35 7.78
N LYS A 79 3.91 7.77 8.44
CA LYS A 79 5.10 8.50 8.91
C LYS A 79 5.94 9.02 7.73
N LEU A 80 5.94 8.25 6.61
CA LEU A 80 6.67 8.62 5.38
C LEU A 80 5.91 9.68 4.56
N LEU A 81 4.58 9.65 4.64
CA LEU A 81 3.71 10.66 3.99
C LEU A 81 3.85 11.99 4.74
N GLN A 82 3.98 11.87 6.07
CA GLN A 82 4.18 13.02 6.95
C GLN A 82 5.60 13.58 6.78
N ASP A 83 6.57 12.67 6.53
CA ASP A 83 7.96 13.04 6.18
C ASP A 83 8.01 13.70 4.79
N ALA A 84 7.12 13.23 3.88
CA ALA A 84 7.00 13.80 2.52
C ALA A 84 6.40 15.21 2.56
N TYR A 85 5.52 15.46 3.55
CA TYR A 85 4.96 16.79 3.82
C TYR A 85 6.04 17.82 4.26
N GLU A 86 7.09 17.34 4.97
CA GLU A 86 8.09 18.23 5.61
C GLU A 86 9.49 18.08 5.02
N ARG A 87 10.17 19.24 4.87
CA ARG A 87 11.50 19.37 4.20
C ARG A 87 11.43 18.82 2.74
N SER A 88 10.21 18.81 2.23
CA SER A 88 9.86 18.31 0.92
C SER A 88 8.53 18.96 0.55
N GLU A 89 8.58 19.89 -0.40
CA GLU A 89 7.42 20.65 -0.89
C GLU A 89 7.64 20.89 -2.38
N SER A 90 7.99 19.79 -3.05
CA SER A 90 8.58 19.79 -4.40
C SER A 90 7.59 19.28 -5.46
N LEU A 91 6.30 19.11 -5.08
CA LEU A 91 5.22 18.47 -5.91
C LEU A 91 5.34 16.92 -5.85
N GLU A 92 6.58 16.39 -5.76
CA GLU A 92 6.84 14.94 -5.56
C GLU A 92 6.21 14.41 -4.23
N VAL A 93 5.78 15.34 -3.36
CA VAL A 93 4.95 15.04 -2.16
C VAL A 93 3.66 14.31 -2.58
N ALA A 94 3.07 14.78 -3.70
CA ALA A 94 1.77 14.30 -4.21
C ALA A 94 1.76 12.79 -4.46
N PHE A 95 2.87 12.26 -5.03
CA PHE A 95 3.04 10.80 -5.25
C PHE A 95 2.84 10.06 -3.94
N VAL A 96 3.72 10.36 -2.96
CA VAL A 96 3.75 9.67 -1.66
C VAL A 96 2.39 9.76 -0.93
N THR A 97 1.93 11.00 -0.74
CA THR A 97 0.71 11.34 -0.02
C THR A 97 -0.53 10.63 -0.62
N GLN A 98 -0.67 10.76 -1.96
CA GLN A 98 -1.80 10.18 -2.70
C GLN A 98 -1.77 8.65 -2.59
N LEU A 99 -0.57 8.06 -2.74
CA LEU A 99 -0.39 6.58 -2.69
C LEU A 99 -0.86 6.01 -1.33
N VAL A 100 -0.34 6.61 -0.24
CA VAL A 100 -0.67 6.20 1.14
C VAL A 100 -2.17 6.31 1.38
N LYS A 101 -2.77 7.43 0.95
CA LYS A 101 -4.19 7.73 1.19
C LYS A 101 -5.10 6.77 0.38
N LYS A 102 -4.75 6.54 -0.91
CA LYS A 102 -5.51 5.62 -1.80
C LYS A 102 -5.44 4.19 -1.27
N LEU A 103 -4.25 3.78 -0.79
CA LEU A 103 -4.03 2.43 -0.25
C LEU A 103 -4.82 2.24 1.04
N LEU A 104 -4.91 3.29 1.89
CA LEU A 104 -5.77 3.28 3.10
C LEU A 104 -7.26 3.20 2.73
N ILE A 105 -7.65 3.75 1.56
CA ILE A 105 -9.01 3.59 1.03
C ILE A 105 -9.24 2.12 0.57
N ILE A 106 -8.19 1.52 -0.03
CA ILE A 106 -8.23 0.13 -0.55
C ILE A 106 -8.32 -0.89 0.61
N ILE A 107 -7.29 -0.90 1.48
CA ILE A 107 -7.22 -1.80 2.64
C ILE A 107 -7.94 -1.16 3.83
N SER A 108 -8.12 -1.94 4.91
CA SER A 108 -8.86 -1.50 6.10
C SER A 108 -8.16 -0.30 6.78
N ARG A 109 -8.72 0.92 6.60
CA ARG A 109 -8.37 2.12 7.36
C ARG A 109 -9.27 2.19 8.62
N PRO A 110 -8.76 1.74 9.81
CA PRO A 110 -9.53 1.72 11.07
C PRO A 110 -9.18 2.89 12.02
N ALA A 111 -8.21 3.74 11.61
CA ALA A 111 -7.56 4.70 12.50
C ALA A 111 -6.84 5.81 11.71
N ARG A 112 -7.34 7.04 11.83
CA ARG A 112 -6.70 8.26 11.30
C ARG A 112 -7.26 9.46 12.11
N MET A 1 -1.26 -8.68 20.46
CA MET A 1 -1.06 -10.06 19.98
C MET A 1 -2.28 -10.95 20.33
N GLY A 2 -3.06 -10.54 21.36
CA GLY A 2 -4.31 -11.22 21.75
C GLY A 2 -5.43 -11.07 20.72
N HIS A 3 -5.39 -11.95 19.71
CA HIS A 3 -6.34 -11.96 18.58
C HIS A 3 -7.69 -12.59 19.01
N HIS A 4 -8.81 -11.89 18.70
CA HIS A 4 -10.18 -12.35 19.02
C HIS A 4 -11.18 -11.86 17.95
N HIS A 5 -12.32 -12.55 17.84
CA HIS A 5 -13.43 -12.16 16.96
C HIS A 5 -14.70 -11.96 17.83
N HIS A 6 -15.04 -10.71 18.18
CA HIS A 6 -16.30 -10.42 18.90
C HIS A 6 -17.12 -9.36 18.11
N HIS A 7 -16.87 -9.36 16.80
CA HIS A 7 -17.75 -8.75 15.78
C HIS A 7 -17.93 -9.80 14.67
N HIS A 8 -18.69 -9.47 13.63
CA HIS A 8 -18.65 -10.19 12.35
C HIS A 8 -17.79 -9.40 11.34
N SER A 9 -17.61 -9.97 10.14
CA SER A 9 -16.53 -9.63 9.16
C SER A 9 -16.26 -8.12 9.01
N HIS A 10 -17.31 -7.35 8.63
CA HIS A 10 -17.18 -5.96 8.10
C HIS A 10 -16.39 -6.00 6.78
N MET A 11 -17.12 -5.76 5.67
CA MET A 11 -16.68 -6.07 4.30
C MET A 11 -16.34 -7.59 4.20
N PRO A 12 -17.39 -8.49 4.13
CA PRO A 12 -17.20 -9.96 3.92
C PRO A 12 -16.43 -10.25 2.62
N LYS A 13 -15.27 -10.93 2.77
CA LYS A 13 -14.35 -11.30 1.68
C LYS A 13 -13.73 -10.03 1.04
N ALA A 14 -13.35 -9.07 1.92
CA ALA A 14 -12.63 -7.84 1.52
C ALA A 14 -11.27 -8.17 0.88
N THR A 15 -10.61 -9.20 1.43
CA THR A 15 -9.22 -9.59 1.11
C THR A 15 -8.93 -9.72 -0.41
N ALA A 16 -9.73 -10.55 -1.12
CA ALA A 16 -9.51 -10.86 -2.56
C ALA A 16 -9.71 -9.61 -3.48
N GLN A 17 -10.71 -8.78 -3.13
CA GLN A 17 -11.06 -7.58 -3.91
C GLN A 17 -10.07 -6.43 -3.64
N MET A 18 -9.60 -6.36 -2.39
CA MET A 18 -8.54 -5.44 -1.95
C MET A 18 -7.24 -5.76 -2.72
N GLU A 19 -6.93 -7.07 -2.77
CA GLU A 19 -5.78 -7.65 -3.49
C GLU A 19 -5.82 -7.30 -4.99
N GLU A 20 -7.01 -7.45 -5.62
CA GLU A 20 -7.20 -7.12 -7.06
C GLU A 20 -7.04 -5.60 -7.30
N LYS A 21 -7.62 -4.77 -6.41
CA LYS A 21 -7.54 -3.30 -6.53
C LYS A 21 -6.11 -2.80 -6.20
N LEU A 22 -5.39 -3.57 -5.37
CA LEU A 22 -4.00 -3.27 -4.99
C LEU A 22 -3.09 -3.53 -6.19
N ARG A 23 -3.28 -4.67 -6.88
CA ARG A 23 -2.44 -5.00 -8.05
C ARG A 23 -2.80 -4.09 -9.25
N ASP A 24 -4.08 -3.63 -9.30
CA ASP A 24 -4.56 -2.59 -10.25
C ASP A 24 -3.80 -1.27 -10.04
N PHE A 25 -3.72 -0.88 -8.75
CA PHE A 25 -2.95 0.27 -8.25
C PHE A 25 -1.48 0.16 -8.73
N THR A 26 -0.84 -0.95 -8.33
CA THR A 26 0.62 -1.13 -8.44
C THR A 26 1.09 -1.42 -9.90
N ARG A 27 0.18 -1.94 -10.76
CA ARG A 27 0.49 -2.21 -12.19
C ARG A 27 0.92 -0.94 -12.96
N ALA A 28 0.36 0.21 -12.56
CA ALA A 28 0.51 1.48 -13.29
C ALA A 28 1.95 2.05 -13.24
N TYR A 29 2.74 1.64 -12.23
CA TYR A 29 4.08 2.24 -11.94
C TYR A 29 5.03 1.23 -11.27
N GLU A 30 6.29 1.68 -11.10
CA GLU A 30 7.40 0.90 -10.52
C GLU A 30 8.00 1.67 -9.29
N PRO A 31 8.70 0.96 -8.34
CA PRO A 31 8.98 1.48 -6.95
C PRO A 31 9.93 2.68 -6.87
N ASP A 32 10.88 2.75 -7.79
CA ASP A 32 11.93 3.77 -7.75
C ASP A 32 11.37 5.18 -7.94
N SER A 33 10.87 5.46 -9.14
CA SER A 33 10.58 6.83 -9.62
C SER A 33 9.28 6.88 -10.45
N VAL A 34 8.49 7.96 -10.26
CA VAL A 34 7.40 8.41 -11.17
C VAL A 34 7.72 9.88 -11.45
N LEU A 35 7.69 10.70 -10.38
CA LEU A 35 8.40 11.98 -10.31
C LEU A 35 9.90 11.68 -10.11
N PRO A 36 10.85 12.59 -10.56
CA PRO A 36 12.31 12.53 -10.19
C PRO A 36 12.56 12.41 -8.67
N LEU A 37 11.58 12.93 -7.88
CA LEU A 37 11.54 12.85 -6.39
C LEU A 37 12.65 13.70 -5.74
N ALA A 38 12.51 13.95 -4.43
CA ALA A 38 13.61 14.50 -3.60
C ALA A 38 14.54 13.35 -3.21
N ASP A 39 15.76 13.34 -3.82
CA ASP A 39 16.73 12.23 -3.69
C ASP A 39 17.06 11.92 -2.22
N GLY A 40 17.12 10.62 -1.89
CA GLY A 40 17.33 10.16 -0.53
C GLY A 40 16.04 9.82 0.18
N VAL A 41 15.38 10.85 0.73
CA VAL A 41 14.17 10.68 1.54
C VAL A 41 12.97 10.16 0.70
N LEU A 42 12.56 10.93 -0.35
CA LEU A 42 11.38 10.61 -1.19
C LEU A 42 11.60 9.32 -2.01
N SER A 43 12.88 9.03 -2.29
CA SER A 43 13.33 7.78 -2.93
C SER A 43 12.91 6.56 -2.09
N PHE A 44 13.29 6.59 -0.80
CA PHE A 44 13.01 5.54 0.19
C PHE A 44 11.50 5.44 0.49
N ILE A 45 10.83 6.60 0.55
CA ILE A 45 9.39 6.71 0.81
C ILE A 45 8.58 5.99 -0.30
N HIS A 46 8.82 6.38 -1.57
CA HIS A 46 8.10 5.80 -2.73
C HIS A 46 8.49 4.32 -2.94
N HIS A 47 9.77 4.00 -2.61
CA HIS A 47 10.27 2.61 -2.60
C HIS A 47 9.37 1.75 -1.72
N GLN A 48 9.17 2.19 -0.46
CA GLN A 48 8.33 1.45 0.49
C GLN A 48 6.84 1.48 0.12
N ILE A 49 6.35 2.57 -0.52
CA ILE A 49 4.94 2.61 -1.01
C ILE A 49 4.66 1.41 -1.96
N ILE A 50 5.44 1.33 -3.04
CA ILE A 50 5.18 0.33 -4.11
C ILE A 50 5.66 -1.08 -3.72
N GLU A 51 6.80 -1.18 -3.00
CA GLU A 51 7.34 -2.49 -2.58
C GLU A 51 6.53 -3.11 -1.42
N LEU A 52 6.01 -2.27 -0.48
CA LEU A 52 5.12 -2.77 0.60
C LEU A 52 3.70 -3.04 0.05
N ALA A 53 3.32 -2.36 -1.05
CA ALA A 53 2.11 -2.73 -1.83
C ALA A 53 2.28 -4.17 -2.39
N ARG A 54 3.39 -4.39 -3.13
CA ARG A 54 3.73 -5.71 -3.72
C ARG A 54 3.93 -6.78 -2.62
N ASP A 55 4.45 -6.36 -1.47
CA ASP A 55 4.70 -7.22 -0.29
C ASP A 55 3.35 -7.66 0.33
N CYS A 56 2.41 -6.70 0.44
CA CYS A 56 1.04 -6.95 0.92
C CYS A 56 0.30 -7.89 -0.02
N LEU A 57 0.54 -7.72 -1.34
CA LEU A 57 -0.08 -8.54 -2.40
C LEU A 57 0.38 -10.01 -2.27
N THR A 58 1.70 -10.16 -2.11
CA THR A 58 2.35 -11.49 -1.94
C THR A 58 1.84 -12.20 -0.67
N LYS A 59 1.70 -11.45 0.46
CA LYS A 59 1.20 -12.01 1.72
C LYS A 59 -0.31 -12.31 1.65
N SER A 60 -1.06 -11.51 0.87
CA SER A 60 -2.53 -11.66 0.75
C SER A 60 -2.90 -12.88 -0.11
N ARG A 61 -1.95 -13.33 -0.95
CA ARG A 61 -2.12 -14.53 -1.79
C ARG A 61 -2.26 -15.78 -0.90
N ASP A 62 -1.35 -15.92 0.07
CA ASP A 62 -1.41 -17.00 1.08
C ASP A 62 -2.40 -16.63 2.20
N GLY A 63 -2.55 -15.32 2.44
CA GLY A 63 -3.39 -14.81 3.54
C GLY A 63 -2.77 -15.07 4.92
N LEU A 64 -1.43 -15.21 4.96
CA LEU A 64 -0.66 -15.52 6.21
C LEU A 64 -0.30 -14.23 7.01
N ILE A 65 -0.89 -13.10 6.56
CA ILE A 65 -0.77 -11.77 7.18
C ILE A 65 -1.06 -11.85 8.71
N THR A 66 -0.03 -11.58 9.53
CA THR A 66 -0.21 -11.37 10.96
C THR A 66 -1.01 -10.06 11.18
N THR A 67 -1.90 -10.03 12.18
CA THR A 67 -2.90 -8.96 12.36
C THR A 67 -2.28 -7.54 12.35
N VAL A 68 -1.16 -7.38 13.08
CA VAL A 68 -0.49 -6.07 13.29
C VAL A 68 0.06 -5.49 11.97
N TYR A 69 0.26 -6.34 10.92
CA TYR A 69 0.85 -5.94 9.62
C TYR A 69 0.25 -4.65 9.04
N PHE A 70 -1.09 -4.61 8.83
CA PHE A 70 -1.77 -3.45 8.21
C PHE A 70 -1.62 -2.17 9.05
N TYR A 71 -1.66 -2.34 10.39
CA TYR A 71 -1.47 -1.23 11.34
C TYR A 71 -0.06 -0.63 11.16
N GLU A 72 0.93 -1.54 11.18
CA GLU A 72 2.36 -1.22 11.14
C GLU A 72 2.78 -0.73 9.74
N LEU A 73 2.03 -1.17 8.73
CA LEU A 73 2.25 -0.82 7.32
C LEU A 73 1.82 0.63 7.14
N GLN A 74 0.62 0.91 7.64
CA GLN A 74 0.04 2.26 7.68
C GLN A 74 0.89 3.22 8.54
N GLU A 75 1.42 2.69 9.67
CA GLU A 75 2.31 3.44 10.57
C GLU A 75 3.58 3.86 9.80
N ASN A 76 4.14 2.91 9.01
CA ASN A 76 5.32 3.16 8.18
C ASN A 76 5.03 4.20 7.08
N LEU A 77 3.87 4.04 6.39
CA LEU A 77 3.47 4.91 5.25
C LEU A 77 3.30 6.37 5.72
N GLU A 78 2.59 6.56 6.83
CA GLU A 78 2.23 7.89 7.36
C GLU A 78 3.42 8.52 8.12
N LYS A 79 4.31 7.68 8.67
CA LYS A 79 5.64 8.11 9.19
C LYS A 79 6.45 8.75 8.04
N LEU A 80 6.54 8.01 6.92
CA LEU A 80 7.20 8.45 5.69
C LEU A 80 6.46 9.63 5.04
N LEU A 81 5.15 9.72 5.29
CA LEU A 81 4.32 10.85 4.85
C LEU A 81 4.76 12.14 5.58
N GLN A 82 5.00 12.02 6.91
CA GLN A 82 5.50 13.16 7.72
C GLN A 82 6.92 13.55 7.25
N ASP A 83 7.75 12.51 6.92
CA ASP A 83 9.08 12.71 6.29
C ASP A 83 9.00 13.45 4.95
N ALA A 84 7.95 13.11 4.17
CA ALA A 84 7.68 13.73 2.85
C ALA A 84 7.32 15.22 3.02
N TYR A 85 6.48 15.51 4.03
CA TYR A 85 6.06 16.89 4.36
C TYR A 85 7.24 17.77 4.86
N GLU A 86 8.31 17.12 5.33
CA GLU A 86 9.57 17.79 5.74
C GLU A 86 10.45 18.15 4.53
N ARG A 87 11.43 19.04 4.80
CA ARG A 87 12.35 19.62 3.79
C ARG A 87 11.61 20.37 2.67
N SER A 88 11.23 19.63 1.61
CA SER A 88 10.76 20.21 0.34
C SER A 88 9.41 19.61 -0.06
N GLU A 89 8.31 20.17 0.50
CA GLU A 89 6.94 19.80 0.11
C GLU A 89 6.62 20.38 -1.28
N SER A 90 6.70 19.52 -2.32
CA SER A 90 6.28 19.85 -3.69
C SER A 90 5.45 18.68 -4.27
N LEU A 91 5.40 18.50 -5.60
CA LEU A 91 4.43 17.60 -6.27
C LEU A 91 4.87 16.11 -6.26
N GLU A 92 6.12 15.84 -5.82
CA GLU A 92 6.57 14.46 -5.50
C GLU A 92 5.98 14.03 -4.15
N VAL A 93 5.86 14.99 -3.23
CA VAL A 93 5.25 14.81 -1.90
C VAL A 93 3.72 14.66 -2.04
N ALA A 94 3.12 15.51 -2.92
CA ALA A 94 1.67 15.47 -3.23
C ALA A 94 1.27 14.12 -3.88
N PHE A 95 2.14 13.65 -4.80
CA PHE A 95 2.05 12.31 -5.41
C PHE A 95 2.05 11.20 -4.33
N VAL A 96 3.06 11.28 -3.44
CA VAL A 96 3.23 10.32 -2.34
C VAL A 96 2.04 10.34 -1.36
N THR A 97 1.46 11.54 -1.14
CA THR A 97 0.26 11.70 -0.30
C THR A 97 -0.91 10.96 -0.92
N GLN A 98 -1.09 11.16 -2.25
CA GLN A 98 -2.14 10.50 -3.04
C GLN A 98 -2.01 8.96 -2.92
N LEU A 99 -0.77 8.47 -3.09
CA LEU A 99 -0.44 7.03 -3.14
C LEU A 99 -0.65 6.33 -1.77
N VAL A 100 -0.09 6.93 -0.70
CA VAL A 100 -0.25 6.45 0.70
C VAL A 100 -1.74 6.36 1.07
N LYS A 101 -2.44 7.48 0.86
CA LYS A 101 -3.83 7.68 1.26
C LYS A 101 -4.77 6.74 0.47
N LYS A 102 -4.48 6.58 -0.83
CA LYS A 102 -5.29 5.75 -1.76
C LYS A 102 -5.11 4.26 -1.44
N LEU A 103 -3.85 3.86 -1.19
CA LEU A 103 -3.51 2.48 -0.76
C LEU A 103 -4.21 2.17 0.57
N LEU A 104 -4.29 3.20 1.45
CA LEU A 104 -5.02 3.12 2.73
C LEU A 104 -6.55 2.97 2.48
N ILE A 105 -7.09 3.71 1.50
CA ILE A 105 -8.52 3.64 1.09
C ILE A 105 -8.86 2.24 0.51
N ILE A 106 -7.89 1.59 -0.14
CA ILE A 106 -8.05 0.21 -0.67
C ILE A 106 -8.12 -0.83 0.48
N ILE A 107 -7.12 -0.78 1.38
CA ILE A 107 -6.92 -1.81 2.43
C ILE A 107 -7.84 -1.60 3.66
N SER A 108 -8.35 -0.37 3.85
CA SER A 108 -9.24 0.00 4.96
C SER A 108 -10.24 1.03 4.42
N ARG A 109 -11.47 0.59 4.09
CA ARG A 109 -12.46 1.46 3.41
C ARG A 109 -13.77 1.57 4.22
N PRO A 110 -13.95 2.69 5.00
CA PRO A 110 -15.27 3.08 5.54
C PRO A 110 -16.14 3.79 4.46
N ALA A 111 -17.38 3.31 4.28
CA ALA A 111 -18.32 3.86 3.28
C ALA A 111 -19.75 3.84 3.86
N ARG A 112 -20.72 4.32 3.05
CA ARG A 112 -22.12 4.38 3.45
C ARG A 112 -23.00 4.00 2.22
N MET A 1 -18.46 -41.50 -2.49
CA MET A 1 -18.83 -42.02 -3.82
C MET A 1 -19.97 -41.20 -4.41
N GLY A 2 -19.61 -40.16 -5.19
CA GLY A 2 -20.59 -39.28 -5.83
C GLY A 2 -21.11 -38.18 -4.90
N HIS A 3 -21.44 -37.01 -5.50
CA HIS A 3 -22.13 -35.85 -4.85
C HIS A 3 -21.19 -35.02 -3.93
N HIS A 4 -20.16 -35.65 -3.34
CA HIS A 4 -19.30 -35.03 -2.33
C HIS A 4 -18.04 -34.39 -2.97
N HIS A 5 -18.21 -33.18 -3.50
CA HIS A 5 -17.09 -32.30 -3.88
C HIS A 5 -17.53 -30.87 -3.54
N HIS A 6 -16.81 -30.23 -2.60
CA HIS A 6 -17.30 -29.02 -1.91
C HIS A 6 -17.25 -27.78 -2.83
N HIS A 7 -18.40 -27.51 -3.48
CA HIS A 7 -18.64 -26.31 -4.30
C HIS A 7 -19.28 -25.19 -3.43
N HIS A 8 -19.94 -24.21 -4.09
CA HIS A 8 -20.79 -23.16 -3.47
C HIS A 8 -19.92 -22.09 -2.77
N SER A 9 -20.13 -20.82 -3.17
CA SER A 9 -19.39 -19.66 -2.67
C SER A 9 -19.72 -19.38 -1.19
N HIS A 10 -18.70 -19.53 -0.32
CA HIS A 10 -18.72 -18.97 1.05
C HIS A 10 -18.24 -17.51 0.96
N MET A 11 -17.23 -17.32 0.09
CA MET A 11 -16.72 -16.00 -0.35
C MET A 11 -16.22 -15.13 0.84
N PRO A 12 -14.92 -15.29 1.26
CA PRO A 12 -14.28 -14.39 2.27
C PRO A 12 -14.35 -12.91 1.86
N LYS A 13 -14.33 -12.66 0.52
CA LYS A 13 -14.71 -11.38 -0.12
C LYS A 13 -13.59 -10.32 -0.07
N ALA A 14 -13.15 -9.97 1.15
CA ALA A 14 -12.16 -8.90 1.42
C ALA A 14 -10.82 -9.13 0.70
N THR A 15 -10.40 -10.42 0.61
CA THR A 15 -9.17 -10.81 -0.11
C THR A 15 -9.25 -10.36 -1.60
N ALA A 16 -10.26 -10.89 -2.33
CA ALA A 16 -10.41 -10.70 -3.79
C ALA A 16 -10.35 -9.20 -4.21
N GLN A 17 -11.28 -8.41 -3.64
CA GLN A 17 -11.48 -6.99 -4.01
C GLN A 17 -10.21 -6.15 -3.73
N MET A 18 -9.78 -6.19 -2.45
CA MET A 18 -8.62 -5.42 -1.95
C MET A 18 -7.35 -5.75 -2.76
N GLU A 19 -7.14 -7.06 -2.98
CA GLU A 19 -5.98 -7.60 -3.70
C GLU A 19 -5.93 -7.04 -5.13
N GLU A 20 -7.08 -7.15 -5.85
CA GLU A 20 -7.22 -6.65 -7.24
C GLU A 20 -6.89 -5.15 -7.34
N LYS A 21 -7.47 -4.34 -6.44
CA LYS A 21 -7.28 -2.86 -6.48
C LYS A 21 -5.83 -2.48 -6.11
N LEU A 22 -5.22 -3.29 -5.23
CA LEU A 22 -3.80 -3.13 -4.84
C LEU A 22 -2.90 -3.53 -6.03
N ARG A 23 -3.35 -4.48 -6.89
CA ARG A 23 -2.63 -4.84 -8.13
C ARG A 23 -2.68 -3.67 -9.13
N ASP A 24 -3.89 -3.09 -9.30
CA ASP A 24 -4.12 -1.95 -10.21
C ASP A 24 -3.39 -0.68 -9.71
N PHE A 25 -3.13 -0.64 -8.40
CA PHE A 25 -2.24 0.34 -7.76
C PHE A 25 -0.78 0.08 -8.22
N THR A 26 -0.22 -1.06 -7.80
CA THR A 26 1.22 -1.41 -7.94
C THR A 26 1.71 -1.39 -9.41
N ARG A 27 0.92 -1.99 -10.32
CA ARG A 27 1.31 -2.16 -11.76
C ARG A 27 1.27 -0.84 -12.54
N ALA A 28 0.56 0.17 -12.01
CA ALA A 28 0.51 1.51 -12.61
C ALA A 28 1.85 2.25 -12.43
N TYR A 29 2.53 1.95 -11.30
CA TYR A 29 3.81 2.59 -10.91
C TYR A 29 4.62 1.67 -9.98
N GLU A 30 5.63 0.99 -10.54
CA GLU A 30 6.55 0.14 -9.76
C GLU A 30 7.53 1.02 -8.92
N PRO A 31 8.34 0.47 -7.93
CA PRO A 31 9.16 1.32 -7.02
C PRO A 31 10.25 2.09 -7.77
N ASP A 32 10.80 1.48 -8.83
CA ASP A 32 11.71 2.15 -9.77
C ASP A 32 10.95 2.43 -11.08
N SER A 33 9.90 3.26 -10.92
CA SER A 33 9.05 3.75 -12.03
C SER A 33 8.34 5.04 -11.58
N VAL A 34 7.81 5.82 -12.56
CA VAL A 34 7.44 7.24 -12.36
C VAL A 34 8.70 8.06 -12.02
N LEU A 35 9.03 9.04 -12.89
CA LEU A 35 10.33 9.73 -12.93
C LEU A 35 10.77 10.25 -11.53
N PRO A 36 12.03 9.89 -11.09
CA PRO A 36 12.50 10.03 -9.68
C PRO A 36 12.29 11.42 -9.07
N LEU A 37 11.41 11.47 -8.05
CA LEU A 37 11.06 12.68 -7.31
C LEU A 37 12.20 13.05 -6.32
N ALA A 38 13.19 13.82 -6.82
CA ALA A 38 14.39 14.27 -6.04
C ALA A 38 15.34 13.11 -5.66
N ASP A 39 16.67 13.34 -5.83
CA ASP A 39 17.70 12.36 -5.44
C ASP A 39 17.64 12.07 -3.93
N GLY A 40 17.01 10.94 -3.58
CA GLY A 40 16.91 10.49 -2.20
C GLY A 40 15.47 10.39 -1.71
N VAL A 41 15.09 11.27 -0.76
CA VAL A 41 13.91 11.11 0.14
C VAL A 41 12.58 10.70 -0.57
N LEU A 42 12.08 11.48 -1.51
CA LEU A 42 10.72 11.31 -2.03
C LEU A 42 10.65 10.13 -3.03
N SER A 43 11.72 9.96 -3.82
CA SER A 43 11.91 8.76 -4.66
C SER A 43 11.96 7.50 -3.78
N PHE A 44 12.61 7.65 -2.61
CA PHE A 44 12.83 6.55 -1.66
C PHE A 44 11.51 6.17 -0.99
N ILE A 45 10.67 7.17 -0.62
CA ILE A 45 9.37 6.91 0.01
C ILE A 45 8.44 6.23 -1.02
N HIS A 46 8.45 6.70 -2.30
CA HIS A 46 7.75 6.02 -3.42
C HIS A 46 8.21 4.55 -3.54
N HIS A 47 9.55 4.36 -3.43
CA HIS A 47 10.21 3.05 -3.49
C HIS A 47 9.69 2.14 -2.35
N GLN A 48 9.54 2.74 -1.15
CA GLN A 48 9.05 2.05 0.07
C GLN A 48 7.55 1.77 -0.01
N ILE A 49 6.80 2.67 -0.66
CA ILE A 49 5.33 2.55 -0.82
C ILE A 49 5.00 1.36 -1.70
N ILE A 50 5.70 1.23 -2.83
CA ILE A 50 5.48 0.11 -3.75
C ILE A 50 6.21 -1.16 -3.25
N GLU A 51 7.22 -1.00 -2.37
CA GLU A 51 7.80 -2.12 -1.59
C GLU A 51 6.69 -2.76 -0.72
N LEU A 52 5.99 -1.89 0.07
CA LEU A 52 4.85 -2.28 0.94
C LEU A 52 3.73 -2.88 0.09
N ALA A 53 3.50 -2.23 -1.07
CA ALA A 53 2.42 -2.61 -1.99
C ALA A 53 2.61 -4.07 -2.46
N ARG A 54 3.76 -4.36 -3.09
CA ARG A 54 4.10 -5.72 -3.59
C ARG A 54 4.08 -6.78 -2.46
N ASP A 55 4.83 -6.46 -1.38
CA ASP A 55 5.10 -7.38 -0.27
C ASP A 55 3.81 -7.76 0.46
N CYS A 56 3.08 -6.73 0.94
CA CYS A 56 1.81 -6.89 1.68
C CYS A 56 0.70 -7.44 0.77
N LEU A 57 0.78 -7.15 -0.57
CA LEU A 57 -0.13 -7.76 -1.57
C LEU A 57 0.01 -9.30 -1.53
N THR A 58 1.24 -9.78 -1.75
CA THR A 58 1.53 -11.22 -1.81
C THR A 58 1.27 -11.93 -0.46
N LYS A 59 1.52 -11.20 0.65
CA LYS A 59 1.26 -11.68 2.02
C LYS A 59 -0.26 -11.79 2.33
N SER A 60 -1.06 -10.82 1.85
CA SER A 60 -2.54 -10.81 2.08
C SER A 60 -3.26 -11.77 1.11
N ARG A 61 -2.65 -11.97 -0.07
CA ARG A 61 -3.16 -12.86 -1.13
C ARG A 61 -2.97 -14.32 -0.70
N ASP A 62 -1.86 -14.59 0.03
CA ASP A 62 -1.65 -15.89 0.70
C ASP A 62 -2.59 -16.00 1.91
N GLY A 63 -2.63 -14.90 2.70
CA GLY A 63 -3.47 -14.81 3.88
C GLY A 63 -2.72 -14.99 5.19
N LEU A 64 -1.37 -14.98 5.15
CA LEU A 64 -0.56 -15.16 6.37
C LEU A 64 -0.28 -13.81 7.09
N ILE A 65 -0.87 -12.70 6.59
CA ILE A 65 -0.91 -11.43 7.34
C ILE A 65 -1.70 -11.66 8.62
N THR A 66 -0.97 -11.69 9.74
CA THR A 66 -1.45 -12.06 11.08
C THR A 66 -2.74 -11.28 11.43
N THR A 67 -2.63 -9.96 11.30
CA THR A 67 -3.73 -8.96 11.32
C THR A 67 -3.09 -7.60 11.62
N VAL A 68 -2.03 -7.65 12.46
CA VAL A 68 -1.33 -6.47 12.97
C VAL A 68 -0.62 -5.71 11.84
N TYR A 69 -0.25 -6.42 10.74
CA TYR A 69 0.54 -5.84 9.63
C TYR A 69 -0.24 -4.76 8.84
N PHE A 70 -1.59 -4.76 8.90
CA PHE A 70 -2.39 -3.66 8.29
C PHE A 70 -2.32 -2.39 9.16
N TYR A 71 -2.26 -2.61 10.49
CA TYR A 71 -2.07 -1.52 11.48
C TYR A 71 -0.62 -1.00 11.40
N GLU A 72 0.33 -1.93 11.14
CA GLU A 72 1.77 -1.62 10.96
C GLU A 72 1.99 -0.93 9.61
N LEU A 73 1.15 -1.31 8.62
CA LEU A 73 1.12 -0.68 7.31
C LEU A 73 0.76 0.79 7.51
N GLN A 74 -0.31 1.01 8.29
CA GLN A 74 -0.85 2.35 8.64
C GLN A 74 0.24 3.22 9.37
N GLU A 75 0.86 2.64 10.43
CA GLU A 75 1.93 3.31 11.25
C GLU A 75 3.10 3.76 10.36
N ASN A 76 3.61 2.80 9.56
CA ASN A 76 4.75 2.99 8.68
C ASN A 76 4.40 4.00 7.55
N LEU A 77 3.14 3.96 7.09
CA LEU A 77 2.61 4.88 6.05
C LEU A 77 2.68 6.33 6.56
N GLU A 78 2.17 6.57 7.80
CA GLU A 78 2.20 7.92 8.42
C GLU A 78 3.64 8.38 8.70
N LYS A 79 4.51 7.44 9.10
CA LYS A 79 5.94 7.70 9.37
C LYS A 79 6.64 8.24 8.11
N LEU A 80 6.50 7.49 7.01
CA LEU A 80 7.14 7.81 5.72
C LEU A 80 6.43 8.99 5.03
N LEU A 81 5.15 9.21 5.37
CA LEU A 81 4.37 10.38 4.93
C LEU A 81 4.88 11.65 5.64
N GLN A 82 5.29 11.50 6.92
CA GLN A 82 5.97 12.57 7.67
C GLN A 82 7.34 12.87 7.03
N ASP A 83 8.10 11.79 6.69
CA ASP A 83 9.42 11.93 6.00
C ASP A 83 9.26 12.59 4.62
N ALA A 84 8.12 12.32 3.96
CA ALA A 84 7.77 12.92 2.66
C ALA A 84 7.54 14.44 2.80
N TYR A 85 6.67 14.83 3.75
CA TYR A 85 6.40 16.25 4.07
C TYR A 85 7.65 16.98 4.60
N GLU A 86 8.61 16.20 5.17
CA GLU A 86 9.83 16.74 5.82
C GLU A 86 10.84 17.30 4.80
N ARG A 87 10.64 17.03 3.49
CA ARG A 87 11.44 17.65 2.43
C ARG A 87 10.53 17.97 1.22
N SER A 88 9.67 18.97 1.42
CA SER A 88 8.76 19.49 0.38
C SER A 88 9.48 20.54 -0.48
N GLU A 89 9.96 20.11 -1.67
CA GLU A 89 10.55 21.03 -2.66
C GLU A 89 9.40 21.77 -3.38
N SER A 90 8.54 20.98 -4.07
CA SER A 90 7.35 21.49 -4.78
C SER A 90 6.17 20.48 -4.73
N LEU A 91 5.99 19.68 -5.81
CA LEU A 91 4.76 18.87 -6.05
C LEU A 91 5.00 17.36 -5.86
N GLU A 92 6.23 17.03 -5.47
CA GLU A 92 6.73 15.65 -5.41
C GLU A 92 6.08 14.91 -4.22
N VAL A 93 5.83 15.66 -3.15
CA VAL A 93 5.15 15.18 -1.93
C VAL A 93 3.67 14.80 -2.23
N ALA A 94 3.06 15.52 -3.21
CA ALA A 94 1.64 15.32 -3.57
C ALA A 94 1.36 13.88 -4.05
N PHE A 95 2.16 13.41 -5.03
CA PHE A 95 2.05 12.05 -5.57
C PHE A 95 2.29 10.99 -4.48
N VAL A 96 3.35 11.21 -3.68
CA VAL A 96 3.75 10.30 -2.57
C VAL A 96 2.61 10.16 -1.52
N THR A 97 2.04 11.31 -1.11
CA THR A 97 0.96 11.37 -0.11
C THR A 97 -0.33 10.70 -0.64
N GLN A 98 -0.62 10.91 -1.94
CA GLN A 98 -1.77 10.27 -2.62
C GLN A 98 -1.60 8.74 -2.67
N LEU A 99 -0.34 8.28 -2.86
CA LEU A 99 0.04 6.85 -2.82
C LEU A 99 -0.30 6.24 -1.43
N VAL A 100 0.16 6.94 -0.38
CA VAL A 100 -0.11 6.55 1.02
C VAL A 100 -1.64 6.43 1.26
N LYS A 101 -2.39 7.46 0.79
CA LYS A 101 -3.86 7.50 0.92
C LYS A 101 -4.48 6.27 0.25
N LYS A 102 -4.19 6.08 -1.05
CA LYS A 102 -4.72 4.98 -1.88
C LYS A 102 -4.47 3.61 -1.24
N LEU A 103 -3.21 3.36 -0.83
CA LEU A 103 -2.79 2.08 -0.23
C LEU A 103 -3.55 1.80 1.08
N LEU A 104 -3.81 2.87 1.86
CA LEU A 104 -4.62 2.79 3.11
C LEU A 104 -6.14 2.61 2.80
N ILE A 105 -6.61 3.22 1.70
CA ILE A 105 -8.04 3.20 1.29
C ILE A 105 -8.42 1.81 0.74
N ILE A 106 -7.47 1.18 0.03
CA ILE A 106 -7.66 -0.16 -0.55
C ILE A 106 -7.83 -1.22 0.55
N ILE A 107 -7.02 -1.12 1.63
CA ILE A 107 -7.05 -2.11 2.75
C ILE A 107 -8.13 -1.75 3.82
N SER A 108 -9.16 -0.97 3.43
CA SER A 108 -10.33 -0.67 4.29
C SER A 108 -11.44 -1.74 4.09
N ARG A 109 -12.46 -1.72 4.98
CA ARG A 109 -13.50 -2.78 5.05
C ARG A 109 -14.81 -2.30 4.37
N PRO A 110 -15.70 -3.25 3.90
CA PRO A 110 -17.14 -2.96 3.61
C PRO A 110 -17.85 -2.34 4.86
N ALA A 111 -18.50 -1.18 4.69
CA ALA A 111 -19.13 -0.42 5.80
C ALA A 111 -20.62 -0.13 5.49
N ARG A 112 -20.93 1.09 4.97
CA ARG A 112 -22.32 1.50 4.61
C ARG A 112 -22.37 1.68 3.08
N MET A 1 5.32 -38.06 7.51
CA MET A 1 4.13 -37.86 6.64
C MET A 1 3.09 -37.03 7.40
N GLY A 2 2.59 -35.94 6.77
CA GLY A 2 1.59 -35.10 7.41
C GLY A 2 1.18 -33.88 6.61
N HIS A 3 1.31 -32.69 7.22
CA HIS A 3 0.64 -31.46 6.81
C HIS A 3 1.53 -30.63 5.86
N HIS A 4 1.41 -30.91 4.55
CA HIS A 4 2.07 -30.10 3.50
C HIS A 4 1.08 -29.95 2.30
N HIS A 5 -0.18 -29.66 2.65
CA HIS A 5 -1.28 -29.48 1.68
C HIS A 5 -2.45 -28.71 2.32
N HIS A 6 -2.15 -27.95 3.40
CA HIS A 6 -3.13 -27.07 4.07
C HIS A 6 -3.14 -25.71 3.33
N HIS A 7 -4.13 -25.53 2.44
CA HIS A 7 -4.35 -24.26 1.74
C HIS A 7 -5.87 -24.02 1.65
N HIS A 8 -6.29 -22.81 2.02
CA HIS A 8 -7.71 -22.40 1.95
C HIS A 8 -7.76 -21.01 1.30
N SER A 9 -7.25 -20.96 0.06
CA SER A 9 -7.16 -19.73 -0.74
C SER A 9 -8.37 -19.64 -1.68
N HIS A 10 -9.40 -18.95 -1.17
CA HIS A 10 -10.63 -18.64 -1.92
C HIS A 10 -10.76 -17.11 -1.99
N MET A 11 -10.34 -16.45 -0.87
CA MET A 11 -10.21 -14.98 -0.76
C MET A 11 -11.55 -14.22 -1.02
N PRO A 12 -12.76 -14.87 -0.84
CA PRO A 12 -13.98 -14.63 -1.68
C PRO A 12 -14.24 -13.14 -1.97
N LYS A 13 -14.40 -12.36 -0.91
CA LYS A 13 -14.51 -10.90 -0.96
C LYS A 13 -13.59 -10.31 0.10
N ALA A 14 -13.56 -8.97 0.17
CA ALA A 14 -12.52 -8.20 0.87
C ALA A 14 -11.14 -8.48 0.25
N THR A 15 -10.55 -9.64 0.61
CA THR A 15 -9.19 -10.03 0.22
C THR A 15 -9.00 -10.11 -1.32
N ALA A 16 -9.94 -10.77 -2.04
CA ALA A 16 -9.82 -11.00 -3.52
C ALA A 16 -9.96 -9.70 -4.31
N GLN A 17 -10.96 -8.88 -3.93
CA GLN A 17 -11.22 -7.58 -4.56
C GLN A 17 -10.04 -6.61 -4.29
N MET A 18 -9.54 -6.66 -3.06
CA MET A 18 -8.40 -5.82 -2.61
C MET A 18 -7.13 -6.19 -3.36
N GLU A 19 -6.91 -7.51 -3.53
CA GLU A 19 -5.70 -8.08 -4.18
C GLU A 19 -5.72 -7.74 -5.69
N GLU A 20 -6.89 -7.94 -6.32
CA GLU A 20 -7.14 -7.59 -7.74
C GLU A 20 -6.87 -6.09 -7.97
N LYS A 21 -7.46 -5.25 -7.10
CA LYS A 21 -7.36 -3.79 -7.18
C LYS A 21 -5.94 -3.31 -6.83
N LEU A 22 -5.24 -4.06 -5.96
CA LEU A 22 -3.84 -3.74 -5.58
C LEU A 22 -2.92 -4.02 -6.79
N ARG A 23 -3.21 -5.09 -7.57
CA ARG A 23 -2.49 -5.38 -8.84
C ARG A 23 -2.77 -4.26 -9.86
N ASP A 24 -4.06 -3.92 -10.00
CA ASP A 24 -4.57 -2.84 -10.88
C ASP A 24 -3.92 -1.47 -10.57
N PHE A 25 -3.71 -1.24 -9.28
CA PHE A 25 -3.16 0.00 -8.70
C PHE A 25 -1.64 0.09 -8.94
N THR A 26 -0.91 -0.95 -8.50
CA THR A 26 0.56 -1.02 -8.57
C THR A 26 1.05 -1.30 -10.02
N ARG A 27 0.13 -1.78 -10.89
CA ARG A 27 0.35 -1.98 -12.35
C ARG A 27 1.07 -0.80 -13.02
N ALA A 28 0.63 0.43 -12.69
CA ALA A 28 1.05 1.66 -13.38
C ALA A 28 2.52 2.01 -13.12
N TYR A 29 3.06 1.60 -11.95
CA TYR A 29 4.36 2.09 -11.46
C TYR A 29 5.14 1.04 -10.64
N GLU A 30 6.46 1.08 -10.84
CA GLU A 30 7.47 0.29 -10.09
C GLU A 30 8.53 1.31 -9.56
N PRO A 31 9.61 0.89 -8.81
CA PRO A 31 10.70 1.83 -8.40
C PRO A 31 11.71 2.15 -9.54
N ASP A 32 11.17 2.48 -10.73
CA ASP A 32 11.94 3.08 -11.83
C ASP A 32 11.52 4.57 -11.92
N SER A 33 12.07 5.32 -12.90
CA SER A 33 11.72 6.72 -13.11
C SER A 33 10.31 6.84 -13.76
N VAL A 34 9.29 6.78 -12.89
CA VAL A 34 7.88 6.98 -13.26
C VAL A 34 7.63 8.48 -13.42
N LEU A 35 7.80 9.19 -12.30
CA LEU A 35 7.74 10.66 -12.22
C LEU A 35 9.09 11.15 -11.66
N PRO A 36 9.59 12.37 -12.04
CA PRO A 36 10.81 12.97 -11.43
C PRO A 36 10.61 13.34 -9.93
N LEU A 37 10.61 12.31 -9.07
CA LEU A 37 10.45 12.46 -7.62
C LEU A 37 11.80 12.85 -6.99
N ALA A 38 11.76 13.75 -6.00
CA ALA A 38 12.96 14.40 -5.43
C ALA A 38 13.92 13.37 -4.81
N ASP A 39 15.20 13.52 -5.14
CA ASP A 39 16.28 12.59 -4.80
C ASP A 39 16.40 12.33 -3.28
N GLY A 40 16.69 11.06 -2.93
CA GLY A 40 16.85 10.63 -1.55
C GLY A 40 15.54 10.17 -0.94
N VAL A 41 14.93 11.06 -0.15
CA VAL A 41 13.73 10.76 0.69
C VAL A 41 12.47 10.38 -0.14
N LEU A 42 12.04 11.24 -1.10
CA LEU A 42 10.80 10.99 -1.89
C LEU A 42 10.92 9.69 -2.73
N SER A 43 12.14 9.47 -3.28
CA SER A 43 12.52 8.23 -4.00
C SER A 43 12.44 6.98 -3.10
N PHE A 44 12.99 7.13 -1.87
CA PHE A 44 13.00 6.08 -0.84
C PHE A 44 11.58 5.66 -0.51
N ILE A 45 10.72 6.66 -0.27
CA ILE A 45 9.31 6.46 0.08
C ILE A 45 8.57 5.73 -1.07
N HIS A 46 8.79 6.21 -2.32
CA HIS A 46 8.22 5.57 -3.54
C HIS A 46 8.56 4.05 -3.57
N HIS A 47 9.83 3.73 -3.25
CA HIS A 47 10.29 2.33 -3.17
C HIS A 47 9.52 1.57 -2.07
N GLN A 48 9.42 2.17 -0.86
CA GLN A 48 8.72 1.55 0.31
C GLN A 48 7.24 1.29 0.00
N ILE A 49 6.62 2.20 -0.77
CA ILE A 49 5.21 2.10 -1.16
C ILE A 49 5.03 0.90 -2.09
N ILE A 50 5.80 0.82 -3.18
CA ILE A 50 5.67 -0.29 -4.17
C ILE A 50 6.06 -1.65 -3.53
N GLU A 51 7.09 -1.60 -2.67
CA GLU A 51 7.65 -2.76 -1.94
C GLU A 51 6.59 -3.39 -1.01
N LEU A 52 6.07 -2.57 -0.08
CA LEU A 52 5.13 -3.02 0.96
C LEU A 52 3.71 -3.17 0.40
N ALA A 53 3.42 -2.53 -0.77
CA ALA A 53 2.16 -2.77 -1.50
C ALA A 53 2.18 -4.18 -2.09
N ARG A 54 3.29 -4.54 -2.77
CA ARG A 54 3.45 -5.88 -3.38
C ARG A 54 3.67 -6.97 -2.31
N ASP A 55 4.19 -6.58 -1.13
CA ASP A 55 4.32 -7.49 0.02
C ASP A 55 2.95 -7.74 0.66
N CYS A 56 2.14 -6.67 0.76
CA CYS A 56 0.72 -6.75 1.18
C CYS A 56 -0.08 -7.59 0.19
N LEU A 57 0.30 -7.46 -1.09
CA LEU A 57 -0.32 -8.17 -2.22
C LEU A 57 -0.05 -9.68 -2.13
N THR A 58 1.22 -10.05 -1.83
CA THR A 58 1.64 -11.46 -1.73
C THR A 58 1.18 -12.10 -0.39
N LYS A 59 0.96 -11.26 0.63
CA LYS A 59 0.35 -11.71 1.90
C LYS A 59 -1.18 -11.85 1.74
N SER A 60 -1.76 -11.04 0.85
CA SER A 60 -3.21 -11.12 0.50
C SER A 60 -3.46 -12.26 -0.48
N ARG A 61 -2.42 -12.60 -1.25
CA ARG A 61 -2.46 -13.60 -2.32
C ARG A 61 -2.75 -14.99 -1.75
N ASP A 62 -2.02 -15.33 -0.68
CA ASP A 62 -2.13 -16.64 -0.01
C ASP A 62 -2.89 -16.53 1.33
N GLY A 63 -3.31 -15.28 1.66
CA GLY A 63 -4.19 -15.00 2.81
C GLY A 63 -3.59 -15.37 4.17
N LEU A 64 -2.45 -14.76 4.51
CA LEU A 64 -1.74 -14.99 5.80
C LEU A 64 -1.38 -13.63 6.44
N ILE A 65 -2.36 -12.70 6.39
CA ILE A 65 -2.25 -11.37 7.00
C ILE A 65 -2.80 -11.39 8.44
N THR A 66 -2.03 -10.80 9.37
CA THR A 66 -2.47 -10.49 10.74
C THR A 66 -2.79 -8.99 10.84
N THR A 67 -3.56 -8.58 11.87
CA THR A 67 -4.10 -7.21 11.97
C THR A 67 -2.99 -6.19 12.30
N VAL A 68 -1.89 -6.66 12.93
CA VAL A 68 -0.73 -5.79 13.27
C VAL A 68 -0.07 -5.24 11.98
N TYR A 69 -0.13 -6.04 10.89
CA TYR A 69 0.44 -5.68 9.58
C TYR A 69 -0.21 -4.40 9.00
N PHE A 70 -1.51 -4.23 9.26
CA PHE A 70 -2.28 -3.04 8.81
C PHE A 70 -1.77 -1.77 9.52
N TYR A 71 -1.55 -1.85 10.84
CA TYR A 71 -1.08 -0.71 11.67
C TYR A 71 0.37 -0.36 11.34
N GLU A 72 1.17 -1.42 11.14
CA GLU A 72 2.57 -1.35 10.70
C GLU A 72 2.68 -0.56 9.39
N LEU A 73 1.84 -0.94 8.41
CA LEU A 73 1.75 -0.26 7.10
C LEU A 73 1.33 1.20 7.24
N GLN A 74 0.22 1.45 7.96
CA GLN A 74 -0.37 2.79 8.13
C GLN A 74 0.64 3.79 8.74
N GLU A 75 1.28 3.38 9.84
CA GLU A 75 2.17 4.26 10.62
C GLU A 75 3.59 4.33 10.02
N ASN A 76 3.99 3.29 9.25
CA ASN A 76 5.20 3.36 8.38
C ASN A 76 5.00 4.46 7.33
N LEU A 77 3.86 4.36 6.63
CA LEU A 77 3.45 5.28 5.58
C LEU A 77 3.19 6.70 6.14
N GLU A 78 2.72 6.77 7.40
CA GLU A 78 2.50 8.04 8.12
C GLU A 78 3.83 8.72 8.44
N LYS A 79 4.81 7.90 8.87
CA LYS A 79 6.20 8.33 9.11
C LYS A 79 6.84 8.88 7.82
N LEU A 80 6.61 8.18 6.70
CA LEU A 80 7.07 8.59 5.34
C LEU A 80 6.34 9.88 4.89
N LEU A 81 5.05 9.94 5.23
CA LEU A 81 4.16 11.09 4.94
C LEU A 81 4.58 12.31 5.78
N GLN A 82 5.17 12.06 6.96
CA GLN A 82 5.76 13.11 7.81
C GLN A 82 7.13 13.54 7.27
N ASP A 83 7.92 12.59 6.74
CA ASP A 83 9.20 12.89 6.05
C ASP A 83 8.96 13.74 4.79
N ALA A 84 7.80 13.53 4.16
CA ALA A 84 7.36 14.31 2.99
C ALA A 84 6.85 15.70 3.43
N TYR A 85 5.99 15.76 4.47
CA TYR A 85 5.45 17.05 5.00
C TYR A 85 6.56 17.89 5.67
N GLU A 86 7.68 17.25 6.03
CA GLU A 86 8.90 17.93 6.50
C GLU A 86 9.93 18.03 5.35
N ARG A 87 9.41 18.42 4.18
CA ARG A 87 10.22 18.86 3.01
C ARG A 87 9.76 20.26 2.59
N SER A 88 10.69 21.02 1.99
CA SER A 88 10.36 22.25 1.24
C SER A 88 10.19 21.90 -0.27
N GLU A 89 10.45 20.61 -0.58
CA GLU A 89 10.32 20.00 -1.91
C GLU A 89 8.88 19.49 -2.07
N SER A 90 7.97 20.43 -2.35
CA SER A 90 6.52 20.28 -2.10
C SER A 90 5.75 19.48 -3.18
N LEU A 91 6.13 19.60 -4.46
CA LEU A 91 5.36 19.03 -5.58
C LEU A 91 5.40 17.48 -5.58
N GLU A 92 6.51 16.92 -5.10
CA GLU A 92 6.76 15.47 -5.04
C GLU A 92 6.10 14.84 -3.79
N VAL A 93 5.79 15.69 -2.79
CA VAL A 93 5.04 15.29 -1.59
C VAL A 93 3.63 14.79 -1.97
N ALA A 94 3.07 15.36 -3.06
CA ALA A 94 1.75 14.99 -3.58
C ALA A 94 1.63 13.48 -3.83
N PHE A 95 2.57 12.94 -4.66
CA PHE A 95 2.63 11.49 -4.99
C PHE A 95 2.62 10.65 -3.71
N VAL A 96 3.62 10.93 -2.84
CA VAL A 96 3.84 10.20 -1.58
C VAL A 96 2.57 10.11 -0.73
N THR A 97 2.04 11.28 -0.34
CA THR A 97 0.97 11.36 0.67
C THR A 97 -0.37 10.85 0.12
N GLN A 98 -0.65 11.10 -1.18
CA GLN A 98 -1.85 10.55 -1.84
C GLN A 98 -1.76 9.02 -1.85
N LEU A 99 -0.58 8.49 -2.21
CA LEU A 99 -0.27 7.03 -2.24
C LEU A 99 -0.41 6.38 -0.84
N VAL A 100 0.00 7.11 0.20
CA VAL A 100 -0.21 6.73 1.62
C VAL A 100 -1.72 6.59 1.92
N LYS A 101 -2.50 7.62 1.53
CA LYS A 101 -3.97 7.62 1.68
C LYS A 101 -4.64 6.55 0.81
N LYS A 102 -4.05 6.24 -0.36
CA LYS A 102 -4.63 5.27 -1.30
C LYS A 102 -4.49 3.88 -0.73
N LEU A 103 -3.28 3.54 -0.26
CA LEU A 103 -3.01 2.23 0.34
C LEU A 103 -3.75 2.09 1.69
N LEU A 104 -3.93 3.22 2.40
CA LEU A 104 -4.78 3.32 3.60
C LEU A 104 -6.25 2.91 3.29
N ILE A 105 -6.80 3.44 2.17
CA ILE A 105 -8.16 3.11 1.76
C ILE A 105 -8.24 1.69 1.18
N ILE A 106 -7.18 1.23 0.50
CA ILE A 106 -7.18 -0.10 -0.19
C ILE A 106 -7.02 -1.28 0.82
N ILE A 107 -6.30 -1.09 1.95
CA ILE A 107 -6.15 -2.17 2.98
C ILE A 107 -7.40 -2.26 3.90
N SER A 108 -8.57 -2.25 3.25
CA SER A 108 -9.90 -2.12 3.85
C SER A 108 -10.00 -0.77 4.59
N ARG A 109 -9.68 -0.78 5.92
CA ARG A 109 -10.00 0.35 6.82
C ARG A 109 -9.75 -0.03 8.30
N PRO A 110 -9.41 0.97 9.15
CA PRO A 110 -9.99 1.07 10.50
C PRO A 110 -11.31 1.92 10.46
N ALA A 111 -11.43 2.78 9.38
CA ALA A 111 -12.54 3.77 9.14
C ALA A 111 -12.39 5.02 10.02
N ARG A 112 -11.40 5.01 10.93
CA ARG A 112 -11.01 6.12 11.80
C ARG A 112 -9.56 5.82 12.28
N MET A 1 -3.85 -32.06 3.86
CA MET A 1 -3.92 -30.90 2.95
C MET A 1 -4.43 -29.67 3.73
N GLY A 2 -5.69 -29.78 4.19
CA GLY A 2 -6.38 -28.76 4.96
C GLY A 2 -7.62 -29.33 5.60
N HIS A 3 -8.25 -28.60 6.52
CA HIS A 3 -9.45 -29.10 7.23
C HIS A 3 -10.71 -28.37 6.77
N HIS A 4 -11.33 -28.89 5.70
CA HIS A 4 -12.73 -28.62 5.35
C HIS A 4 -13.61 -29.54 6.21
N HIS A 5 -13.93 -29.06 7.41
CA HIS A 5 -14.88 -29.71 8.32
C HIS A 5 -15.70 -28.60 8.97
N HIS A 6 -15.10 -27.90 9.95
CA HIS A 6 -15.68 -26.69 10.53
C HIS A 6 -15.07 -25.46 9.83
N HIS A 7 -15.52 -25.25 8.59
CA HIS A 7 -15.17 -24.07 7.78
C HIS A 7 -16.29 -23.78 6.79
N HIS A 8 -17.55 -23.99 7.25
CA HIS A 8 -18.74 -23.61 6.50
C HIS A 8 -19.17 -22.20 6.94
N SER A 9 -18.77 -21.20 6.14
CA SER A 9 -19.11 -19.80 6.37
C SER A 9 -19.11 -19.06 5.04
N HIS A 10 -19.65 -17.84 5.03
CA HIS A 10 -19.60 -16.96 3.85
C HIS A 10 -18.32 -16.14 3.95
N MET A 11 -17.19 -16.72 3.45
CA MET A 11 -15.90 -16.03 3.35
C MET A 11 -16.11 -14.71 2.58
N PRO A 12 -16.01 -13.53 3.31
CA PRO A 12 -16.70 -12.27 2.93
C PRO A 12 -16.09 -11.47 1.77
N LYS A 13 -15.23 -12.13 0.94
CA LYS A 13 -14.96 -11.73 -0.46
C LYS A 13 -14.07 -10.46 -0.61
N ALA A 14 -13.80 -9.78 0.54
CA ALA A 14 -13.10 -8.48 0.58
C ALA A 14 -11.62 -8.62 0.20
N THR A 15 -10.98 -9.73 0.65
CA THR A 15 -9.53 -10.00 0.39
C THR A 15 -9.21 -10.03 -1.13
N ALA A 16 -10.11 -10.67 -1.91
CA ALA A 16 -9.96 -10.81 -3.38
C ALA A 16 -10.08 -9.45 -4.11
N GLN A 17 -11.08 -8.64 -3.70
CA GLN A 17 -11.35 -7.30 -4.29
C GLN A 17 -10.22 -6.31 -3.94
N MET A 18 -9.77 -6.39 -2.68
CA MET A 18 -8.65 -5.58 -2.16
C MET A 18 -7.35 -5.96 -2.88
N GLU A 19 -7.17 -7.26 -3.20
CA GLU A 19 -6.04 -7.77 -4.01
C GLU A 19 -6.08 -7.15 -5.41
N GLU A 20 -7.28 -7.17 -6.04
CA GLU A 20 -7.52 -6.58 -7.37
C GLU A 20 -7.05 -5.11 -7.42
N LYS A 21 -7.58 -4.29 -6.49
CA LYS A 21 -7.24 -2.85 -6.42
C LYS A 21 -5.81 -2.62 -5.91
N LEU A 22 -5.22 -3.60 -5.18
CA LEU A 22 -3.80 -3.55 -4.82
C LEU A 22 -2.96 -3.66 -6.11
N ARG A 23 -3.30 -4.61 -7.00
CA ARG A 23 -2.57 -4.81 -8.28
C ARG A 23 -2.70 -3.55 -9.17
N ASP A 24 -3.94 -3.04 -9.27
CA ASP A 24 -4.29 -1.87 -10.10
C ASP A 24 -3.56 -0.59 -9.62
N PHE A 25 -3.47 -0.43 -8.30
CA PHE A 25 -2.79 0.71 -7.64
C PHE A 25 -1.24 0.60 -7.77
N THR A 26 -0.71 -0.56 -7.36
CA THR A 26 0.73 -0.78 -7.13
C THR A 26 1.49 -1.15 -8.42
N ARG A 27 1.01 -2.18 -9.18
CA ARG A 27 1.78 -2.79 -10.29
C ARG A 27 2.02 -1.81 -11.46
N ALA A 28 1.14 -0.78 -11.58
CA ALA A 28 1.22 0.25 -12.66
C ALA A 28 2.64 0.86 -12.76
N TYR A 29 3.30 0.97 -11.59
CA TYR A 29 4.70 1.41 -11.47
C TYR A 29 5.48 0.45 -10.54
N GLU A 30 6.76 0.75 -10.33
CA GLU A 30 7.70 -0.16 -9.64
C GLU A 30 8.63 0.66 -8.71
N PRO A 31 9.59 0.01 -7.94
CA PRO A 31 10.65 0.74 -7.18
C PRO A 31 11.36 1.87 -7.97
N ASP A 32 11.57 1.62 -9.27
CA ASP A 32 12.27 2.55 -10.19
C ASP A 32 11.32 3.65 -10.74
N SER A 33 10.35 3.23 -11.58
CA SER A 33 9.42 4.14 -12.32
C SER A 33 8.53 4.94 -11.35
N VAL A 34 8.20 6.20 -11.78
CA VAL A 34 7.76 7.38 -10.95
C VAL A 34 9.03 8.20 -10.55
N LEU A 35 10.08 8.05 -11.39
CA LEU A 35 11.12 9.09 -11.60
C LEU A 35 11.96 9.44 -10.34
N PRO A 36 13.02 10.31 -10.51
CA PRO A 36 13.58 11.07 -9.38
C PRO A 36 12.60 12.17 -8.88
N LEU A 37 11.67 11.78 -7.97
CA LEU A 37 10.82 12.72 -7.21
C LEU A 37 11.73 13.68 -6.41
N ALA A 38 12.56 13.05 -5.58
CA ALA A 38 13.73 13.63 -4.94
C ALA A 38 14.66 12.48 -4.67
N ASP A 39 15.78 12.43 -5.43
CA ASP A 39 16.74 11.32 -5.41
C ASP A 39 17.22 11.08 -3.96
N GLY A 40 17.00 9.85 -3.49
CA GLY A 40 17.14 9.52 -2.08
C GLY A 40 15.79 9.47 -1.42
N VAL A 41 15.38 10.57 -0.76
CA VAL A 41 14.27 10.57 0.21
C VAL A 41 12.90 10.12 -0.38
N LEU A 42 12.37 10.85 -1.39
CA LEU A 42 10.99 10.63 -1.88
C LEU A 42 10.89 9.37 -2.75
N SER A 43 11.99 9.02 -3.44
CA SER A 43 12.07 7.78 -4.26
C SER A 43 12.23 6.55 -3.33
N PHE A 44 12.86 6.75 -2.15
CA PHE A 44 12.98 5.74 -1.08
C PHE A 44 11.58 5.43 -0.52
N ILE A 45 10.84 6.50 -0.17
CA ILE A 45 9.44 6.41 0.35
C ILE A 45 8.54 5.67 -0.66
N HIS A 46 8.66 6.10 -1.93
CA HIS A 46 8.05 5.47 -3.10
C HIS A 46 8.35 3.94 -3.12
N HIS A 47 9.64 3.60 -2.94
CA HIS A 47 10.10 2.20 -2.92
C HIS A 47 9.52 1.44 -1.72
N GLN A 48 9.40 2.09 -0.54
CA GLN A 48 8.89 1.45 0.71
C GLN A 48 7.39 1.09 0.60
N ILE A 49 6.62 2.04 0.01
CA ILE A 49 5.18 1.85 -0.28
C ILE A 49 5.03 0.65 -1.23
N ILE A 50 5.80 0.69 -2.34
CA ILE A 50 5.77 -0.39 -3.36
C ILE A 50 6.37 -1.70 -2.80
N GLU A 51 7.29 -1.59 -1.83
CA GLU A 51 7.96 -2.75 -1.23
C GLU A 51 6.93 -3.59 -0.48
N LEU A 52 6.27 -2.94 0.49
CA LEU A 52 5.30 -3.59 1.38
C LEU A 52 3.97 -3.88 0.64
N ALA A 53 3.64 -3.11 -0.41
CA ALA A 53 2.43 -3.35 -1.23
C ALA A 53 2.61 -4.59 -2.14
N ARG A 54 3.75 -4.67 -2.86
CA ARG A 54 4.09 -5.87 -3.67
C ARG A 54 4.21 -7.10 -2.76
N ASP A 55 4.82 -6.89 -1.56
CA ASP A 55 5.00 -7.92 -0.53
C ASP A 55 3.63 -8.42 -0.02
N CYS A 56 2.68 -7.47 0.19
CA CYS A 56 1.31 -7.77 0.65
C CYS A 56 0.59 -8.65 -0.39
N LEU A 57 0.67 -8.20 -1.65
CA LEU A 57 0.08 -8.89 -2.82
C LEU A 57 0.62 -10.33 -2.96
N THR A 58 1.94 -10.48 -2.79
CA THR A 58 2.62 -11.78 -2.83
C THR A 58 2.08 -12.70 -1.71
N LYS A 59 2.05 -12.17 -0.47
CA LYS A 59 1.67 -12.92 0.75
C LYS A 59 0.16 -13.18 0.84
N SER A 60 -0.67 -12.43 0.08
CA SER A 60 -2.14 -12.67 -0.06
C SER A 60 -2.45 -14.13 -0.50
N ARG A 61 -1.44 -14.81 -1.10
CA ARG A 61 -1.50 -16.25 -1.51
C ARG A 61 -1.86 -17.19 -0.34
N ASP A 62 -1.49 -16.80 0.89
CA ASP A 62 -1.81 -17.54 2.12
C ASP A 62 -3.29 -17.43 2.47
N GLY A 63 -3.82 -16.21 2.36
CA GLY A 63 -5.10 -15.87 2.98
C GLY A 63 -4.94 -15.51 4.46
N LEU A 64 -3.69 -15.19 4.84
CA LEU A 64 -3.32 -14.83 6.22
C LEU A 64 -3.46 -13.30 6.36
N ILE A 65 -2.36 -12.56 6.07
CA ILE A 65 -2.20 -11.11 6.34
C ILE A 65 -2.60 -10.78 7.80
N THR A 66 -1.59 -10.65 8.67
CA THR A 66 -1.79 -10.30 10.08
C THR A 66 -2.53 -8.94 10.23
N THR A 67 -3.33 -8.80 11.30
CA THR A 67 -4.06 -7.56 11.60
C THR A 67 -3.09 -6.38 11.85
N VAL A 68 -1.90 -6.73 12.40
CA VAL A 68 -0.79 -5.80 12.64
C VAL A 68 -0.33 -5.11 11.33
N TYR A 69 -0.41 -5.86 10.22
CA TYR A 69 0.17 -5.49 8.91
C TYR A 69 -0.49 -4.22 8.34
N PHE A 70 -1.83 -4.07 8.53
CA PHE A 70 -2.58 -2.88 8.06
C PHE A 70 -2.05 -1.62 8.75
N TYR A 71 -1.99 -1.69 10.10
CA TYR A 71 -1.51 -0.60 10.95
C TYR A 71 -0.03 -0.30 10.68
N GLU A 72 0.75 -1.35 10.40
CA GLU A 72 2.20 -1.26 10.16
C GLU A 72 2.49 -0.50 8.85
N LEU A 73 1.66 -0.80 7.83
CA LEU A 73 1.65 -0.06 6.56
C LEU A 73 1.36 1.44 6.83
N GLN A 74 0.23 1.70 7.50
CA GLN A 74 -0.23 3.07 7.84
C GLN A 74 0.86 3.90 8.57
N GLU A 75 1.46 3.25 9.60
CA GLU A 75 2.51 3.85 10.45
C GLU A 75 3.76 4.20 9.63
N ASN A 76 4.32 3.21 8.90
CA ASN A 76 5.56 3.38 8.12
C ASN A 76 5.39 4.46 7.04
N LEU A 77 4.37 4.27 6.18
CA LEU A 77 4.14 5.09 4.98
C LEU A 77 3.77 6.52 5.36
N GLU A 78 2.93 6.71 6.41
CA GLU A 78 2.52 8.07 6.81
C GLU A 78 3.59 8.72 7.70
N LYS A 79 4.49 7.91 8.31
CA LYS A 79 5.71 8.45 8.96
C LYS A 79 6.58 9.11 7.88
N LEU A 80 6.73 8.39 6.77
CA LEU A 80 7.46 8.83 5.58
C LEU A 80 6.72 9.97 4.85
N LEU A 81 5.38 10.02 5.00
CA LEU A 81 4.60 11.19 4.55
C LEU A 81 4.92 12.41 5.42
N GLN A 82 5.15 12.20 6.72
CA GLN A 82 5.59 13.27 7.64
C GLN A 82 7.08 13.61 7.45
N ASP A 83 7.85 12.68 6.84
CA ASP A 83 9.19 12.99 6.29
C ASP A 83 9.03 13.96 5.10
N ALA A 84 8.08 13.64 4.19
CA ALA A 84 7.76 14.44 2.98
C ALA A 84 7.23 15.86 3.33
N TYR A 85 6.29 15.92 4.31
CA TYR A 85 5.66 17.17 4.78
C TYR A 85 6.67 18.07 5.49
N GLU A 86 7.44 17.46 6.41
CA GLU A 86 8.41 18.19 7.27
C GLU A 86 9.81 18.25 6.57
N ARG A 87 9.79 18.40 5.24
CA ARG A 87 10.99 18.54 4.42
C ARG A 87 10.88 19.86 3.64
N SER A 88 9.99 19.89 2.63
CA SER A 88 9.66 21.11 1.84
C SER A 88 8.27 20.92 1.20
N GLU A 89 7.47 22.02 1.15
CA GLU A 89 6.16 22.01 0.46
C GLU A 89 6.38 22.14 -1.08
N SER A 90 6.53 20.98 -1.72
CA SER A 90 6.75 20.87 -3.18
C SER A 90 5.74 19.89 -3.81
N LEU A 91 5.75 19.86 -5.15
CA LEU A 91 4.80 19.08 -5.99
C LEU A 91 4.91 17.56 -5.74
N GLU A 92 6.16 17.09 -5.57
CA GLU A 92 6.46 15.63 -5.49
C GLU A 92 6.01 15.00 -4.16
N VAL A 93 5.67 15.85 -3.17
CA VAL A 93 5.08 15.42 -1.88
C VAL A 93 3.65 14.88 -2.10
N ALA A 94 2.96 15.42 -3.13
CA ALA A 94 1.57 15.04 -3.46
C ALA A 94 1.46 13.57 -3.87
N PHE A 95 2.54 13.01 -4.46
CA PHE A 95 2.62 11.56 -4.76
C PHE A 95 2.42 10.75 -3.47
N VAL A 96 3.22 11.09 -2.46
CA VAL A 96 3.25 10.38 -1.17
C VAL A 96 1.89 10.51 -0.46
N THR A 97 1.32 11.74 -0.49
CA THR A 97 0.00 12.06 0.09
C THR A 97 -1.11 11.15 -0.50
N GLN A 98 -1.22 11.17 -1.84
CA GLN A 98 -2.22 10.40 -2.59
C GLN A 98 -2.07 8.90 -2.33
N LEU A 99 -0.81 8.42 -2.34
CA LEU A 99 -0.48 6.99 -2.11
C LEU A 99 -0.91 6.52 -0.72
N VAL A 100 -0.62 7.33 0.30
CA VAL A 100 -0.97 7.00 1.70
C VAL A 100 -2.51 6.96 1.87
N LYS A 101 -3.23 8.05 1.47
CA LYS A 101 -4.70 8.14 1.64
C LYS A 101 -5.45 7.04 0.82
N LYS A 102 -4.98 6.80 -0.42
CA LYS A 102 -5.62 5.89 -1.37
C LYS A 102 -5.40 4.43 -0.94
N LEU A 103 -4.14 4.08 -0.61
CA LEU A 103 -3.83 2.74 -0.11
C LEU A 103 -4.47 2.52 1.27
N LEU A 104 -4.66 3.61 2.04
CA LEU A 104 -5.38 3.58 3.33
C LEU A 104 -6.82 3.11 3.10
N ILE A 105 -7.54 3.72 2.13
CA ILE A 105 -8.95 3.32 1.86
C ILE A 105 -9.05 1.94 1.15
N ILE A 106 -7.96 1.48 0.47
CA ILE A 106 -7.90 0.10 -0.07
C ILE A 106 -7.78 -0.93 1.09
N ILE A 107 -6.71 -0.82 1.92
CA ILE A 107 -6.40 -1.79 3.01
C ILE A 107 -7.34 -1.63 4.22
N SER A 108 -7.97 -0.44 4.30
CA SER A 108 -8.96 -0.07 5.33
C SER A 108 -8.29 0.20 6.70
N ARG A 109 -9.12 0.22 7.78
CA ARG A 109 -8.73 0.75 9.11
C ARG A 109 -8.47 2.26 9.05
N PRO A 110 -9.51 3.08 8.68
CA PRO A 110 -9.41 4.55 8.68
C PRO A 110 -9.67 5.13 10.10
N ALA A 111 -9.31 6.39 10.29
CA ALA A 111 -9.59 7.15 11.51
C ALA A 111 -10.44 8.38 11.13
N ARG A 112 -11.69 8.40 11.58
CA ARG A 112 -12.66 9.49 11.29
C ARG A 112 -13.54 9.71 12.56
N MET A 1 -21.54 -1.44 27.29
CA MET A 1 -20.52 -0.66 28.00
C MET A 1 -19.48 -1.61 28.66
N GLY A 2 -18.22 -1.53 28.16
CA GLY A 2 -17.11 -2.29 28.76
C GLY A 2 -17.13 -3.78 28.42
N HIS A 3 -16.07 -4.49 28.85
CA HIS A 3 -15.91 -5.94 28.68
C HIS A 3 -16.05 -6.32 27.19
N HIS A 4 -15.05 -5.90 26.38
CA HIS A 4 -15.11 -6.01 24.91
C HIS A 4 -14.90 -7.46 24.44
N HIS A 5 -16.01 -8.22 24.37
CA HIS A 5 -16.06 -9.56 23.74
C HIS A 5 -17.30 -9.61 22.81
N HIS A 6 -17.65 -8.43 22.27
CA HIS A 6 -18.64 -8.29 21.19
C HIS A 6 -17.98 -7.52 20.04
N HIS A 7 -18.17 -8.04 18.83
CA HIS A 7 -17.74 -7.39 17.58
C HIS A 7 -18.82 -7.63 16.51
N HIS A 8 -18.60 -7.08 15.31
CA HIS A 8 -19.56 -7.22 14.19
C HIS A 8 -19.51 -8.66 13.68
N SER A 9 -20.50 -9.46 14.10
CA SER A 9 -20.56 -10.92 13.87
C SER A 9 -20.90 -11.26 12.40
N HIS A 10 -19.87 -11.14 11.55
CA HIS A 10 -19.87 -11.50 10.13
C HIS A 10 -18.40 -11.68 9.73
N MET A 11 -18.15 -12.38 8.61
CA MET A 11 -16.81 -12.43 7.99
C MET A 11 -16.89 -11.77 6.60
N PRO A 12 -16.57 -10.44 6.49
CA PRO A 12 -16.52 -9.72 5.18
C PRO A 12 -15.28 -10.13 4.37
N LYS A 13 -15.33 -9.91 3.04
CA LYS A 13 -14.18 -10.13 2.18
C LYS A 13 -13.38 -8.82 2.06
N ALA A 14 -12.49 -8.59 3.03
CA ALA A 14 -11.49 -7.53 2.93
C ALA A 14 -10.43 -7.97 1.91
N THR A 15 -9.82 -9.14 2.19
CA THR A 15 -8.66 -9.69 1.46
C THR A 15 -8.80 -9.61 -0.07
N ALA A 16 -9.91 -10.16 -0.61
CA ALA A 16 -10.12 -10.29 -2.08
C ALA A 16 -10.13 -8.91 -2.78
N GLN A 17 -11.13 -8.08 -2.43
CA GLN A 17 -11.35 -6.76 -3.09
C GLN A 17 -10.16 -5.80 -2.84
N MET A 18 -9.56 -5.92 -1.63
CA MET A 18 -8.36 -5.14 -1.20
C MET A 18 -7.18 -5.48 -2.12
N GLU A 19 -6.90 -6.78 -2.28
CA GLU A 19 -5.74 -7.30 -3.06
C GLU A 19 -5.93 -7.07 -4.57
N GLU A 20 -7.19 -7.09 -5.04
CA GLU A 20 -7.54 -6.75 -6.44
C GLU A 20 -7.29 -5.26 -6.70
N LYS A 21 -7.73 -4.42 -5.74
CA LYS A 21 -7.52 -2.96 -5.80
C LYS A 21 -6.05 -2.61 -5.52
N LEU A 22 -5.34 -3.51 -4.82
CA LEU A 22 -3.90 -3.39 -4.50
C LEU A 22 -3.11 -3.71 -5.78
N ARG A 23 -3.63 -4.65 -6.59
CA ARG A 23 -3.11 -4.90 -7.94
C ARG A 23 -3.32 -3.65 -8.82
N ASP A 24 -4.56 -3.10 -8.81
CA ASP A 24 -4.92 -1.85 -9.52
C ASP A 24 -4.00 -0.67 -9.11
N PHE A 25 -3.59 -0.66 -7.84
CA PHE A 25 -2.58 0.27 -7.34
C PHE A 25 -1.22 0.01 -8.05
N THR A 26 -0.66 -1.18 -7.79
CA THR A 26 0.75 -1.52 -8.07
C THR A 26 1.08 -1.58 -9.59
N ARG A 27 0.08 -1.88 -10.46
CA ARG A 27 0.29 -2.03 -11.93
C ARG A 27 0.91 -0.79 -12.59
N ALA A 28 0.48 0.40 -12.12
CA ALA A 28 0.73 1.67 -12.81
C ALA A 28 2.22 2.11 -12.77
N TYR A 29 3.03 1.45 -11.90
CA TYR A 29 4.43 1.85 -11.64
C TYR A 29 5.28 0.67 -11.16
N GLU A 30 6.59 0.95 -11.08
CA GLU A 30 7.65 -0.02 -10.74
C GLU A 30 8.57 0.63 -9.68
N PRO A 31 9.51 -0.14 -9.01
CA PRO A 31 10.53 0.46 -8.10
C PRO A 31 11.50 1.34 -8.90
N ASP A 32 11.76 0.88 -10.13
CA ASP A 32 12.65 1.51 -11.11
C ASP A 32 11.97 2.75 -11.75
N SER A 33 10.71 2.56 -12.20
CA SER A 33 9.94 3.56 -12.97
C SER A 33 9.21 4.55 -12.04
N VAL A 34 8.67 5.64 -12.64
CA VAL A 34 8.35 6.93 -11.95
C VAL A 34 9.66 7.64 -11.62
N LEU A 35 9.79 8.90 -12.09
CA LEU A 35 10.96 9.72 -11.79
C LEU A 35 11.00 9.93 -10.25
N PRO A 36 12.13 9.54 -9.56
CA PRO A 36 12.18 9.37 -8.06
C PRO A 36 11.97 10.66 -7.20
N LEU A 37 11.32 11.70 -7.78
CA LEU A 37 10.65 12.79 -7.04
C LEU A 37 11.67 13.75 -6.38
N ALA A 38 12.28 13.33 -5.27
CA ALA A 38 13.33 14.10 -4.59
C ALA A 38 14.36 13.11 -4.06
N ASP A 39 15.65 13.46 -4.22
CA ASP A 39 16.79 12.59 -3.86
C ASP A 39 16.78 12.24 -2.36
N GLY A 40 17.03 10.96 -2.07
CA GLY A 40 17.13 10.47 -0.71
C GLY A 40 15.78 10.08 -0.14
N VAL A 41 14.98 11.08 0.25
CA VAL A 41 13.74 10.85 1.02
C VAL A 41 12.57 10.38 0.15
N LEU A 42 12.15 11.18 -0.85
CA LEU A 42 10.94 10.85 -1.65
C LEU A 42 11.19 9.69 -2.62
N SER A 43 12.47 9.48 -2.98
CA SER A 43 12.92 8.28 -3.70
C SER A 43 12.79 7.04 -2.79
N PHE A 44 13.20 7.20 -1.51
CA PHE A 44 13.04 6.16 -0.46
C PHE A 44 11.56 5.82 -0.28
N ILE A 45 10.68 6.85 -0.11
CA ILE A 45 9.25 6.62 0.19
C ILE A 45 8.54 6.02 -1.03
N HIS A 46 8.90 6.48 -2.25
CA HIS A 46 8.41 5.89 -3.53
C HIS A 46 8.78 4.39 -3.59
N HIS A 47 10.04 4.10 -3.21
CA HIS A 47 10.55 2.73 -3.14
C HIS A 47 9.72 1.92 -2.12
N GLN A 48 9.42 2.52 -0.95
CA GLN A 48 8.63 1.84 0.12
C GLN A 48 7.18 1.62 -0.35
N ILE A 49 6.67 2.57 -1.17
CA ILE A 49 5.33 2.47 -1.80
C ILE A 49 5.26 1.18 -2.62
N ILE A 50 6.23 1.00 -3.54
CA ILE A 50 6.24 -0.17 -4.45
C ILE A 50 6.57 -1.49 -3.70
N GLU A 51 7.55 -1.44 -2.78
CA GLU A 51 8.04 -2.63 -2.05
C GLU A 51 6.99 -3.15 -1.09
N LEU A 52 6.36 -2.23 -0.34
CA LEU A 52 5.28 -2.57 0.61
C LEU A 52 4.00 -2.98 -0.11
N ALA A 53 3.74 -2.38 -1.29
CA ALA A 53 2.63 -2.82 -2.16
C ALA A 53 2.83 -4.29 -2.59
N ARG A 54 3.98 -4.58 -3.19
CA ARG A 54 4.29 -5.92 -3.76
C ARG A 54 4.51 -6.98 -2.65
N ASP A 55 5.03 -6.56 -1.49
CA ASP A 55 5.22 -7.45 -0.33
C ASP A 55 3.84 -7.83 0.23
N CYS A 56 3.03 -6.78 0.52
CA CYS A 56 1.64 -6.95 0.99
C CYS A 56 0.83 -7.83 0.04
N LEU A 57 1.05 -7.61 -1.28
CA LEU A 57 0.35 -8.34 -2.34
C LEU A 57 0.77 -9.83 -2.38
N THR A 58 2.08 -10.12 -2.21
CA THR A 58 2.59 -11.51 -2.18
C THR A 58 2.08 -12.27 -0.92
N LYS A 59 1.84 -11.52 0.19
CA LYS A 59 1.20 -12.07 1.40
C LYS A 59 -0.33 -12.29 1.17
N SER A 60 -0.95 -11.34 0.45
CA SER A 60 -2.43 -11.25 0.26
C SER A 60 -2.98 -12.14 -0.87
N ARG A 61 -2.13 -12.56 -1.82
CA ARG A 61 -2.59 -13.25 -3.06
C ARG A 61 -3.02 -14.72 -2.78
N ASP A 62 -3.10 -15.10 -1.49
CA ASP A 62 -3.80 -16.32 -1.03
C ASP A 62 -4.45 -16.03 0.33
N GLY A 63 -3.60 -15.78 1.35
CA GLY A 63 -4.08 -15.47 2.71
C GLY A 63 -3.07 -15.85 3.79
N LEU A 64 -1.82 -15.40 3.61
CA LEU A 64 -0.72 -15.60 4.59
C LEU A 64 -0.26 -14.20 5.05
N ILE A 65 -1.27 -13.34 5.31
CA ILE A 65 -1.09 -11.96 5.78
C ILE A 65 -1.91 -11.78 7.06
N THR A 66 -1.19 -11.72 8.19
CA THR A 66 -1.79 -11.46 9.50
C THR A 66 -2.32 -10.02 9.56
N THR A 67 -3.42 -9.81 10.32
CA THR A 67 -4.15 -8.52 10.37
C THR A 67 -3.24 -7.39 10.89
N VAL A 68 -2.22 -7.76 11.72
CA VAL A 68 -1.29 -6.81 12.35
C VAL A 68 -0.52 -5.99 11.30
N TYR A 69 -0.22 -6.63 10.15
CA TYR A 69 0.53 -6.00 9.04
C TYR A 69 -0.28 -4.83 8.43
N PHE A 70 -1.63 -4.88 8.48
CA PHE A 70 -2.50 -3.77 7.99
C PHE A 70 -2.37 -2.51 8.87
N TYR A 71 -2.44 -2.70 10.20
CA TYR A 71 -2.30 -1.61 11.20
C TYR A 71 -0.88 -1.01 11.14
N GLU A 72 0.10 -1.93 11.07
CA GLU A 72 1.53 -1.61 10.97
C GLU A 72 1.76 -0.81 9.69
N LEU A 73 1.17 -1.28 8.58
CA LEU A 73 1.33 -0.66 7.24
C LEU A 73 0.72 0.75 7.23
N GLN A 74 -0.43 0.93 7.91
CA GLN A 74 -1.09 2.25 8.03
C GLN A 74 -0.13 3.25 8.71
N GLU A 75 0.25 2.91 9.95
CA GLU A 75 1.05 3.79 10.83
C GLU A 75 2.49 4.00 10.30
N ASN A 76 3.01 3.00 9.57
CA ASN A 76 4.34 3.03 8.94
C ASN A 76 4.30 3.98 7.74
N LEU A 77 3.28 3.81 6.88
CA LEU A 77 3.06 4.69 5.72
C LEU A 77 2.77 6.13 6.17
N GLU A 78 2.14 6.29 7.36
CA GLU A 78 1.84 7.61 7.94
C GLU A 78 3.12 8.26 8.50
N LYS A 79 4.03 7.45 9.03
CA LYS A 79 5.37 7.93 9.44
C LYS A 79 6.14 8.46 8.20
N LEU A 80 6.16 7.62 7.14
CA LEU A 80 6.76 7.94 5.82
C LEU A 80 6.03 9.13 5.16
N LEU A 81 4.73 9.26 5.48
CA LEU A 81 3.85 10.35 5.02
C LEU A 81 4.31 11.69 5.61
N GLN A 82 4.58 11.70 6.94
CA GLN A 82 5.05 12.92 7.63
C GLN A 82 6.45 13.30 7.13
N ASP A 83 7.31 12.27 6.91
CA ASP A 83 8.65 12.45 6.27
C ASP A 83 8.52 13.02 4.84
N ALA A 84 7.46 12.60 4.13
CA ALA A 84 7.14 13.10 2.78
C ALA A 84 6.75 14.59 2.80
N TYR A 85 5.85 14.95 3.75
CA TYR A 85 5.34 16.33 3.90
C TYR A 85 6.46 17.37 4.17
N GLU A 86 7.56 16.94 4.80
CA GLU A 86 8.69 17.83 5.16
C GLU A 86 9.48 18.29 3.91
N ARG A 87 9.61 17.40 2.92
CA ARG A 87 10.50 17.59 1.77
C ARG A 87 9.83 18.36 0.63
N SER A 88 10.64 18.68 -0.41
CA SER A 88 10.21 19.45 -1.62
C SER A 88 9.42 20.72 -1.19
N GLU A 89 8.36 21.08 -1.95
CA GLU A 89 7.37 22.07 -1.49
C GLU A 89 6.11 21.94 -2.36
N SER A 90 6.25 22.38 -3.62
CA SER A 90 5.16 22.38 -4.59
C SER A 90 5.31 21.16 -5.52
N LEU A 91 4.45 20.13 -5.30
CA LEU A 91 4.46 18.83 -6.03
C LEU A 91 5.60 17.90 -5.53
N GLU A 92 5.69 16.69 -6.16
CA GLU A 92 6.57 15.56 -5.74
C GLU A 92 6.04 14.91 -4.45
N VAL A 93 5.94 15.71 -3.38
CA VAL A 93 5.19 15.33 -2.16
C VAL A 93 3.76 14.90 -2.52
N ALA A 94 3.15 15.66 -3.46
CA ALA A 94 1.79 15.41 -3.98
C ALA A 94 1.60 13.93 -4.37
N PHE A 95 2.51 13.42 -5.24
CA PHE A 95 2.53 12.02 -5.67
C PHE A 95 2.57 11.10 -4.44
N VAL A 96 3.67 11.22 -3.68
CA VAL A 96 3.97 10.32 -2.55
C VAL A 96 2.78 10.22 -1.58
N THR A 97 2.24 11.37 -1.19
CA THR A 97 1.23 11.46 -0.13
C THR A 97 -0.12 10.93 -0.62
N GLN A 98 -0.53 11.33 -1.85
CA GLN A 98 -1.77 10.82 -2.45
C GLN A 98 -1.71 9.28 -2.58
N LEU A 99 -0.53 8.78 -2.99
CA LEU A 99 -0.26 7.34 -3.22
C LEU A 99 -0.21 6.54 -1.89
N VAL A 100 0.29 7.18 -0.83
CA VAL A 100 0.23 6.62 0.55
C VAL A 100 -1.25 6.46 0.95
N LYS A 101 -2.06 7.49 0.67
CA LYS A 101 -3.51 7.45 0.97
C LYS A 101 -4.28 6.56 -0.02
N LYS A 102 -3.73 6.29 -1.23
CA LYS A 102 -4.34 5.31 -2.15
C LYS A 102 -4.22 3.92 -1.54
N LEU A 103 -2.95 3.52 -1.26
CA LEU A 103 -2.64 2.20 -0.67
C LEU A 103 -3.32 2.04 0.70
N LEU A 104 -3.47 3.17 1.43
CA LEU A 104 -4.18 3.22 2.72
C LEU A 104 -5.68 2.89 2.55
N ILE A 105 -6.39 3.68 1.72
CA ILE A 105 -7.85 3.52 1.47
C ILE A 105 -8.17 2.12 0.88
N ILE A 106 -7.17 1.54 0.20
CA ILE A 106 -7.22 0.14 -0.28
C ILE A 106 -7.11 -0.89 0.88
N ILE A 107 -5.99 -0.83 1.66
CA ILE A 107 -5.66 -1.86 2.68
C ILE A 107 -6.51 -1.72 3.96
N SER A 108 -7.23 -0.59 4.07
CA SER A 108 -8.18 -0.35 5.17
C SER A 108 -9.59 -0.83 4.78
N ARG A 109 -10.53 -0.67 5.72
CA ARG A 109 -11.92 -1.13 5.60
C ARG A 109 -12.87 0.05 5.94
N PRO A 110 -14.14 0.04 5.41
CA PRO A 110 -15.20 0.92 5.94
C PRO A 110 -15.69 0.43 7.33
N ALA A 111 -16.07 1.38 8.20
CA ALA A 111 -16.73 1.09 9.49
C ALA A 111 -18.21 1.47 9.40
N ARG A 112 -18.74 1.37 8.18
CA ARG A 112 -20.06 1.88 7.81
C ARG A 112 -20.66 0.95 6.73
N MET A 1 4.72 -12.41 -13.69
CA MET A 1 3.28 -12.73 -13.76
C MET A 1 3.07 -14.07 -14.49
N GLY A 2 3.45 -14.08 -15.76
CA GLY A 2 3.22 -15.18 -16.68
C GLY A 2 3.21 -14.63 -18.09
N HIS A 3 2.10 -13.94 -18.40
CA HIS A 3 1.94 -13.03 -19.55
C HIS A 3 0.51 -12.47 -19.47
N HIS A 4 -0.44 -13.40 -19.26
CA HIS A 4 -1.80 -13.12 -18.78
C HIS A 4 -2.15 -14.23 -17.79
N HIS A 5 -1.69 -14.05 -16.53
CA HIS A 5 -1.75 -15.10 -15.50
C HIS A 5 -3.17 -15.23 -14.93
N HIS A 6 -3.55 -16.47 -14.56
CA HIS A 6 -4.92 -16.82 -14.14
C HIS A 6 -5.10 -16.76 -12.60
N HIS A 7 -6.40 -16.74 -12.21
CA HIS A 7 -6.90 -16.88 -10.83
C HIS A 7 -6.52 -15.70 -9.91
N HIS A 8 -7.56 -15.04 -9.37
CA HIS A 8 -7.41 -14.11 -8.23
C HIS A 8 -7.43 -14.98 -6.97
N SER A 9 -6.61 -14.64 -5.94
CA SER A 9 -6.54 -15.43 -4.66
C SER A 9 -7.97 -15.56 -4.06
N HIS A 10 -8.69 -14.40 -4.06
CA HIS A 10 -10.16 -14.34 -3.93
C HIS A 10 -10.72 -15.08 -2.69
N MET A 11 -10.62 -14.42 -1.53
CA MET A 11 -11.29 -14.84 -0.29
C MET A 11 -12.28 -13.73 0.13
N PRO A 12 -13.59 -14.06 0.35
CA PRO A 12 -14.48 -13.21 1.19
C PRO A 12 -13.88 -13.04 2.59
N LYS A 13 -14.03 -11.81 3.14
CA LYS A 13 -13.14 -11.18 4.14
C LYS A 13 -12.02 -10.44 3.38
N ALA A 14 -12.43 -9.28 2.81
CA ALA A 14 -11.53 -8.23 2.25
C ALA A 14 -10.85 -8.60 0.89
N THR A 15 -10.33 -9.85 0.78
CA THR A 15 -9.28 -10.21 -0.18
C THR A 15 -9.66 -9.94 -1.65
N ALA A 16 -10.85 -10.37 -2.10
CA ALA A 16 -11.24 -10.28 -3.54
C ALA A 16 -11.07 -8.85 -4.13
N GLN A 17 -11.84 -7.89 -3.57
CA GLN A 17 -11.84 -6.49 -4.03
C GLN A 17 -10.50 -5.80 -3.72
N MET A 18 -9.99 -6.03 -2.49
CA MET A 18 -8.75 -5.39 -1.97
C MET A 18 -7.50 -5.80 -2.79
N GLU A 19 -7.46 -7.09 -3.15
CA GLU A 19 -6.33 -7.70 -3.89
C GLU A 19 -6.36 -7.21 -5.31
N GLU A 20 -7.55 -7.25 -5.94
CA GLU A 20 -7.73 -6.69 -7.30
C GLU A 20 -7.40 -5.20 -7.35
N LYS A 21 -7.72 -4.49 -6.26
CA LYS A 21 -7.42 -3.06 -6.10
C LYS A 21 -5.90 -2.81 -6.02
N LEU A 22 -5.18 -3.68 -5.26
CA LEU A 22 -3.70 -3.61 -5.13
C LEU A 22 -3.03 -3.95 -6.48
N ARG A 23 -3.54 -5.00 -7.13
CA ARG A 23 -3.04 -5.49 -8.43
C ARG A 23 -3.17 -4.37 -9.49
N ASP A 24 -4.34 -3.70 -9.51
CA ASP A 24 -4.61 -2.56 -10.42
C ASP A 24 -3.71 -1.34 -10.10
N PHE A 25 -3.62 -1.03 -8.81
CA PHE A 25 -2.79 0.06 -8.25
C PHE A 25 -1.34 -0.04 -8.73
N THR A 26 -0.74 -1.22 -8.55
CA THR A 26 0.67 -1.47 -8.89
C THR A 26 0.85 -1.66 -10.42
N ARG A 27 -0.19 -2.22 -11.09
CA ARG A 27 -0.20 -2.43 -12.58
C ARG A 27 -0.19 -1.09 -13.36
N ALA A 28 -0.60 0.01 -12.68
CA ALA A 28 -0.60 1.36 -13.26
C ALA A 28 0.83 1.82 -13.66
N TYR A 29 1.87 1.20 -13.04
CA TYR A 29 3.28 1.63 -13.18
C TYR A 29 4.25 0.54 -12.69
N GLU A 30 5.49 0.96 -12.35
CA GLU A 30 6.50 0.14 -11.64
C GLU A 30 7.51 1.09 -10.93
N PRO A 31 8.31 0.61 -9.90
CA PRO A 31 9.16 1.51 -9.06
C PRO A 31 10.29 2.19 -9.87
N ASP A 32 10.65 1.56 -11.00
CA ASP A 32 11.68 2.04 -11.93
C ASP A 32 11.19 3.25 -12.74
N SER A 33 10.01 3.08 -13.36
CA SER A 33 9.47 4.01 -14.38
C SER A 33 9.10 5.40 -13.81
N VAL A 34 8.49 5.42 -12.62
CA VAL A 34 7.98 6.65 -11.97
C VAL A 34 9.12 7.48 -11.31
N LEU A 35 10.31 6.84 -11.18
CA LEU A 35 11.59 7.51 -10.80
C LEU A 35 11.63 7.98 -9.32
N PRO A 36 12.87 8.23 -8.75
CA PRO A 36 13.04 9.07 -7.53
C PRO A 36 12.45 10.49 -7.74
N LEU A 37 11.85 11.07 -6.67
CA LEU A 37 11.26 12.44 -6.73
C LEU A 37 12.28 13.46 -6.19
N ALA A 38 13.52 13.36 -6.73
CA ALA A 38 14.71 14.07 -6.21
C ALA A 38 15.03 13.63 -4.76
N ASP A 39 16.08 14.22 -4.19
CA ASP A 39 16.46 14.04 -2.77
C ASP A 39 16.82 12.55 -2.45
N GLY A 40 17.04 12.23 -1.18
CA GLY A 40 17.26 10.86 -0.76
C GLY A 40 16.00 10.21 -0.21
N VAL A 41 15.24 10.97 0.60
CA VAL A 41 14.09 10.41 1.34
C VAL A 41 12.88 10.19 0.42
N LEU A 42 12.64 11.10 -0.54
CA LEU A 42 11.50 10.97 -1.50
C LEU A 42 11.68 9.74 -2.42
N SER A 43 12.94 9.49 -2.81
CA SER A 43 13.35 8.28 -3.56
C SER A 43 13.00 6.99 -2.76
N PHE A 44 13.46 7.00 -1.50
CA PHE A 44 13.24 5.90 -0.53
C PHE A 44 11.74 5.61 -0.37
N ILE A 45 10.96 6.68 -0.18
CA ILE A 45 9.53 6.62 0.14
C ILE A 45 8.72 6.08 -1.07
N HIS A 46 9.02 6.59 -2.29
CA HIS A 46 8.43 6.05 -3.54
C HIS A 46 8.67 4.52 -3.64
N HIS A 47 9.96 4.14 -3.53
CA HIS A 47 10.40 2.73 -3.56
C HIS A 47 9.65 1.94 -2.48
N GLN A 48 9.56 2.51 -1.28
CA GLN A 48 9.00 1.86 -0.09
C GLN A 48 7.50 1.65 -0.26
N ILE A 49 6.81 2.61 -0.87
CA ILE A 49 5.36 2.51 -1.13
C ILE A 49 5.07 1.35 -2.10
N ILE A 50 5.83 1.29 -3.20
CA ILE A 50 5.68 0.18 -4.17
C ILE A 50 6.07 -1.16 -3.51
N GLU A 51 7.11 -1.11 -2.67
CA GLU A 51 7.72 -2.29 -2.00
C GLU A 51 6.79 -2.84 -0.89
N LEU A 52 5.97 -1.95 -0.30
CA LEU A 52 4.97 -2.31 0.71
C LEU A 52 3.68 -2.82 0.05
N ALA A 53 3.40 -2.34 -1.19
CA ALA A 53 2.34 -2.91 -2.04
C ALA A 53 2.69 -4.37 -2.44
N ARG A 54 3.94 -4.56 -2.89
CA ARG A 54 4.48 -5.89 -3.24
C ARG A 54 4.47 -6.82 -2.02
N ASP A 55 4.96 -6.28 -0.88
CA ASP A 55 5.01 -6.98 0.41
C ASP A 55 3.61 -7.40 0.86
N CYS A 56 2.64 -6.46 0.76
CA CYS A 56 1.23 -6.70 1.14
C CYS A 56 0.55 -7.74 0.24
N LEU A 57 0.92 -7.75 -1.06
CA LEU A 57 0.33 -8.71 -2.03
C LEU A 57 0.87 -10.13 -1.81
N THR A 58 2.15 -10.24 -1.39
CA THR A 58 2.74 -11.54 -1.01
C THR A 58 2.25 -12.00 0.37
N LYS A 59 1.96 -11.02 1.27
CA LYS A 59 1.37 -11.29 2.60
C LYS A 59 -0.13 -11.61 2.47
N SER A 60 -0.77 -11.18 1.36
CA SER A 60 -2.14 -11.60 1.01
C SER A 60 -2.20 -13.13 0.78
N ARG A 61 -1.07 -13.71 0.30
CA ARG A 61 -0.93 -15.17 0.09
C ARG A 61 -0.16 -15.85 1.24
N ASP A 62 0.17 -15.07 2.29
CA ASP A 62 0.62 -15.62 3.60
C ASP A 62 -0.53 -16.46 4.22
N GLY A 63 -1.80 -16.07 3.88
CA GLY A 63 -3.00 -16.84 4.26
C GLY A 63 -3.30 -16.84 5.75
N LEU A 64 -2.55 -16.05 6.50
CA LEU A 64 -2.57 -15.95 7.95
C LEU A 64 -2.93 -14.49 8.24
N ILE A 65 -2.00 -13.61 7.78
CA ILE A 65 -2.03 -12.16 7.99
C ILE A 65 -2.24 -11.78 9.47
N THR A 66 -1.14 -11.43 10.13
CA THR A 66 -1.20 -10.71 11.40
C THR A 66 -1.99 -9.40 11.14
N THR A 67 -3.14 -9.23 11.80
CA THR A 67 -3.94 -7.98 11.73
C THR A 67 -3.04 -6.76 12.07
N VAL A 68 -2.16 -7.02 13.05
CA VAL A 68 -1.01 -6.19 13.46
C VAL A 68 -0.18 -5.62 12.28
N TYR A 69 0.05 -6.45 11.24
CA TYR A 69 0.81 -6.04 10.01
C TYR A 69 0.21 -4.79 9.33
N PHE A 70 -1.13 -4.68 9.31
CA PHE A 70 -1.83 -3.53 8.68
C PHE A 70 -1.78 -2.27 9.56
N TYR A 71 -1.61 -2.43 10.88
CA TYR A 71 -1.37 -1.30 11.80
C TYR A 71 0.05 -0.77 11.61
N GLU A 72 1.02 -1.70 11.45
CA GLU A 72 2.39 -1.34 11.04
C GLU A 72 2.39 -0.62 9.69
N LEU A 73 1.59 -1.15 8.73
CA LEU A 73 1.52 -0.61 7.36
C LEU A 73 0.96 0.83 7.38
N GLN A 74 -0.07 1.04 8.24
CA GLN A 74 -0.68 2.35 8.43
C GLN A 74 0.39 3.35 8.96
N GLU A 75 1.03 2.97 10.08
CA GLU A 75 2.00 3.85 10.77
C GLU A 75 3.27 4.09 9.92
N ASN A 76 3.71 3.08 9.14
CA ASN A 76 4.94 3.21 8.32
C ASN A 76 4.66 4.10 7.12
N LEU A 77 3.45 3.97 6.52
CA LEU A 77 3.00 4.87 5.43
C LEU A 77 2.87 6.31 5.95
N GLU A 78 2.34 6.44 7.17
CA GLU A 78 2.08 7.75 7.79
C GLU A 78 3.42 8.43 8.21
N LYS A 79 4.43 7.61 8.55
CA LYS A 79 5.78 8.12 8.87
C LYS A 79 6.53 8.49 7.57
N LEU A 80 6.28 7.73 6.48
CA LEU A 80 6.76 8.09 5.12
C LEU A 80 6.11 9.44 4.70
N LEU A 81 4.82 9.56 5.05
CA LEU A 81 3.97 10.73 4.77
C LEU A 81 4.54 11.98 5.45
N GLN A 82 4.90 11.84 6.73
CA GLN A 82 5.48 12.92 7.55
C GLN A 82 6.90 13.30 7.09
N ASP A 83 7.74 12.28 6.79
CA ASP A 83 9.12 12.48 6.29
C ASP A 83 9.14 13.19 4.92
N ALA A 84 8.10 12.90 4.11
CA ALA A 84 7.88 13.61 2.84
C ALA A 84 7.48 15.07 3.12
N TYR A 85 6.40 15.25 3.93
CA TYR A 85 5.85 16.59 4.30
C TYR A 85 6.93 17.53 4.89
N GLU A 86 7.98 16.95 5.48
CA GLU A 86 9.11 17.69 6.07
C GLU A 86 9.96 18.35 4.94
N ARG A 87 10.61 19.48 5.28
CA ARG A 87 11.50 20.27 4.39
C ARG A 87 10.71 21.10 3.34
N SER A 88 10.43 20.50 2.16
CA SER A 88 10.05 21.26 0.94
C SER A 88 9.00 20.53 0.09
N GLU A 89 8.34 21.30 -0.81
CA GLU A 89 7.38 20.77 -1.79
C GLU A 89 7.20 21.73 -2.98
N SER A 90 7.13 21.16 -4.17
CA SER A 90 6.59 21.82 -5.39
C SER A 90 5.58 20.84 -6.00
N LEU A 91 5.98 19.55 -6.00
CA LEU A 91 5.07 18.40 -6.11
C LEU A 91 5.44 17.50 -4.90
N GLU A 92 6.47 16.61 -5.11
CA GLU A 92 7.11 15.73 -4.08
C GLU A 92 6.10 15.09 -3.09
N VAL A 93 5.74 15.88 -2.05
CA VAL A 93 4.96 15.39 -0.90
C VAL A 93 3.54 14.97 -1.32
N ALA A 94 3.02 15.60 -2.41
CA ALA A 94 1.65 15.38 -2.89
C ALA A 94 1.48 13.99 -3.51
N PHE A 95 2.53 13.51 -4.21
CA PHE A 95 2.59 12.12 -4.71
C PHE A 95 2.46 11.15 -3.53
N VAL A 96 3.30 11.38 -2.51
CA VAL A 96 3.34 10.55 -1.29
C VAL A 96 1.98 10.62 -0.53
N THR A 97 1.34 11.80 -0.55
CA THR A 97 0.01 12.03 0.05
C THR A 97 -1.01 11.07 -0.57
N GLN A 98 -1.18 11.21 -1.90
CA GLN A 98 -2.15 10.41 -2.67
C GLN A 98 -1.80 8.90 -2.63
N LEU A 99 -0.52 8.53 -2.71
CA LEU A 99 -0.06 7.11 -2.83
C LEU A 99 -0.22 6.33 -1.49
N VAL A 100 0.20 6.97 -0.39
CA VAL A 100 -0.08 6.49 0.98
C VAL A 100 -1.59 6.32 1.18
N LYS A 101 -2.33 7.36 0.77
CA LYS A 101 -3.79 7.43 0.89
C LYS A 101 -4.47 6.31 0.07
N LYS A 102 -3.98 6.07 -1.17
CA LYS A 102 -4.54 5.04 -2.08
C LYS A 102 -4.27 3.64 -1.56
N LEU A 103 -3.06 3.42 -1.02
CA LEU A 103 -2.67 2.12 -0.42
C LEU A 103 -3.48 1.87 0.87
N LEU A 104 -3.91 2.97 1.53
CA LEU A 104 -4.86 2.93 2.67
C LEU A 104 -6.33 2.74 2.18
N ILE A 105 -6.65 3.26 0.96
CA ILE A 105 -7.98 3.14 0.33
C ILE A 105 -8.16 1.75 -0.34
N ILE A 106 -7.04 1.06 -0.62
CA ILE A 106 -7.03 -0.37 -1.03
C ILE A 106 -7.59 -1.21 0.12
N ILE A 107 -7.02 -0.97 1.31
CA ILE A 107 -7.36 -1.68 2.54
C ILE A 107 -8.43 -0.86 3.34
N SER A 108 -9.29 -0.12 2.60
CA SER A 108 -10.29 0.80 3.18
C SER A 108 -11.28 0.07 4.12
N ARG A 109 -11.61 0.73 5.24
CA ARG A 109 -12.27 0.07 6.38
C ARG A 109 -13.81 0.11 6.29
N PRO A 110 -14.48 -0.95 6.81
CA PRO A 110 -15.81 -0.80 7.41
C PRO A 110 -15.65 -0.23 8.85
N ALA A 111 -16.57 0.65 9.28
CA ALA A 111 -16.49 1.32 10.60
C ALA A 111 -16.92 0.35 11.73
N ARG A 112 -16.21 0.42 12.87
CA ARG A 112 -16.46 -0.43 14.05
C ARG A 112 -16.22 0.42 15.32
N MET A 1 -9.23 -27.41 -10.33
CA MET A 1 -10.67 -27.67 -10.06
C MET A 1 -11.41 -26.32 -10.05
N GLY A 2 -10.97 -25.43 -9.14
CA GLY A 2 -11.30 -24.01 -9.23
C GLY A 2 -10.20 -23.30 -10.01
N HIS A 3 -10.57 -22.66 -11.14
CA HIS A 3 -9.61 -21.92 -11.97
C HIS A 3 -9.21 -20.66 -11.18
N HIS A 4 -8.11 -20.76 -10.39
CA HIS A 4 -7.77 -19.76 -9.36
C HIS A 4 -7.75 -18.32 -9.92
N HIS A 5 -8.74 -17.55 -9.46
CA HIS A 5 -8.98 -16.14 -9.78
C HIS A 5 -9.11 -15.86 -11.31
N HIS A 6 -9.63 -16.83 -12.08
CA HIS A 6 -10.18 -16.57 -13.43
C HIS A 6 -11.69 -16.28 -13.28
N HIS A 7 -11.94 -15.17 -12.57
CA HIS A 7 -13.27 -14.60 -12.25
C HIS A 7 -13.02 -13.40 -11.32
N HIS A 8 -13.53 -12.22 -11.72
CA HIS A 8 -13.16 -10.91 -11.12
C HIS A 8 -13.89 -10.65 -9.79
N SER A 9 -14.85 -11.51 -9.47
CA SER A 9 -15.53 -11.53 -8.15
C SER A 9 -15.80 -12.98 -7.73
N HIS A 10 -16.34 -13.13 -6.49
CA HIS A 10 -16.48 -14.41 -5.75
C HIS A 10 -15.12 -14.85 -5.18
N MET A 11 -15.20 -15.61 -4.07
CA MET A 11 -14.18 -15.61 -2.97
C MET A 11 -14.35 -14.22 -2.29
N PRO A 12 -15.54 -13.99 -1.65
CA PRO A 12 -16.05 -12.64 -1.34
C PRO A 12 -15.52 -12.06 -0.02
N LYS A 13 -14.50 -12.72 0.56
CA LYS A 13 -13.81 -12.24 1.75
C LYS A 13 -12.77 -11.19 1.34
N ALA A 14 -12.60 -10.17 2.20
CA ALA A 14 -12.01 -8.84 1.87
C ALA A 14 -10.60 -8.89 1.27
N THR A 15 -9.88 -9.99 1.47
CA THR A 15 -8.55 -10.24 0.84
C THR A 15 -8.62 -10.08 -0.70
N ALA A 16 -9.68 -10.63 -1.30
CA ALA A 16 -9.86 -10.65 -2.78
C ALA A 16 -10.18 -9.25 -3.31
N GLN A 17 -11.12 -8.53 -2.69
CA GLN A 17 -11.54 -7.17 -3.13
C GLN A 17 -10.37 -6.18 -2.99
N MET A 18 -9.68 -6.29 -1.85
CA MET A 18 -8.44 -5.57 -1.57
C MET A 18 -7.36 -5.92 -2.61
N GLU A 19 -7.30 -7.21 -3.02
CA GLU A 19 -6.37 -7.70 -4.07
C GLU A 19 -6.71 -7.07 -5.44
N GLU A 20 -8.02 -6.91 -5.74
CA GLU A 20 -8.47 -6.31 -7.01
C GLU A 20 -7.93 -4.89 -7.12
N LYS A 21 -8.17 -4.12 -6.04
CA LYS A 21 -7.70 -2.74 -5.94
C LYS A 21 -6.15 -2.68 -5.89
N LEU A 22 -5.51 -3.65 -5.19
CA LEU A 22 -4.03 -3.66 -5.03
C LEU A 22 -3.33 -3.91 -6.38
N ARG A 23 -3.86 -4.89 -7.15
CA ARG A 23 -3.36 -5.18 -8.51
C ARG A 23 -3.56 -3.96 -9.42
N ASP A 24 -4.84 -3.51 -9.51
CA ASP A 24 -5.27 -2.41 -10.44
C ASP A 24 -4.48 -1.10 -10.17
N PHE A 25 -4.19 -0.86 -8.88
CA PHE A 25 -3.41 0.32 -8.42
C PHE A 25 -1.91 0.16 -8.74
N THR A 26 -1.28 -0.84 -8.08
CA THR A 26 0.19 -0.95 -8.01
C THR A 26 0.83 -1.32 -9.37
N ARG A 27 0.15 -2.22 -10.12
CA ARG A 27 0.74 -2.90 -11.31
C ARG A 27 1.30 -1.91 -12.38
N ALA A 28 0.65 -0.73 -12.47
CA ALA A 28 0.99 0.30 -13.48
C ALA A 28 2.40 0.89 -13.26
N TYR A 29 2.84 1.01 -11.99
CA TYR A 29 4.13 1.64 -11.63
C TYR A 29 4.92 0.77 -10.63
N GLU A 30 6.26 0.86 -10.74
CA GLU A 30 7.21 -0.07 -10.10
C GLU A 30 8.34 0.76 -9.41
N PRO A 31 9.39 0.14 -8.75
CA PRO A 31 10.56 0.93 -8.26
C PRO A 31 11.33 1.64 -9.42
N ASP A 32 12.02 0.86 -10.26
CA ASP A 32 12.88 1.40 -11.34
C ASP A 32 12.05 2.08 -12.46
N SER A 33 10.84 1.57 -12.70
CA SER A 33 9.99 1.98 -13.86
C SER A 33 9.41 3.42 -13.71
N VAL A 34 9.38 3.97 -12.48
CA VAL A 34 8.97 5.39 -12.26
C VAL A 34 10.01 6.15 -11.42
N LEU A 35 11.29 5.77 -11.62
CA LEU A 35 12.47 6.62 -11.29
C LEU A 35 12.62 6.91 -9.76
N PRO A 36 13.71 7.62 -9.34
CA PRO A 36 13.70 8.41 -8.07
C PRO A 36 12.66 9.56 -8.13
N LEU A 37 12.44 10.22 -6.99
CA LEU A 37 11.56 11.41 -6.93
C LEU A 37 12.47 12.66 -6.72
N ALA A 38 12.67 13.07 -5.45
CA ALA A 38 13.77 13.95 -5.04
C ALA A 38 14.79 13.04 -4.36
N ASP A 39 15.98 12.91 -4.97
CA ASP A 39 16.92 11.83 -4.64
C ASP A 39 17.41 11.93 -3.18
N GLY A 40 17.26 10.80 -2.46
CA GLY A 40 17.51 10.73 -1.03
C GLY A 40 16.25 10.33 -0.29
N VAL A 41 15.60 11.31 0.37
CA VAL A 41 14.39 11.07 1.19
C VAL A 41 13.24 10.51 0.32
N LEU A 42 12.84 11.28 -0.70
CA LEU A 42 11.61 11.00 -1.48
C LEU A 42 11.74 9.75 -2.36
N SER A 43 12.97 9.48 -2.85
CA SER A 43 13.28 8.22 -3.57
C SER A 43 13.04 6.99 -2.68
N PHE A 44 13.44 7.14 -1.41
CA PHE A 44 13.30 6.10 -0.38
C PHE A 44 11.83 5.95 0.05
N ILE A 45 11.07 7.07 0.13
CA ILE A 45 9.61 7.03 0.46
C ILE A 45 8.86 6.26 -0.65
N HIS A 46 9.21 6.61 -1.92
CA HIS A 46 8.70 5.92 -3.13
C HIS A 46 8.99 4.42 -3.07
N HIS A 47 10.26 4.08 -2.76
CA HIS A 47 10.72 2.68 -2.63
C HIS A 47 9.84 1.93 -1.61
N GLN A 48 9.61 2.55 -0.46
CA GLN A 48 8.86 1.95 0.66
C GLN A 48 7.37 1.75 0.31
N ILE A 49 6.75 2.75 -0.34
CA ILE A 49 5.33 2.69 -0.75
C ILE A 49 5.12 1.54 -1.76
N ILE A 50 5.95 1.52 -2.82
CA ILE A 50 5.80 0.52 -3.90
C ILE A 50 6.19 -0.88 -3.41
N GLU A 51 7.31 -0.98 -2.63
CA GLU A 51 7.79 -2.28 -2.11
C GLU A 51 6.74 -2.89 -1.18
N LEU A 52 6.18 -2.07 -0.25
CA LEU A 52 5.16 -2.53 0.71
C LEU A 52 3.78 -2.69 0.08
N ALA A 53 3.55 -2.05 -1.08
CA ALA A 53 2.34 -2.35 -1.90
C ALA A 53 2.45 -3.79 -2.42
N ARG A 54 3.58 -4.07 -3.09
CA ARG A 54 3.85 -5.39 -3.67
C ARG A 54 4.03 -6.46 -2.58
N ASP A 55 4.54 -6.03 -1.40
CA ASP A 55 4.80 -6.90 -0.24
C ASP A 55 3.47 -7.21 0.46
N CYS A 56 2.60 -6.19 0.57
CA CYS A 56 1.23 -6.38 1.10
C CYS A 56 0.44 -7.32 0.17
N LEU A 57 0.71 -7.22 -1.14
CA LEU A 57 0.09 -8.09 -2.17
C LEU A 57 0.60 -9.55 -2.05
N THR A 58 1.91 -9.70 -1.83
CA THR A 58 2.55 -11.02 -1.61
C THR A 58 1.99 -11.69 -0.32
N LYS A 59 1.86 -10.88 0.74
CA LYS A 59 1.43 -11.35 2.08
C LYS A 59 -0.10 -11.52 2.16
N SER A 60 -0.85 -10.80 1.29
CA SER A 60 -2.31 -10.97 1.15
C SER A 60 -2.63 -12.28 0.40
N ARG A 61 -1.87 -12.50 -0.68
CA ARG A 61 -1.99 -13.68 -1.56
C ARG A 61 -1.64 -14.96 -0.79
N ASP A 62 -0.61 -14.83 0.06
CA ASP A 62 -0.17 -15.88 0.99
C ASP A 62 -1.27 -16.15 2.04
N GLY A 63 -1.91 -15.06 2.49
CA GLY A 63 -2.87 -15.12 3.58
C GLY A 63 -2.21 -14.97 4.94
N LEU A 64 -1.05 -14.29 4.95
CA LEU A 64 -0.29 -13.99 6.18
C LEU A 64 -1.04 -13.00 7.07
N ILE A 65 -1.44 -11.87 6.42
CA ILE A 65 -1.88 -10.65 7.11
C ILE A 65 -2.95 -10.94 8.20
N THR A 66 -2.42 -11.09 9.44
CA THR A 66 -3.19 -11.37 10.65
C THR A 66 -4.24 -10.26 10.88
N THR A 67 -3.71 -9.04 11.05
CA THR A 67 -4.46 -7.78 11.10
C THR A 67 -3.44 -6.66 11.36
N VAL A 68 -2.43 -6.99 12.21
CA VAL A 68 -1.36 -6.08 12.63
C VAL A 68 -0.58 -5.54 11.41
N TYR A 69 -0.47 -6.38 10.37
CA TYR A 69 0.32 -6.09 9.15
C TYR A 69 -0.25 -4.86 8.40
N PHE A 70 -1.61 -4.75 8.37
CA PHE A 70 -2.31 -3.57 7.82
C PHE A 70 -1.91 -2.30 8.58
N TYR A 71 -1.85 -2.43 9.92
CA TYR A 71 -1.63 -1.31 10.85
C TYR A 71 -0.17 -0.82 10.76
N GLU A 72 0.76 -1.77 10.57
CA GLU A 72 2.20 -1.49 10.39
C GLU A 72 2.47 -0.91 8.99
N LEU A 73 1.64 -1.35 8.01
CA LEU A 73 1.66 -0.80 6.64
C LEU A 73 1.32 0.70 6.75
N GLN A 74 0.20 1.00 7.44
CA GLN A 74 -0.30 2.37 7.68
C GLN A 74 0.69 3.20 8.52
N GLU A 75 1.36 2.54 9.48
CA GLU A 75 2.33 3.18 10.39
C GLU A 75 3.56 3.66 9.57
N ASN A 76 4.04 2.76 8.67
CA ASN A 76 5.14 3.07 7.73
C ASN A 76 4.73 4.22 6.79
N LEU A 77 3.52 4.11 6.21
CA LEU A 77 2.98 5.08 5.25
C LEU A 77 2.89 6.48 5.87
N GLU A 78 2.31 6.57 7.08
CA GLU A 78 2.10 7.85 7.79
C GLU A 78 3.45 8.43 8.25
N LYS A 79 4.36 7.54 8.70
CA LYS A 79 5.72 7.92 9.15
C LYS A 79 6.45 8.66 8.03
N LEU A 80 6.46 8.03 6.86
CA LEU A 80 7.22 8.48 5.69
C LEU A 80 6.47 9.57 4.91
N LEU A 81 5.15 9.64 5.11
CA LEU A 81 4.31 10.77 4.67
C LEU A 81 4.68 12.02 5.52
N GLN A 82 4.98 11.78 6.80
CA GLN A 82 5.43 12.83 7.74
C GLN A 82 6.91 13.21 7.45
N ASP A 83 7.73 12.22 7.03
CA ASP A 83 9.13 12.45 6.55
C ASP A 83 9.12 13.28 5.26
N ALA A 84 8.11 13.02 4.41
CA ALA A 84 7.91 13.75 3.15
C ALA A 84 7.38 15.18 3.41
N TYR A 85 6.53 15.35 4.44
CA TYR A 85 6.04 16.68 4.88
C TYR A 85 7.20 17.54 5.43
N GLU A 86 8.24 16.86 5.96
CA GLU A 86 9.51 17.51 6.32
C GLU A 86 10.34 17.64 5.02
N ARG A 87 10.86 18.86 4.75
CA ARG A 87 11.53 19.26 3.48
C ARG A 87 10.50 19.52 2.35
N SER A 88 9.25 19.08 2.57
CA SER A 88 8.02 19.65 1.97
C SER A 88 7.74 19.17 0.53
N GLU A 89 6.58 19.64 -0.01
CA GLU A 89 5.91 19.08 -1.20
C GLU A 89 6.80 19.04 -2.46
N SER A 90 7.16 20.24 -2.95
CA SER A 90 7.70 20.44 -4.30
C SER A 90 6.64 19.94 -5.33
N LEU A 91 6.74 18.64 -5.72
CA LEU A 91 5.67 17.87 -6.42
C LEU A 91 5.70 16.41 -5.90
N GLU A 92 6.87 16.00 -5.40
CA GLU A 92 7.21 14.62 -5.00
C GLU A 92 6.24 14.07 -3.94
N VAL A 93 5.85 14.95 -3.01
CA VAL A 93 5.02 14.59 -1.85
C VAL A 93 3.54 14.52 -2.21
N ALA A 94 3.13 15.14 -3.33
CA ALA A 94 1.76 14.95 -3.88
C ALA A 94 1.57 13.46 -4.20
N PHE A 95 2.54 12.90 -4.94
CA PHE A 95 2.63 11.45 -5.24
C PHE A 95 2.58 10.61 -3.94
N VAL A 96 3.44 10.99 -2.96
CA VAL A 96 3.53 10.29 -1.65
C VAL A 96 2.17 10.23 -0.92
N THR A 97 1.60 11.42 -0.65
CA THR A 97 0.34 11.59 0.11
C THR A 97 -0.83 10.85 -0.56
N GLN A 98 -0.90 10.96 -1.90
CA GLN A 98 -1.90 10.25 -2.71
C GLN A 98 -1.77 8.74 -2.47
N LEU A 99 -0.60 8.16 -2.80
CA LEU A 99 -0.39 6.69 -2.76
C LEU A 99 -0.53 6.10 -1.34
N VAL A 100 -0.21 6.90 -0.30
CA VAL A 100 -0.47 6.55 1.11
C VAL A 100 -2.00 6.41 1.35
N LYS A 101 -2.74 7.45 0.93
CA LYS A 101 -4.20 7.53 1.11
C LYS A 101 -4.92 6.42 0.30
N LYS A 102 -4.40 6.16 -0.92
CA LYS A 102 -4.98 5.17 -1.85
C LYS A 102 -4.69 3.73 -1.35
N LEU A 103 -3.47 3.52 -0.78
CA LEU A 103 -3.07 2.22 -0.21
C LEU A 103 -3.98 1.91 1.00
N LEU A 104 -4.28 2.95 1.78
CA LEU A 104 -5.24 2.88 2.90
C LEU A 104 -6.66 2.51 2.38
N ILE A 105 -7.05 3.14 1.25
CA ILE A 105 -8.33 2.85 0.54
C ILE A 105 -8.38 1.38 -0.01
N ILE A 106 -7.21 0.83 -0.39
CA ILE A 106 -7.07 -0.59 -0.80
C ILE A 106 -7.38 -1.52 0.37
N ILE A 107 -6.64 -1.35 1.47
CA ILE A 107 -6.75 -2.21 2.67
C ILE A 107 -7.96 -1.82 3.58
N SER A 108 -8.82 -0.92 3.05
CA SER A 108 -10.09 -0.53 3.66
C SER A 108 -11.10 -0.24 2.51
N ARG A 109 -11.93 0.83 2.63
CA ARG A 109 -12.88 1.25 1.57
C ARG A 109 -12.64 2.75 1.24
N PRO A 110 -13.01 3.22 -0.01
CA PRO A 110 -12.91 4.65 -0.39
C PRO A 110 -13.89 5.55 0.43
N ALA A 111 -13.35 6.67 0.95
CA ALA A 111 -14.10 7.70 1.71
C ALA A 111 -14.68 7.14 3.05
N ARG A 112 -15.44 7.98 3.78
CA ARG A 112 -16.07 7.59 5.05
C ARG A 112 -17.41 6.88 4.73
N MET A 1 -1.05 -30.29 -12.47
CA MET A 1 -0.93 -28.84 -12.21
C MET A 1 -2.14 -28.38 -11.36
N GLY A 2 -1.87 -27.94 -10.12
CA GLY A 2 -2.95 -27.65 -9.17
C GLY A 2 -2.54 -26.74 -8.02
N HIS A 3 -2.06 -25.53 -8.37
CA HIS A 3 -2.00 -24.40 -7.43
C HIS A 3 -2.87 -23.28 -8.04
N HIS A 4 -4.12 -23.64 -8.29
CA HIS A 4 -5.18 -22.74 -8.74
C HIS A 4 -6.50 -23.23 -8.14
N HIS A 5 -6.39 -23.71 -6.88
CA HIS A 5 -7.54 -24.02 -6.02
C HIS A 5 -8.19 -22.68 -5.63
N HIS A 6 -9.08 -22.22 -6.52
CA HIS A 6 -9.63 -20.86 -6.50
C HIS A 6 -11.14 -20.95 -6.67
N HIS A 7 -11.87 -20.76 -5.57
CA HIS A 7 -13.34 -20.76 -5.60
C HIS A 7 -13.86 -19.39 -5.13
N HIS A 8 -14.49 -18.68 -6.06
CA HIS A 8 -15.28 -17.48 -5.77
C HIS A 8 -16.70 -17.98 -5.41
N SER A 9 -17.21 -17.62 -4.21
CA SER A 9 -18.41 -18.26 -3.60
C SER A 9 -19.69 -17.41 -3.73
N HIS A 10 -19.67 -16.37 -4.62
CA HIS A 10 -20.75 -15.34 -4.75
C HIS A 10 -20.74 -14.35 -3.57
N MET A 11 -20.38 -14.84 -2.36
CA MET A 11 -19.85 -14.00 -1.29
C MET A 11 -18.32 -13.90 -1.47
N PRO A 12 -17.78 -12.73 -1.93
CA PRO A 12 -16.35 -12.43 -1.80
C PRO A 12 -16.07 -11.68 -0.48
N LYS A 13 -15.05 -12.13 0.26
CA LYS A 13 -14.46 -11.33 1.36
C LYS A 13 -13.68 -10.15 0.75
N ALA A 14 -13.17 -9.27 1.62
CA ALA A 14 -12.38 -8.10 1.20
C ALA A 14 -11.14 -8.51 0.42
N THR A 15 -10.60 -9.73 0.69
CA THR A 15 -9.36 -10.25 0.09
C THR A 15 -9.28 -9.99 -1.43
N ALA A 16 -10.22 -10.58 -2.19
CA ALA A 16 -10.20 -10.58 -3.69
C ALA A 16 -10.25 -9.15 -4.29
N GLN A 17 -11.18 -8.30 -3.77
CA GLN A 17 -11.46 -6.97 -4.33
C GLN A 17 -10.41 -5.93 -3.87
N MET A 18 -10.08 -5.97 -2.56
CA MET A 18 -8.97 -5.17 -1.98
C MET A 18 -7.66 -5.46 -2.74
N GLU A 19 -7.42 -6.76 -3.00
CA GLU A 19 -6.24 -7.25 -3.72
C GLU A 19 -6.26 -6.74 -5.16
N GLU A 20 -7.42 -6.82 -5.85
CA GLU A 20 -7.55 -6.36 -7.27
C GLU A 20 -7.31 -4.83 -7.38
N LYS A 21 -7.69 -4.08 -6.35
CA LYS A 21 -7.44 -2.62 -6.29
C LYS A 21 -5.97 -2.34 -5.88
N LEU A 22 -5.39 -3.25 -5.09
CA LEU A 22 -3.95 -3.22 -4.73
C LEU A 22 -3.14 -3.52 -6.01
N ARG A 23 -3.67 -4.45 -6.82
CA ARG A 23 -3.07 -4.83 -8.09
C ARG A 23 -3.11 -3.61 -9.02
N ASP A 24 -4.32 -3.02 -9.18
CA ASP A 24 -4.57 -1.84 -10.05
C ASP A 24 -3.65 -0.65 -9.68
N PHE A 25 -3.47 -0.45 -8.36
CA PHE A 25 -2.52 0.51 -7.78
C PHE A 25 -1.09 0.24 -8.29
N THR A 26 -0.54 -0.93 -7.92
CA THR A 26 0.89 -1.26 -8.12
C THR A 26 1.21 -1.66 -9.60
N ARG A 27 0.17 -1.96 -10.40
CA ARG A 27 0.32 -2.31 -11.85
C ARG A 27 0.58 -1.06 -12.69
N ALA A 28 0.14 0.09 -12.17
CA ALA A 28 0.25 1.38 -12.87
C ALA A 28 1.72 1.82 -13.00
N TYR A 29 2.58 1.44 -12.02
CA TYR A 29 3.95 1.98 -11.91
C TYR A 29 4.90 1.09 -11.09
N GLU A 30 6.20 1.48 -11.15
CA GLU A 30 7.32 0.86 -10.39
C GLU A 30 8.14 2.03 -9.75
N PRO A 31 9.20 1.76 -8.90
CA PRO A 31 10.15 2.83 -8.45
C PRO A 31 10.83 3.57 -9.62
N ASP A 32 11.25 2.79 -10.61
CA ASP A 32 12.04 3.26 -11.76
C ASP A 32 11.19 4.04 -12.79
N SER A 33 10.01 3.49 -13.15
CA SER A 33 9.24 3.91 -14.33
C SER A 33 8.54 5.29 -14.21
N VAL A 34 8.33 5.78 -12.97
CA VAL A 34 7.70 7.12 -12.73
C VAL A 34 8.77 8.24 -12.74
N LEU A 35 10.04 7.79 -12.67
CA LEU A 35 11.17 8.48 -12.03
C LEU A 35 11.19 8.05 -10.54
N PRO A 36 12.39 7.74 -9.96
CA PRO A 36 12.50 7.39 -8.51
C PRO A 36 12.40 8.62 -7.55
N LEU A 37 12.18 9.82 -8.13
CA LEU A 37 11.97 11.09 -7.41
C LEU A 37 13.22 11.50 -6.58
N ALA A 38 14.30 11.89 -7.31
CA ALA A 38 15.53 12.51 -6.73
C ALA A 38 16.34 11.52 -5.87
N ASP A 39 17.23 12.08 -5.03
CA ASP A 39 17.89 11.38 -3.91
C ASP A 39 17.22 11.82 -2.60
N GLY A 40 17.24 10.96 -1.58
CA GLY A 40 16.80 11.32 -0.23
C GLY A 40 15.52 10.59 0.19
N VAL A 41 14.59 11.34 0.83
CA VAL A 41 13.44 10.74 1.53
C VAL A 41 12.33 10.27 0.56
N LEU A 42 11.93 11.09 -0.45
CA LEU A 42 10.83 10.74 -1.39
C LEU A 42 11.18 9.48 -2.20
N SER A 43 12.48 9.32 -2.45
CA SER A 43 13.06 8.15 -3.14
C SER A 43 12.83 6.87 -2.31
N PHE A 44 13.28 6.95 -1.04
CA PHE A 44 13.15 5.88 -0.04
C PHE A 44 11.68 5.48 0.14
N ILE A 45 10.81 6.49 0.30
CA ILE A 45 9.37 6.31 0.53
C ILE A 45 8.73 5.62 -0.68
N HIS A 46 9.04 6.12 -1.88
CA HIS A 46 8.54 5.58 -3.17
C HIS A 46 8.91 4.08 -3.32
N HIS A 47 10.15 3.75 -2.89
CA HIS A 47 10.62 2.35 -2.79
C HIS A 47 9.69 1.55 -1.88
N GLN A 48 9.48 2.04 -0.65
CA GLN A 48 8.65 1.38 0.38
C GLN A 48 7.18 1.25 -0.04
N ILE A 49 6.70 2.23 -0.84
CA ILE A 49 5.33 2.24 -1.38
C ILE A 49 5.16 1.02 -2.29
N ILE A 50 6.00 0.94 -3.34
CA ILE A 50 5.89 -0.18 -4.32
C ILE A 50 6.25 -1.55 -3.67
N GLU A 51 7.28 -1.54 -2.80
CA GLU A 51 7.80 -2.76 -2.12
C GLU A 51 6.74 -3.38 -1.23
N LEU A 52 6.20 -2.55 -0.31
CA LEU A 52 5.25 -3.02 0.71
C LEU A 52 3.84 -3.19 0.11
N ALA A 53 3.58 -2.58 -1.07
CA ALA A 53 2.40 -2.93 -1.88
C ALA A 53 2.52 -4.40 -2.38
N ARG A 54 3.63 -4.69 -3.09
CA ARG A 54 3.93 -6.07 -3.60
C ARG A 54 3.97 -7.10 -2.44
N ASP A 55 4.50 -6.65 -1.29
CA ASP A 55 4.65 -7.49 -0.08
C ASP A 55 3.29 -7.76 0.59
N CYS A 56 2.44 -6.72 0.69
CA CYS A 56 1.05 -6.88 1.17
C CYS A 56 0.27 -7.81 0.23
N LEU A 57 0.62 -7.74 -1.05
CA LEU A 57 0.05 -8.59 -2.12
C LEU A 57 0.49 -10.09 -1.95
N THR A 58 1.75 -10.34 -1.52
CA THR A 58 2.19 -11.74 -1.19
C THR A 58 1.47 -12.24 0.11
N LYS A 59 1.26 -11.31 1.07
CA LYS A 59 0.53 -11.59 2.34
C LYS A 59 -0.97 -11.89 2.08
N SER A 60 -1.58 -11.22 1.09
CA SER A 60 -3.01 -11.39 0.73
C SER A 60 -3.28 -12.80 0.13
N ARG A 61 -2.34 -13.28 -0.69
CA ARG A 61 -2.43 -14.60 -1.38
C ARG A 61 -1.87 -15.74 -0.51
N ASP A 62 -2.12 -15.64 0.81
CA ASP A 62 -1.63 -16.61 1.79
C ASP A 62 -2.71 -16.85 2.86
N GLY A 63 -3.36 -15.75 3.28
CA GLY A 63 -4.26 -15.78 4.45
C GLY A 63 -3.52 -15.53 5.75
N LEU A 64 -2.18 -15.40 5.66
CA LEU A 64 -1.28 -15.15 6.77
C LEU A 64 -0.75 -13.74 6.53
N ILE A 65 -1.65 -12.77 6.67
CA ILE A 65 -1.30 -11.38 6.73
C ILE A 65 -1.30 -11.01 8.22
N THR A 66 -0.07 -10.92 8.77
CA THR A 66 0.21 -10.70 10.19
C THR A 66 -0.64 -9.53 10.73
N THR A 67 -1.27 -9.73 11.92
CA THR A 67 -2.13 -8.70 12.53
C THR A 67 -1.34 -7.39 12.73
N VAL A 68 -0.05 -7.56 13.12
CA VAL A 68 0.88 -6.44 13.33
C VAL A 68 1.16 -5.70 12.00
N TYR A 69 1.20 -6.48 10.89
CA TYR A 69 1.59 -5.99 9.56
C TYR A 69 0.70 -4.82 9.08
N PHE A 70 -0.62 -4.91 9.34
CA PHE A 70 -1.58 -3.87 8.93
C PHE A 70 -1.33 -2.54 9.66
N TYR A 71 -1.05 -2.63 10.98
CA TYR A 71 -0.75 -1.43 11.81
C TYR A 71 0.63 -0.85 11.46
N GLU A 72 1.56 -1.76 11.11
CA GLU A 72 2.93 -1.43 10.72
C GLU A 72 2.89 -0.73 9.35
N LEU A 73 1.97 -1.22 8.49
CA LEU A 73 1.75 -0.72 7.12
C LEU A 73 1.12 0.69 7.20
N GLN A 74 0.20 0.86 8.18
CA GLN A 74 -0.38 2.17 8.53
C GLN A 74 0.72 3.15 8.95
N GLU A 75 1.63 2.64 9.81
CA GLU A 75 2.76 3.44 10.32
C GLU A 75 3.70 3.86 9.17
N ASN A 76 3.96 2.97 8.19
CA ASN A 76 4.80 3.32 7.00
C ASN A 76 4.13 4.46 6.24
N LEU A 77 2.89 4.18 5.81
CA LEU A 77 2.09 5.09 4.98
C LEU A 77 2.03 6.51 5.59
N GLU A 78 1.64 6.61 6.86
CA GLU A 78 1.44 7.91 7.52
C GLU A 78 2.76 8.58 7.94
N LYS A 79 3.71 7.79 8.48
CA LYS A 79 5.03 8.35 8.94
C LYS A 79 5.84 8.90 7.77
N LEU A 80 5.80 8.17 6.63
CA LEU A 80 6.51 8.57 5.40
C LEU A 80 5.78 9.73 4.70
N LEU A 81 4.42 9.71 4.77
CA LEU A 81 3.57 10.89 4.46
C LEU A 81 4.07 12.14 5.22
N GLN A 82 4.32 11.94 6.53
CA GLN A 82 4.79 13.01 7.42
C GLN A 82 6.25 13.39 7.13
N ASP A 83 7.10 12.42 6.73
CA ASP A 83 8.51 12.71 6.35
C ASP A 83 8.54 13.60 5.11
N ALA A 84 7.59 13.35 4.21
CA ALA A 84 7.37 14.19 3.04
C ALA A 84 6.93 15.62 3.45
N TYR A 85 5.97 15.70 4.40
CA TYR A 85 5.44 16.99 4.89
C TYR A 85 6.43 17.80 5.80
N GLU A 86 7.31 17.11 6.52
CA GLU A 86 8.07 17.74 7.65
C GLU A 86 9.53 18.12 7.28
N ARG A 87 9.80 18.29 5.97
CA ARG A 87 10.99 19.00 5.44
C ARG A 87 10.60 19.58 4.06
N SER A 88 10.12 20.85 4.09
CA SER A 88 9.59 21.59 2.92
C SER A 88 8.27 20.97 2.43
N GLU A 89 7.60 21.64 1.47
CA GLU A 89 6.54 21.00 0.67
C GLU A 89 7.21 20.34 -0.56
N SER A 90 7.34 21.10 -1.68
CA SER A 90 7.79 20.58 -2.99
C SER A 90 6.90 19.39 -3.42
N LEU A 91 5.88 19.66 -4.23
CA LEU A 91 4.68 18.80 -4.38
C LEU A 91 4.92 17.52 -5.23
N GLU A 92 6.16 17.03 -5.23
CA GLU A 92 6.48 15.62 -5.52
C GLU A 92 6.21 14.77 -4.25
N VAL A 93 6.03 15.48 -3.11
CA VAL A 93 5.49 14.93 -1.87
C VAL A 93 4.00 14.62 -2.04
N ALA A 94 3.34 15.32 -2.99
CA ALA A 94 1.91 15.10 -3.31
C ALA A 94 1.70 13.77 -4.05
N PHE A 95 2.74 13.33 -4.79
CA PHE A 95 2.81 11.96 -5.33
C PHE A 95 2.75 10.97 -4.16
N VAL A 96 3.73 11.12 -3.24
CA VAL A 96 3.84 10.31 -2.01
C VAL A 96 2.52 10.34 -1.19
N THR A 97 1.90 11.54 -1.10
CA THR A 97 0.63 11.74 -0.37
C THR A 97 -0.47 10.88 -1.00
N GLN A 98 -0.79 11.14 -2.29
CA GLN A 98 -1.91 10.47 -2.99
C GLN A 98 -1.70 8.94 -3.04
N LEU A 99 -0.44 8.52 -3.21
CA LEU A 99 -0.04 7.09 -3.24
C LEU A 99 -0.39 6.39 -1.91
N VAL A 100 0.13 6.94 -0.80
CA VAL A 100 -0.11 6.37 0.54
C VAL A 100 -1.58 6.53 0.95
N LYS A 101 -2.29 7.54 0.35
CA LYS A 101 -3.75 7.71 0.53
C LYS A 101 -4.51 6.54 -0.10
N LYS A 102 -4.17 6.22 -1.37
CA LYS A 102 -4.83 5.12 -2.11
C LYS A 102 -4.61 3.79 -1.40
N LEU A 103 -3.35 3.51 -1.04
CA LEU A 103 -2.99 2.27 -0.33
C LEU A 103 -3.60 2.24 1.09
N LEU A 104 -3.77 3.43 1.72
CA LEU A 104 -4.50 3.61 3.01
C LEU A 104 -5.94 3.07 2.84
N ILE A 105 -6.59 3.60 1.80
CA ILE A 105 -8.00 3.32 1.45
C ILE A 105 -8.22 1.83 1.06
N ILE A 106 -7.18 1.22 0.46
CA ILE A 106 -7.18 -0.22 0.10
C ILE A 106 -7.19 -1.11 1.36
N ILE A 107 -6.16 -0.98 2.22
CA ILE A 107 -5.94 -1.91 3.36
C ILE A 107 -6.84 -1.58 4.57
N SER A 108 -7.28 -0.31 4.65
CA SER A 108 -8.25 0.16 5.66
C SER A 108 -9.34 0.95 4.92
N ARG A 109 -10.53 0.35 4.82
CA ARG A 109 -11.62 0.85 3.96
C ARG A 109 -12.38 1.96 4.75
N PRO A 110 -12.17 3.27 4.40
CA PRO A 110 -12.48 4.42 5.29
C PRO A 110 -13.99 4.59 5.57
N ALA A 111 -14.34 4.63 6.88
CA ALA A 111 -15.72 4.84 7.34
C ALA A 111 -16.02 6.33 7.49
N ARG A 112 -17.22 6.73 7.07
CA ARG A 112 -17.72 8.11 7.21
C ARG A 112 -18.63 8.22 8.46
N MET A 1 -6.49 -14.55 29.15
CA MET A 1 -7.17 -15.72 28.54
C MET A 1 -8.68 -15.64 28.81
N GLY A 2 -9.04 -15.43 30.08
CA GLY A 2 -10.43 -15.30 30.50
C GLY A 2 -11.29 -16.52 30.16
N HIS A 3 -12.49 -16.29 29.62
CA HIS A 3 -13.39 -17.36 29.12
C HIS A 3 -14.15 -16.87 27.88
N HIS A 4 -14.30 -17.79 26.90
CA HIS A 4 -15.26 -17.68 25.79
C HIS A 4 -14.84 -16.66 24.70
N HIS A 5 -14.87 -15.34 25.06
CA HIS A 5 -14.57 -14.22 24.14
C HIS A 5 -15.50 -14.25 22.91
N HIS A 6 -16.76 -13.84 23.14
CA HIS A 6 -17.78 -13.73 22.10
C HIS A 6 -17.43 -12.55 21.17
N HIS A 7 -16.87 -12.90 20.00
CA HIS A 7 -16.46 -11.93 18.97
C HIS A 7 -17.69 -11.32 18.27
N HIS A 8 -17.48 -10.21 17.55
CA HIS A 8 -18.57 -9.38 17.00
C HIS A 8 -18.25 -8.91 15.57
N SER A 9 -19.19 -9.20 14.63
CA SER A 9 -19.22 -8.67 13.24
C SER A 9 -18.00 -9.12 12.40
N HIS A 10 -17.41 -10.27 12.77
CA HIS A 10 -16.21 -10.81 12.11
C HIS A 10 -16.58 -11.52 10.78
N MET A 11 -16.59 -10.73 9.69
CA MET A 11 -16.63 -11.23 8.31
C MET A 11 -16.13 -10.13 7.34
N PRO A 12 -14.77 -9.89 7.29
CA PRO A 12 -14.16 -9.04 6.25
C PRO A 12 -13.78 -9.84 4.97
N LYS A 13 -14.70 -9.85 3.97
CA LYS A 13 -14.41 -10.38 2.61
C LYS A 13 -13.92 -9.24 1.68
N ALA A 14 -13.21 -8.28 2.29
CA ALA A 14 -12.54 -7.17 1.59
C ALA A 14 -11.38 -7.69 0.72
N THR A 15 -10.70 -8.76 1.22
CA THR A 15 -9.36 -9.21 0.76
C THR A 15 -9.25 -9.43 -0.78
N ALA A 16 -10.30 -9.99 -1.41
CA ALA A 16 -10.30 -10.25 -2.87
C ALA A 16 -10.33 -8.92 -3.67
N GLN A 17 -11.36 -8.10 -3.40
CA GLN A 17 -11.57 -6.77 -4.02
C GLN A 17 -10.33 -5.88 -3.80
N MET A 18 -9.81 -5.98 -2.56
CA MET A 18 -8.63 -5.25 -2.07
C MET A 18 -7.39 -5.64 -2.89
N GLU A 19 -7.20 -6.95 -3.07
CA GLU A 19 -6.07 -7.54 -3.81
C GLU A 19 -6.04 -7.02 -5.26
N GLU A 20 -7.23 -7.00 -5.88
CA GLU A 20 -7.40 -6.50 -7.26
C GLU A 20 -7.06 -5.00 -7.37
N LYS A 21 -7.60 -4.19 -6.42
CA LYS A 21 -7.30 -2.75 -6.35
C LYS A 21 -5.79 -2.50 -6.11
N LEU A 22 -5.18 -3.37 -5.28
CA LEU A 22 -3.77 -3.22 -4.87
C LEU A 22 -2.84 -3.51 -6.06
N ARG A 23 -3.07 -4.65 -6.77
CA ARG A 23 -2.25 -5.01 -7.94
C ARG A 23 -2.39 -3.95 -9.05
N ASP A 24 -3.62 -3.46 -9.28
CA ASP A 24 -3.88 -2.44 -10.33
C ASP A 24 -3.43 -1.00 -9.92
N PHE A 25 -3.29 -0.77 -8.60
CA PHE A 25 -2.63 0.45 -8.05
C PHE A 25 -1.13 0.40 -8.39
N THR A 26 -0.50 -0.68 -7.97
CA THR A 26 0.95 -0.91 -8.05
C THR A 26 1.42 -1.14 -9.52
N ARG A 27 0.49 -1.61 -10.37
CA ARG A 27 0.72 -1.91 -11.81
C ARG A 27 1.23 -0.65 -12.57
N ALA A 28 0.72 0.52 -12.17
CA ALA A 28 0.94 1.80 -12.88
C ALA A 28 2.40 2.31 -12.77
N TYR A 29 2.88 2.38 -11.53
CA TYR A 29 4.19 2.98 -11.17
C TYR A 29 4.97 2.01 -10.28
N GLU A 30 6.00 1.40 -10.86
CA GLU A 30 6.79 0.34 -10.21
C GLU A 30 7.91 0.97 -9.33
N PRO A 31 8.44 0.25 -8.26
CA PRO A 31 9.24 0.89 -7.17
C PRO A 31 10.64 1.36 -7.63
N ASP A 32 11.13 0.74 -8.72
CA ASP A 32 12.46 1.00 -9.32
C ASP A 32 12.74 2.51 -9.55
N SER A 33 11.82 3.16 -10.27
CA SER A 33 11.98 4.54 -10.75
C SER A 33 10.77 5.42 -10.33
N VAL A 34 10.29 6.33 -11.24
CA VAL A 34 9.44 7.52 -10.96
C VAL A 34 10.36 8.73 -10.67
N LEU A 35 10.09 9.84 -11.40
CA LEU A 35 10.98 11.03 -11.52
C LEU A 35 11.44 11.57 -10.13
N PRO A 36 12.80 11.82 -9.91
CA PRO A 36 13.38 12.16 -8.57
C PRO A 36 12.69 13.36 -7.89
N LEU A 37 11.88 13.05 -6.87
CA LEU A 37 11.08 14.04 -6.12
C LEU A 37 11.98 14.81 -5.13
N ALA A 38 12.91 14.07 -4.49
CA ALA A 38 14.04 14.65 -3.74
C ALA A 38 15.26 13.70 -3.75
N ASP A 39 15.17 12.65 -4.59
CA ASP A 39 16.19 11.58 -4.77
C ASP A 39 16.45 10.75 -3.49
N GLY A 40 17.06 11.41 -2.47
CA GLY A 40 17.32 10.80 -1.17
C GLY A 40 16.06 10.28 -0.47
N VAL A 41 15.24 11.18 0.11
CA VAL A 41 14.10 10.77 0.96
C VAL A 41 12.84 10.37 0.16
N LEU A 42 12.26 11.30 -0.62
CA LEU A 42 10.91 11.13 -1.22
C LEU A 42 10.85 9.93 -2.20
N SER A 43 11.98 9.71 -2.92
CA SER A 43 12.12 8.57 -3.85
C SER A 43 12.22 7.24 -3.07
N PHE A 44 12.99 7.20 -1.95
CA PHE A 44 13.10 5.96 -1.13
C PHE A 44 11.74 5.64 -0.49
N ILE A 45 10.94 6.68 -0.21
CA ILE A 45 9.57 6.52 0.28
C ILE A 45 8.66 5.93 -0.83
N HIS A 46 8.83 6.37 -2.10
CA HIS A 46 8.15 5.69 -3.25
C HIS A 46 8.53 4.18 -3.32
N HIS A 47 9.83 3.89 -3.11
CA HIS A 47 10.33 2.50 -3.03
C HIS A 47 9.59 1.75 -1.90
N GLN A 48 9.47 2.39 -0.73
CA GLN A 48 8.69 1.86 0.41
C GLN A 48 7.23 1.58 -0.01
N ILE A 49 6.59 2.58 -0.65
CA ILE A 49 5.16 2.55 -1.03
C ILE A 49 4.86 1.30 -1.88
N ILE A 50 5.55 1.19 -3.02
CA ILE A 50 5.22 0.20 -4.05
C ILE A 50 5.83 -1.20 -3.74
N GLU A 51 7.02 -1.25 -3.10
CA GLU A 51 7.65 -2.53 -2.70
C GLU A 51 6.82 -3.16 -1.55
N LEU A 52 6.50 -2.34 -0.50
CA LEU A 52 5.67 -2.79 0.63
C LEU A 52 4.20 -2.99 0.19
N ALA A 53 3.78 -2.33 -0.92
CA ALA A 53 2.49 -2.63 -1.57
C ALA A 53 2.49 -4.09 -2.05
N ARG A 54 3.54 -4.47 -2.82
CA ARG A 54 3.69 -5.86 -3.32
C ARG A 54 3.91 -6.88 -2.17
N ASP A 55 4.54 -6.42 -1.08
CA ASP A 55 4.82 -7.23 0.12
C ASP A 55 3.48 -7.59 0.83
N CYS A 56 2.74 -6.52 1.21
CA CYS A 56 1.41 -6.61 1.82
C CYS A 56 0.43 -7.37 0.91
N LEU A 57 0.58 -7.16 -0.41
CA LEU A 57 -0.24 -7.82 -1.44
C LEU A 57 -0.08 -9.34 -1.34
N THR A 58 1.16 -9.81 -1.54
CA THR A 58 1.48 -11.25 -1.60
C THR A 58 1.15 -11.95 -0.28
N LYS A 59 1.34 -11.24 0.85
CA LYS A 59 1.07 -11.78 2.19
C LYS A 59 -0.43 -11.75 2.56
N SER A 60 -1.23 -10.87 1.92
CA SER A 60 -2.71 -10.96 1.96
C SER A 60 -3.22 -12.15 1.12
N ARG A 61 -2.57 -12.39 -0.04
CA ARG A 61 -2.89 -13.50 -0.95
C ARG A 61 -2.56 -14.85 -0.29
N ASP A 62 -1.49 -14.83 0.50
CA ASP A 62 -0.99 -15.98 1.27
C ASP A 62 -1.92 -16.31 2.45
N GLY A 63 -2.49 -15.24 3.05
CA GLY A 63 -3.18 -15.32 4.33
C GLY A 63 -2.20 -15.30 5.51
N LEU A 64 -1.00 -14.73 5.24
CA LEU A 64 0.10 -14.59 6.22
C LEU A 64 -0.24 -13.46 7.20
N ILE A 65 -0.86 -12.38 6.68
CA ILE A 65 -1.25 -11.20 7.47
C ILE A 65 -2.14 -11.61 8.67
N THR A 66 -1.51 -11.62 9.86
CA THR A 66 -2.12 -12.05 11.11
C THR A 66 -3.29 -11.11 11.49
N THR A 67 -2.92 -9.84 11.70
CA THR A 67 -3.80 -8.74 12.08
C THR A 67 -2.97 -7.45 11.90
N VAL A 68 -1.77 -7.47 12.54
CA VAL A 68 -0.92 -6.29 12.75
C VAL A 68 -0.40 -5.66 11.42
N TYR A 69 -0.22 -6.52 10.40
CA TYR A 69 0.46 -6.16 9.12
C TYR A 69 -0.21 -4.96 8.40
N PHE A 70 -1.55 -4.90 8.44
CA PHE A 70 -2.33 -3.78 7.86
C PHE A 70 -1.98 -2.44 8.58
N TYR A 71 -1.84 -2.53 9.91
CA TYR A 71 -1.49 -1.38 10.76
C TYR A 71 -0.01 -1.02 10.59
N GLU A 72 0.81 -2.04 10.24
CA GLU A 72 2.24 -1.83 9.95
C GLU A 72 2.40 -0.97 8.68
N LEU A 73 1.65 -1.32 7.62
CA LEU A 73 1.61 -0.52 6.38
C LEU A 73 1.11 0.91 6.68
N GLN A 74 -0.02 0.98 7.43
CA GLN A 74 -0.65 2.26 7.84
C GLN A 74 0.35 3.20 8.54
N GLU A 75 0.97 2.71 9.63
CA GLU A 75 1.78 3.52 10.56
C GLU A 75 3.20 3.81 10.02
N ASN A 76 3.79 2.86 9.24
CA ASN A 76 5.11 3.08 8.63
C ASN A 76 4.98 4.12 7.52
N LEU A 77 4.02 3.89 6.59
CA LEU A 77 3.81 4.81 5.46
C LEU A 77 3.19 6.15 5.95
N GLU A 78 2.55 6.16 7.16
CA GLU A 78 2.11 7.42 7.81
C GLU A 78 3.32 8.21 8.32
N LYS A 79 4.30 7.50 8.93
CA LYS A 79 5.58 8.11 9.35
C LYS A 79 6.27 8.74 8.13
N LEU A 80 6.30 7.97 7.04
CA LEU A 80 6.92 8.35 5.77
C LEU A 80 6.04 9.37 5.00
N LEU A 81 4.75 9.47 5.35
CA LEU A 81 3.85 10.55 4.90
C LEU A 81 4.24 11.87 5.60
N GLN A 82 4.61 11.77 6.90
CA GLN A 82 5.20 12.91 7.65
C GLN A 82 6.59 13.29 7.07
N ASP A 83 7.38 12.27 6.67
CA ASP A 83 8.68 12.48 5.99
C ASP A 83 8.47 13.04 4.57
N ALA A 84 7.33 12.69 3.93
CA ALA A 84 6.96 13.20 2.60
C ALA A 84 6.65 14.71 2.65
N TYR A 85 5.82 15.11 3.64
CA TYR A 85 5.52 16.52 3.88
C TYR A 85 6.77 17.30 4.33
N GLU A 86 7.65 16.65 5.11
CA GLU A 86 8.86 17.31 5.64
C GLU A 86 10.07 17.05 4.72
N ARG A 87 10.18 17.89 3.68
CA ARG A 87 11.44 18.13 2.95
C ARG A 87 11.22 19.26 1.95
N SER A 88 10.12 19.14 1.21
CA SER A 88 9.66 20.12 0.22
C SER A 88 8.12 20.14 0.20
N GLU A 89 7.54 21.13 -0.50
CA GLU A 89 6.19 21.04 -1.08
C GLU A 89 6.06 22.15 -2.14
N SER A 90 5.85 21.71 -3.39
CA SER A 90 5.55 22.57 -4.53
C SER A 90 4.82 21.74 -5.61
N LEU A 91 5.05 20.39 -5.57
CA LEU A 91 4.26 19.39 -6.31
C LEU A 91 4.55 17.99 -5.70
N GLU A 92 5.86 17.71 -5.54
CA GLU A 92 6.45 16.39 -5.16
C GLU A 92 5.59 15.55 -4.18
N VAL A 93 5.17 16.20 -3.09
CA VAL A 93 4.50 15.53 -1.95
C VAL A 93 3.14 14.91 -2.35
N ALA A 94 2.43 15.59 -3.28
CA ALA A 94 1.11 15.16 -3.79
C ALA A 94 1.13 13.67 -4.18
N PHE A 95 2.12 13.31 -5.03
CA PHE A 95 2.34 11.94 -5.51
C PHE A 95 2.46 10.95 -4.31
N VAL A 96 3.49 11.18 -3.47
CA VAL A 96 3.90 10.26 -2.40
C VAL A 96 2.74 10.01 -1.41
N THR A 97 2.15 11.08 -0.90
CA THR A 97 1.11 11.02 0.12
C THR A 97 -0.23 10.51 -0.45
N GLN A 98 -0.51 10.77 -1.75
CA GLN A 98 -1.71 10.21 -2.41
C GLN A 98 -1.58 8.69 -2.55
N LEU A 99 -0.36 8.21 -2.86
CA LEU A 99 -0.05 6.77 -2.97
C LEU A 99 -0.15 6.06 -1.59
N VAL A 100 0.39 6.71 -0.54
CA VAL A 100 0.27 6.23 0.85
C VAL A 100 -1.22 6.10 1.24
N LYS A 101 -1.98 7.17 0.93
CA LYS A 101 -3.39 7.31 1.30
C LYS A 101 -4.26 6.24 0.62
N LYS A 102 -4.09 6.09 -0.71
CA LYS A 102 -4.84 5.11 -1.49
C LYS A 102 -4.48 3.67 -1.05
N LEU A 103 -3.17 3.40 -0.82
CA LEU A 103 -2.69 2.07 -0.38
C LEU A 103 -3.37 1.69 0.95
N LEU A 104 -3.49 2.68 1.87
CA LEU A 104 -4.16 2.50 3.17
C LEU A 104 -5.67 2.20 2.97
N ILE A 105 -6.35 3.03 2.14
CA ILE A 105 -7.81 2.90 1.88
C ILE A 105 -8.14 1.55 1.15
N ILE A 106 -7.14 1.00 0.42
CA ILE A 106 -7.23 -0.33 -0.20
C ILE A 106 -7.08 -1.43 0.89
N ILE A 107 -5.89 -1.48 1.57
CA ILE A 107 -5.50 -2.61 2.46
C ILE A 107 -6.45 -2.75 3.67
N SER A 108 -7.04 -1.63 4.05
CA SER A 108 -8.12 -1.56 5.04
C SER A 108 -9.17 -0.56 4.54
N ARG A 109 -10.15 -1.07 3.76
CA ARG A 109 -11.39 -0.33 3.44
C ARG A 109 -12.12 -0.01 4.77
N PRO A 110 -12.12 1.30 5.21
CA PRO A 110 -12.41 1.68 6.62
C PRO A 110 -13.86 1.36 7.05
N ALA A 111 -14.78 1.35 6.06
CA ALA A 111 -16.14 0.78 6.17
C ALA A 111 -17.03 1.43 7.27
N ARG A 112 -17.80 2.46 6.85
CA ARG A 112 -19.01 2.92 7.57
C ARG A 112 -19.88 3.71 6.56
N MET A 1 -1.82 -22.49 -8.06
CA MET A 1 -0.95 -22.17 -9.21
C MET A 1 -1.81 -21.51 -10.31
N GLY A 2 -2.07 -20.20 -10.14
CA GLY A 2 -2.91 -19.42 -11.05
C GLY A 2 -4.39 -19.47 -10.65
N HIS A 3 -5.04 -18.30 -10.58
CA HIS A 3 -6.46 -18.17 -10.21
C HIS A 3 -7.35 -18.31 -11.47
N HIS A 4 -8.36 -19.19 -11.41
CA HIS A 4 -9.49 -19.13 -12.36
C HIS A 4 -10.42 -18.00 -11.91
N HIS A 5 -10.18 -16.79 -12.45
CA HIS A 5 -10.79 -15.54 -11.97
C HIS A 5 -11.79 -15.00 -13.01
N HIS A 6 -12.91 -15.73 -13.19
CA HIS A 6 -14.13 -15.18 -13.81
C HIS A 6 -14.85 -14.35 -12.74
N HIS A 7 -15.38 -13.17 -13.13
CA HIS A 7 -15.88 -12.09 -12.22
C HIS A 7 -14.71 -11.37 -11.52
N HIS A 8 -14.99 -10.16 -11.02
CA HIS A 8 -14.01 -9.33 -10.28
C HIS A 8 -14.72 -8.45 -9.24
N SER A 9 -14.14 -8.36 -8.02
CA SER A 9 -14.52 -7.43 -6.93
C SER A 9 -15.93 -7.68 -6.27
N HIS A 10 -16.88 -8.34 -6.96
CA HIS A 10 -18.14 -8.83 -6.32
C HIS A 10 -17.82 -10.25 -5.80
N MET A 11 -16.86 -10.27 -4.89
CA MET A 11 -16.15 -11.46 -4.41
C MET A 11 -15.93 -11.29 -2.88
N PRO A 12 -15.64 -12.39 -2.10
CA PRO A 12 -15.71 -12.35 -0.61
C PRO A 12 -14.72 -11.34 0.05
N LYS A 13 -15.23 -10.67 1.11
CA LYS A 13 -14.42 -9.88 2.07
C LYS A 13 -13.79 -8.64 1.42
N ALA A 14 -12.87 -8.01 2.16
CA ALA A 14 -11.95 -7.00 1.61
C ALA A 14 -10.87 -7.68 0.76
N THR A 15 -10.55 -8.96 1.09
CA THR A 15 -9.41 -9.74 0.55
C THR A 15 -9.25 -9.61 -1.00
N ALA A 16 -10.29 -10.03 -1.73
CA ALA A 16 -10.29 -10.06 -3.21
C ALA A 16 -10.24 -8.64 -3.81
N GLN A 17 -11.16 -7.79 -3.34
CA GLN A 17 -11.35 -6.40 -3.85
C GLN A 17 -10.04 -5.60 -3.70
N MET A 18 -9.53 -5.62 -2.45
CA MET A 18 -8.27 -4.99 -2.04
C MET A 18 -7.11 -5.50 -2.90
N GLU A 19 -7.02 -6.84 -3.07
CA GLU A 19 -5.95 -7.45 -3.91
C GLU A 19 -5.93 -6.86 -5.33
N GLU A 20 -7.12 -6.79 -5.95
CA GLU A 20 -7.29 -6.35 -7.34
C GLU A 20 -6.95 -4.85 -7.52
N LYS A 21 -7.49 -4.02 -6.61
CA LYS A 21 -7.25 -2.55 -6.62
C LYS A 21 -5.77 -2.25 -6.32
N LEU A 22 -5.16 -3.08 -5.44
CA LEU A 22 -3.75 -2.96 -5.02
C LEU A 22 -2.83 -3.28 -6.19
N ARG A 23 -3.08 -4.43 -6.86
CA ARG A 23 -2.21 -4.90 -7.96
C ARG A 23 -2.31 -3.93 -9.13
N ASP A 24 -3.53 -3.40 -9.40
CA ASP A 24 -3.74 -2.44 -10.51
C ASP A 24 -3.13 -1.06 -10.15
N PHE A 25 -3.16 -0.71 -8.85
CA PHE A 25 -2.46 0.47 -8.28
C PHE A 25 -0.96 0.41 -8.58
N THR A 26 -0.36 -0.73 -8.20
CA THR A 26 1.10 -0.94 -8.22
C THR A 26 1.62 -1.22 -9.65
N ARG A 27 0.80 -1.84 -10.51
CA ARG A 27 1.17 -2.15 -11.91
C ARG A 27 1.42 -0.89 -12.73
N ALA A 28 0.85 0.24 -12.29
CA ALA A 28 1.01 1.55 -12.94
C ALA A 28 2.46 2.07 -12.84
N TYR A 29 3.17 1.67 -11.76
CA TYR A 29 4.54 2.13 -11.45
C TYR A 29 5.26 1.16 -10.48
N GLU A 30 6.45 0.71 -10.87
CA GLU A 30 7.30 -0.19 -10.04
C GLU A 30 8.43 0.67 -9.36
N PRO A 31 9.31 0.10 -8.41
CA PRO A 31 10.18 0.94 -7.52
C PRO A 31 11.16 1.89 -8.28
N ASP A 32 12.07 1.31 -9.10
CA ASP A 32 13.06 2.10 -9.88
C ASP A 32 12.61 2.18 -11.36
N SER A 33 11.49 2.89 -11.58
CA SER A 33 10.90 3.06 -12.93
C SER A 33 9.90 4.24 -12.92
N VAL A 34 10.20 5.26 -12.10
CA VAL A 34 9.34 6.46 -11.91
C VAL A 34 10.19 7.73 -12.05
N LEU A 35 9.57 8.79 -12.63
CA LEU A 35 10.15 10.13 -12.80
C LEU A 35 10.66 10.65 -11.42
N PRO A 36 11.91 11.22 -11.35
CA PRO A 36 12.68 11.29 -10.09
C PRO A 36 12.01 12.14 -8.98
N LEU A 37 11.34 11.46 -8.03
CA LEU A 37 10.88 12.06 -6.77
C LEU A 37 12.14 12.46 -5.97
N ALA A 38 12.45 13.77 -6.03
CA ALA A 38 13.82 14.34 -5.88
C ALA A 38 14.66 13.80 -4.69
N ASP A 39 15.38 12.68 -4.95
CA ASP A 39 16.55 12.15 -4.18
C ASP A 39 16.41 12.15 -2.64
N GLY A 40 16.38 10.95 -2.04
CA GLY A 40 16.43 10.80 -0.59
C GLY A 40 15.17 10.18 -0.03
N VAL A 41 14.35 10.98 0.69
CA VAL A 41 13.23 10.46 1.48
C VAL A 41 12.04 10.09 0.57
N LEU A 42 11.62 11.00 -0.36
CA LEU A 42 10.49 10.77 -1.31
C LEU A 42 10.73 9.48 -2.15
N SER A 43 12.01 9.27 -2.48
CA SER A 43 12.49 8.09 -3.20
C SER A 43 12.25 6.81 -2.36
N PHE A 44 12.65 6.88 -1.08
CA PHE A 44 12.50 5.77 -0.12
C PHE A 44 11.03 5.50 0.21
N ILE A 45 10.19 6.54 0.25
CA ILE A 45 8.75 6.37 0.55
C ILE A 45 8.08 5.69 -0.64
N HIS A 46 8.46 6.10 -1.88
CA HIS A 46 7.98 5.43 -3.10
C HIS A 46 8.42 3.96 -3.15
N HIS A 47 9.67 3.69 -2.67
CA HIS A 47 10.15 2.32 -2.47
C HIS A 47 9.13 1.57 -1.62
N GLN A 48 8.85 2.11 -0.41
CA GLN A 48 7.97 1.48 0.60
C GLN A 48 6.50 1.39 0.11
N ILE A 49 6.08 2.33 -0.77
CA ILE A 49 4.74 2.32 -1.40
C ILE A 49 4.64 1.04 -2.22
N ILE A 50 5.56 0.87 -3.18
CA ILE A 50 5.54 -0.27 -4.14
C ILE A 50 6.01 -1.60 -3.48
N GLU A 51 6.94 -1.48 -2.54
CA GLU A 51 7.58 -2.61 -1.84
C GLU A 51 6.55 -3.28 -0.95
N LEU A 52 5.97 -2.48 -0.04
CA LEU A 52 5.02 -2.96 0.96
C LEU A 52 3.63 -3.16 0.34
N ALA A 53 3.36 -2.54 -0.86
CA ALA A 53 2.16 -2.89 -1.66
C ALA A 53 2.27 -4.34 -2.18
N ARG A 54 3.34 -4.62 -2.97
CA ARG A 54 3.58 -5.96 -3.58
C ARG A 54 3.71 -7.03 -2.50
N ASP A 55 4.33 -6.63 -1.38
CA ASP A 55 4.57 -7.50 -0.24
C ASP A 55 3.23 -7.81 0.48
N CYS A 56 2.41 -6.75 0.77
CA CYS A 56 1.05 -6.92 1.38
C CYS A 56 0.17 -7.83 0.52
N LEU A 57 0.25 -7.63 -0.80
CA LEU A 57 -0.44 -8.45 -1.84
C LEU A 57 -0.09 -9.93 -1.61
N THR A 58 1.23 -10.19 -1.63
CA THR A 58 1.81 -11.51 -1.46
C THR A 58 1.41 -12.16 -0.12
N LYS A 59 1.34 -11.36 0.97
CA LYS A 59 1.02 -11.85 2.33
C LYS A 59 -0.49 -12.06 2.53
N SER A 60 -1.34 -11.30 1.80
CA SER A 60 -2.82 -11.37 1.91
C SER A 60 -3.35 -12.69 1.30
N ARG A 61 -2.99 -12.94 0.02
CA ARG A 61 -3.43 -14.13 -0.73
C ARG A 61 -2.73 -15.41 -0.21
N ASP A 62 -1.59 -15.23 0.50
CA ASP A 62 -0.90 -16.31 1.21
C ASP A 62 -1.66 -16.65 2.50
N GLY A 63 -2.13 -15.59 3.18
CA GLY A 63 -2.77 -15.67 4.49
C GLY A 63 -1.80 -15.36 5.64
N LEU A 64 -0.57 -14.91 5.30
CA LEU A 64 0.51 -14.62 6.28
C LEU A 64 0.22 -13.34 7.07
N ILE A 65 -0.63 -12.42 6.53
CA ILE A 65 -1.08 -11.26 7.33
C ILE A 65 -1.96 -11.75 8.49
N THR A 66 -1.30 -11.89 9.65
CA THR A 66 -1.94 -12.24 10.91
C THR A 66 -2.89 -11.09 11.32
N THR A 67 -2.31 -9.88 11.33
CA THR A 67 -3.00 -8.59 11.58
C THR A 67 -1.92 -7.47 11.60
N VAL A 68 -0.72 -7.83 12.10
CA VAL A 68 0.39 -6.91 12.43
C VAL A 68 0.88 -6.15 11.19
N TYR A 69 0.70 -6.75 9.98
CA TYR A 69 1.17 -6.14 8.73
C TYR A 69 0.49 -4.77 8.48
N PHE A 70 -0.84 -4.70 8.73
CA PHE A 70 -1.62 -3.46 8.53
C PHE A 70 -1.17 -2.36 9.51
N TYR A 71 -0.75 -2.77 10.74
CA TYR A 71 -0.19 -1.85 11.75
C TYR A 71 1.12 -1.25 11.21
N GLU A 72 2.07 -2.13 10.85
CA GLU A 72 3.42 -1.72 10.39
C GLU A 72 3.36 -0.97 9.04
N LEU A 73 2.39 -1.32 8.19
CA LEU A 73 2.16 -0.71 6.86
C LEU A 73 1.64 0.74 7.03
N GLN A 74 0.58 0.87 7.85
CA GLN A 74 -0.06 2.19 8.12
C GLN A 74 0.94 3.12 8.80
N GLU A 75 1.57 2.63 9.88
CA GLU A 75 2.53 3.38 10.69
C GLU A 75 3.77 3.78 9.89
N ASN A 76 4.28 2.87 9.03
CA ASN A 76 5.43 3.16 8.14
C ASN A 76 5.07 4.30 7.17
N LEU A 77 4.00 4.11 6.39
CA LEU A 77 3.61 5.06 5.33
C LEU A 77 3.07 6.40 5.88
N GLU A 78 2.56 6.41 7.13
CA GLU A 78 2.05 7.66 7.78
C GLU A 78 3.22 8.46 8.39
N LYS A 79 4.18 7.73 9.00
CA LYS A 79 5.48 8.30 9.45
C LYS A 79 6.22 8.93 8.26
N LEU A 80 6.20 8.20 7.12
CA LEU A 80 6.83 8.62 5.87
C LEU A 80 6.00 9.69 5.14
N LEU A 81 4.68 9.68 5.36
CA LEU A 81 3.76 10.76 4.92
C LEU A 81 4.15 12.07 5.61
N GLN A 82 4.52 11.96 6.90
CA GLN A 82 5.04 13.09 7.70
C GLN A 82 6.46 13.50 7.22
N ASP A 83 7.29 12.49 6.87
CA ASP A 83 8.63 12.70 6.28
C ASP A 83 8.54 13.34 4.87
N ALA A 84 7.42 13.10 4.17
CA ALA A 84 7.13 13.70 2.85
C ALA A 84 6.69 15.16 3.03
N TYR A 85 5.79 15.38 4.02
CA TYR A 85 5.24 16.71 4.36
C TYR A 85 6.33 17.75 4.67
N GLU A 86 7.52 17.28 5.09
CA GLU A 86 8.63 18.16 5.53
C GLU A 86 9.93 17.90 4.75
N ARG A 87 10.80 18.94 4.76
CA ARG A 87 12.16 18.94 4.18
C ARG A 87 12.12 18.87 2.63
N SER A 88 11.71 17.71 2.10
CA SER A 88 11.52 17.49 0.65
C SER A 88 10.06 17.81 0.25
N GLU A 89 9.53 18.92 0.82
CA GLU A 89 8.11 19.29 0.70
C GLU A 89 7.82 20.16 -0.54
N SER A 90 8.44 19.77 -1.67
CA SER A 90 8.14 20.34 -3.00
C SER A 90 6.83 19.73 -3.56
N LEU A 91 6.53 19.95 -4.85
CA LEU A 91 5.30 19.43 -5.48
C LEU A 91 5.34 17.88 -5.55
N GLU A 92 6.55 17.29 -5.46
CA GLU A 92 6.76 15.82 -5.51
C GLU A 92 6.11 15.08 -4.30
N VAL A 93 5.57 15.83 -3.32
CA VAL A 93 4.76 15.26 -2.22
C VAL A 93 3.42 14.71 -2.72
N ALA A 94 2.87 15.31 -3.81
CA ALA A 94 1.52 15.00 -4.32
C ALA A 94 1.38 13.51 -4.67
N PHE A 95 2.25 13.03 -5.58
CA PHE A 95 2.34 11.61 -5.98
C PHE A 95 2.42 10.70 -4.73
N VAL A 96 3.44 10.98 -3.91
CA VAL A 96 3.78 10.18 -2.72
C VAL A 96 2.59 10.05 -1.73
N THR A 97 2.03 11.21 -1.33
CA THR A 97 1.01 11.29 -0.26
C THR A 97 -0.35 10.77 -0.72
N GLN A 98 -0.72 11.02 -2.01
CA GLN A 98 -1.97 10.50 -2.61
C GLN A 98 -1.90 8.97 -2.76
N LEU A 99 -0.70 8.45 -3.08
CA LEU A 99 -0.46 6.99 -3.19
C LEU A 99 -0.54 6.31 -1.81
N VAL A 100 0.12 6.92 -0.80
CA VAL A 100 0.04 6.49 0.61
C VAL A 100 -1.44 6.45 1.06
N LYS A 101 -2.15 7.55 0.75
CA LYS A 101 -3.56 7.78 1.13
C LYS A 101 -4.50 6.75 0.47
N LYS A 102 -4.32 6.52 -0.84
CA LYS A 102 -5.21 5.68 -1.63
C LYS A 102 -5.01 4.21 -1.27
N LEU A 103 -3.73 3.77 -1.22
CA LEU A 103 -3.36 2.39 -0.83
C LEU A 103 -3.85 2.10 0.60
N LEU A 104 -3.84 3.16 1.46
CA LEU A 104 -4.39 3.09 2.82
C LEU A 104 -5.91 2.82 2.75
N ILE A 105 -6.66 3.65 1.98
CA ILE A 105 -8.12 3.54 1.79
C ILE A 105 -8.49 2.18 1.19
N ILE A 106 -7.61 1.58 0.31
CA ILE A 106 -7.85 0.26 -0.29
C ILE A 106 -7.79 -0.87 0.78
N ILE A 107 -6.89 -0.75 1.78
CA ILE A 107 -6.76 -1.74 2.90
C ILE A 107 -7.66 -1.36 4.11
N SER A 108 -8.08 -0.09 4.19
CA SER A 108 -8.86 0.48 5.30
C SER A 108 -10.35 0.42 4.99
N ARG A 109 -10.85 -0.82 4.84
CA ARG A 109 -12.29 -1.09 4.63
C ARG A 109 -12.83 -1.91 5.82
N PRO A 110 -13.50 -1.25 6.81
CA PRO A 110 -14.43 -1.92 7.72
C PRO A 110 -15.87 -1.74 7.18
N ALA A 111 -16.68 -0.85 7.80
CA ALA A 111 -18.02 -0.43 7.32
C ALA A 111 -18.52 0.66 8.27
N ARG A 112 -18.50 1.93 7.85
CA ARG A 112 -18.87 3.06 8.74
C ARG A 112 -20.41 3.29 8.72
N MET A 1 -6.10 -1.78 28.69
CA MET A 1 -4.72 -1.87 28.11
C MET A 1 -4.65 -0.99 26.85
N GLY A 2 -5.74 -0.99 26.05
CA GLY A 2 -5.84 -0.13 24.87
C GLY A 2 -6.60 -0.79 23.72
N HIS A 3 -6.29 -0.36 22.48
CA HIS A 3 -6.99 -0.82 21.26
C HIS A 3 -6.47 -2.20 20.79
N HIS A 4 -7.02 -3.27 21.40
CA HIS A 4 -6.90 -4.66 20.92
C HIS A 4 -8.29 -5.30 21.03
N HIS A 5 -9.16 -5.00 20.06
CA HIS A 5 -10.54 -5.52 20.02
C HIS A 5 -10.59 -6.76 19.13
N HIS A 6 -10.41 -7.91 19.80
CA HIS A 6 -10.35 -9.23 19.18
C HIS A 6 -11.74 -9.66 18.67
N HIS A 7 -11.95 -9.47 17.37
CA HIS A 7 -12.98 -10.18 16.60
C HIS A 7 -12.24 -11.22 15.76
N HIS A 8 -12.76 -12.47 15.70
CA HIS A 8 -12.06 -13.60 15.02
C HIS A 8 -11.85 -13.32 13.50
N SER A 9 -12.86 -12.66 12.90
CA SER A 9 -12.80 -12.09 11.52
C SER A 9 -12.58 -13.19 10.44
N HIS A 10 -13.65 -13.93 10.12
CA HIS A 10 -13.63 -15.01 9.09
C HIS A 10 -14.94 -14.99 8.27
N MET A 11 -15.11 -13.85 7.59
CA MET A 11 -15.90 -13.72 6.35
C MET A 11 -14.97 -12.98 5.35
N PRO A 12 -13.88 -13.67 4.88
CA PRO A 12 -12.67 -13.03 4.32
C PRO A 12 -12.73 -12.87 2.79
N LYS A 13 -13.89 -12.41 2.30
CA LYS A 13 -14.15 -12.12 0.87
C LYS A 13 -13.50 -10.77 0.46
N ALA A 14 -13.06 -9.99 1.46
CA ALA A 14 -12.35 -8.71 1.26
C ALA A 14 -11.04 -8.90 0.49
N THR A 15 -10.41 -10.09 0.65
CA THR A 15 -9.13 -10.47 0.00
C THR A 15 -9.18 -10.25 -1.53
N ALA A 16 -10.32 -10.62 -2.14
CA ALA A 16 -10.53 -10.54 -3.59
C ALA A 16 -10.42 -9.09 -4.08
N GLN A 17 -11.31 -8.22 -3.57
CA GLN A 17 -11.42 -6.81 -4.01
C GLN A 17 -10.19 -5.99 -3.58
N MET A 18 -9.67 -6.29 -2.39
CA MET A 18 -8.46 -5.63 -1.85
C MET A 18 -7.26 -5.90 -2.76
N GLU A 19 -7.00 -7.20 -3.08
CA GLU A 19 -5.85 -7.59 -3.91
C GLU A 19 -6.04 -7.03 -5.33
N GLU A 20 -7.30 -7.03 -5.83
CA GLU A 20 -7.67 -6.47 -7.15
C GLU A 20 -7.23 -5.00 -7.27
N LYS A 21 -7.64 -4.18 -6.29
CA LYS A 21 -7.34 -2.74 -6.33
C LYS A 21 -5.86 -2.49 -6.07
N LEU A 22 -5.26 -3.30 -5.17
CA LEU A 22 -3.83 -3.17 -4.78
C LEU A 22 -2.92 -3.41 -6.00
N ARG A 23 -3.21 -4.50 -6.75
CA ARG A 23 -2.41 -4.87 -7.94
C ARG A 23 -2.66 -3.87 -9.07
N ASP A 24 -3.95 -3.55 -9.37
CA ASP A 24 -4.34 -2.66 -10.49
C ASP A 24 -3.78 -1.23 -10.29
N PHE A 25 -3.67 -0.83 -9.02
CA PHE A 25 -3.03 0.41 -8.59
C PHE A 25 -1.50 0.36 -8.85
N THR A 26 -0.84 -0.61 -8.16
CA THR A 26 0.63 -0.74 -8.12
C THR A 26 1.26 -0.99 -9.51
N ARG A 27 0.60 -1.84 -10.34
CA ARG A 27 1.16 -2.39 -11.61
C ARG A 27 1.51 -1.30 -12.66
N ALA A 28 0.82 -0.16 -12.56
CA ALA A 28 0.91 0.94 -13.55
C ALA A 28 2.28 1.65 -13.51
N TYR A 29 3.07 1.39 -12.45
CA TYR A 29 4.36 2.03 -12.23
C TYR A 29 5.31 1.10 -11.45
N GLU A 30 4.84 0.63 -10.27
CA GLU A 30 5.62 -0.24 -9.34
C GLU A 30 6.92 0.48 -8.85
N PRO A 31 7.81 -0.20 -8.03
CA PRO A 31 9.23 0.21 -7.92
C PRO A 31 9.94 0.25 -9.32
N ASP A 32 9.38 -0.53 -10.28
CA ASP A 32 9.94 -0.75 -11.64
C ASP A 32 10.17 0.56 -12.46
N SER A 33 9.07 1.19 -12.93
CA SER A 33 9.14 2.30 -13.91
C SER A 33 8.18 3.43 -13.52
N VAL A 34 8.74 4.52 -12.98
CA VAL A 34 7.99 5.73 -12.60
C VAL A 34 8.87 6.96 -12.91
N LEU A 35 8.27 8.13 -13.14
CA LEU A 35 9.03 9.40 -13.18
C LEU A 35 9.47 9.75 -11.73
N PRO A 36 10.79 10.00 -11.48
CA PRO A 36 11.32 10.29 -10.12
C PRO A 36 10.74 11.59 -9.53
N LEU A 37 10.21 11.49 -8.30
CA LEU A 37 9.70 12.62 -7.51
C LEU A 37 10.85 13.58 -7.21
N ALA A 38 11.83 13.05 -6.46
CA ALA A 38 13.09 13.72 -6.14
C ALA A 38 14.15 12.64 -5.84
N ASP A 39 15.44 13.05 -5.87
CA ASP A 39 16.56 12.11 -5.85
C ASP A 39 16.85 11.57 -4.44
N GLY A 40 17.37 10.33 -4.39
CA GLY A 40 17.83 9.72 -3.15
C GLY A 40 16.70 9.37 -2.19
N VAL A 41 16.28 10.36 -1.36
CA VAL A 41 15.36 10.15 -0.23
C VAL A 41 13.93 9.77 -0.70
N LEU A 42 13.34 10.60 -1.59
CA LEU A 42 11.94 10.40 -2.10
C LEU A 42 11.86 9.22 -3.10
N SER A 43 13.00 8.89 -3.74
CA SER A 43 13.10 7.69 -4.59
C SER A 43 13.19 6.42 -3.71
N PHE A 44 13.83 6.56 -2.53
CA PHE A 44 13.90 5.52 -1.49
C PHE A 44 12.51 5.36 -0.84
N ILE A 45 11.79 6.48 -0.65
CA ILE A 45 10.40 6.47 -0.12
C ILE A 45 9.46 5.84 -1.17
N HIS A 46 9.73 6.07 -2.47
CA HIS A 46 9.02 5.36 -3.57
C HIS A 46 9.23 3.83 -3.43
N HIS A 47 10.52 3.44 -3.21
CA HIS A 47 10.89 2.04 -2.88
C HIS A 47 9.98 1.54 -1.75
N GLN A 48 10.09 2.17 -0.58
CA GLN A 48 9.44 1.70 0.65
C GLN A 48 7.92 1.53 0.44
N ILE A 49 7.23 2.60 0.03
CA ILE A 49 5.76 2.59 -0.11
C ILE A 49 5.29 1.52 -1.14
N ILE A 50 5.79 1.59 -2.39
CA ILE A 50 5.20 0.79 -3.49
C ILE A 50 5.75 -0.66 -3.53
N GLU A 51 6.95 -0.86 -2.96
CA GLU A 51 7.58 -2.20 -2.87
C GLU A 51 7.08 -2.92 -1.60
N LEU A 52 6.65 -2.14 -0.57
CA LEU A 52 5.85 -2.67 0.57
C LEU A 52 4.38 -2.82 0.17
N ALA A 53 3.94 -2.15 -0.91
CA ALA A 53 2.63 -2.42 -1.53
C ALA A 53 2.68 -3.82 -2.19
N ARG A 54 3.75 -4.06 -2.99
CA ARG A 54 4.05 -5.38 -3.63
C ARG A 54 4.21 -6.49 -2.55
N ASP A 55 5.00 -6.17 -1.51
CA ASP A 55 5.28 -7.06 -0.37
C ASP A 55 3.98 -7.43 0.37
N CYS A 56 3.28 -6.40 0.91
CA CYS A 56 2.01 -6.58 1.65
C CYS A 56 0.97 -7.32 0.80
N LEU A 57 0.97 -7.04 -0.52
CA LEU A 57 0.07 -7.72 -1.51
C LEU A 57 0.32 -9.22 -1.53
N THR A 58 1.60 -9.63 -1.72
CA THR A 58 1.96 -11.04 -1.85
C THR A 58 1.79 -11.79 -0.49
N LYS A 59 1.95 -11.05 0.63
CA LYS A 59 1.75 -11.61 1.98
C LYS A 59 0.23 -11.66 2.34
N SER A 60 -0.55 -10.80 1.69
CA SER A 60 -2.03 -10.80 1.80
C SER A 60 -2.61 -11.98 1.01
N ARG A 61 -1.93 -12.30 -0.12
CA ARG A 61 -2.23 -13.47 -0.95
C ARG A 61 -1.92 -14.77 -0.17
N ASP A 62 -0.82 -14.74 0.60
CA ASP A 62 -0.43 -15.84 1.50
C ASP A 62 -1.46 -15.99 2.65
N GLY A 63 -1.96 -14.83 3.12
CA GLY A 63 -3.02 -14.78 4.12
C GLY A 63 -2.57 -15.13 5.53
N LEU A 64 -1.29 -14.85 5.85
CA LEU A 64 -0.73 -15.05 7.22
C LEU A 64 -0.99 -13.80 8.10
N ILE A 65 -1.53 -12.74 7.46
CA ILE A 65 -1.93 -11.49 8.13
C ILE A 65 -3.10 -11.78 9.10
N THR A 66 -2.84 -11.63 10.41
CA THR A 66 -3.90 -11.78 11.43
C THR A 66 -4.79 -10.52 11.39
N THR A 67 -4.14 -9.34 11.50
CA THR A 67 -4.79 -8.02 11.29
C THR A 67 -3.74 -6.89 11.42
N VAL A 68 -2.75 -7.09 12.32
CA VAL A 68 -1.82 -6.03 12.78
C VAL A 68 -0.84 -5.58 11.67
N TYR A 69 -0.61 -6.46 10.67
CA TYR A 69 0.33 -6.17 9.57
C TYR A 69 -0.09 -4.90 8.79
N PHE A 70 -1.42 -4.75 8.58
CA PHE A 70 -1.99 -3.55 7.93
C PHE A 70 -1.82 -2.31 8.82
N TYR A 71 -1.93 -2.49 10.15
CA TYR A 71 -1.77 -1.41 11.15
C TYR A 71 -0.33 -0.88 11.11
N GLU A 72 0.62 -1.82 10.98
CA GLU A 72 2.06 -1.52 10.92
C GLU A 72 2.40 -0.81 9.60
N LEU A 73 1.73 -1.23 8.50
CA LEU A 73 1.81 -0.49 7.21
C LEU A 73 1.28 0.95 7.38
N GLN A 74 0.15 1.11 8.10
CA GLN A 74 -0.40 2.46 8.41
C GLN A 74 0.65 3.32 9.14
N GLU A 75 1.26 2.72 10.18
CA GLU A 75 2.26 3.40 11.04
C GLU A 75 3.48 3.87 10.23
N ASN A 76 4.05 2.98 9.38
CA ASN A 76 5.31 3.27 8.66
C ASN A 76 5.06 4.17 7.42
N LEU A 77 3.86 4.08 6.80
CA LEU A 77 3.51 4.90 5.61
C LEU A 77 3.06 6.31 6.03
N GLU A 78 2.49 6.44 7.24
CA GLU A 78 2.18 7.75 7.85
C GLU A 78 3.43 8.35 8.51
N LYS A 79 4.38 7.47 8.90
CA LYS A 79 5.75 7.88 9.27
C LYS A 79 6.42 8.50 8.03
N LEU A 80 6.25 7.81 6.87
CA LEU A 80 6.77 8.28 5.56
C LEU A 80 5.95 9.46 5.00
N LEU A 81 4.67 9.57 5.39
CA LEU A 81 3.82 10.72 5.02
C LEU A 81 4.38 12.00 5.66
N GLN A 82 4.59 11.92 6.98
CA GLN A 82 5.18 13.02 7.77
C GLN A 82 6.62 13.30 7.30
N ASP A 83 7.42 12.23 7.10
CA ASP A 83 8.79 12.32 6.56
C ASP A 83 8.81 13.05 5.21
N ALA A 84 7.84 12.73 4.34
CA ALA A 84 7.72 13.32 3.00
C ALA A 84 7.36 14.82 3.08
N TYR A 85 6.41 15.15 3.98
CA TYR A 85 6.01 16.56 4.24
C TYR A 85 7.19 17.40 4.80
N GLU A 86 8.12 16.74 5.51
CA GLU A 86 9.34 17.39 6.05
C GLU A 86 10.49 17.38 5.02
N ARG A 87 10.30 16.67 3.89
CA ARG A 87 11.38 16.42 2.88
C ARG A 87 11.13 17.17 1.53
N SER A 88 9.89 17.72 1.32
CA SER A 88 9.56 18.66 0.18
C SER A 88 8.04 18.91 0.12
N GLU A 89 7.68 19.91 -0.72
CA GLU A 89 6.39 20.01 -1.42
C GLU A 89 6.41 21.16 -2.44
N SER A 90 6.52 20.78 -3.72
CA SER A 90 6.19 21.65 -4.86
C SER A 90 5.18 20.84 -5.69
N LEU A 91 5.61 19.61 -6.01
CA LEU A 91 4.73 18.51 -6.45
C LEU A 91 5.15 17.31 -5.58
N GLU A 92 6.12 16.49 -6.08
CA GLU A 92 6.77 15.32 -5.41
C GLU A 92 5.86 14.53 -4.44
N VAL A 93 5.74 15.04 -3.21
CA VAL A 93 5.13 14.35 -2.05
C VAL A 93 3.60 14.25 -2.18
N ALA A 94 3.01 15.06 -3.06
CA ALA A 94 1.62 14.94 -3.53
C ALA A 94 1.28 13.49 -3.95
N PHE A 95 2.29 12.82 -4.55
CA PHE A 95 2.30 11.36 -4.75
C PHE A 95 1.95 10.67 -3.43
N VAL A 96 2.82 10.83 -2.41
CA VAL A 96 2.74 10.15 -1.08
C VAL A 96 1.37 10.45 -0.39
N THR A 97 0.87 11.68 -0.59
CA THR A 97 -0.44 12.11 -0.07
C THR A 97 -1.55 11.25 -0.68
N GLN A 98 -1.69 11.39 -2.01
CA GLN A 98 -2.73 10.70 -2.80
C GLN A 98 -2.60 9.15 -2.66
N LEU A 99 -1.33 8.76 -2.44
CA LEU A 99 -0.90 7.36 -2.32
C LEU A 99 -1.49 6.75 -1.05
N VAL A 100 -1.18 7.35 0.10
CA VAL A 100 -1.56 6.81 1.40
C VAL A 100 -3.06 6.90 1.58
N LYS A 101 -3.79 7.93 1.01
CA LYS A 101 -5.29 7.89 1.03
C LYS A 101 -5.77 6.66 0.25
N LYS A 102 -5.39 6.62 -1.04
CA LYS A 102 -5.89 5.57 -1.97
C LYS A 102 -5.60 4.14 -1.45
N LEU A 103 -4.34 3.94 -1.03
CA LEU A 103 -3.79 2.65 -0.61
C LEU A 103 -4.33 2.24 0.78
N LEU A 104 -4.53 3.23 1.70
CA LEU A 104 -5.18 2.97 3.00
C LEU A 104 -6.59 2.40 2.75
N ILE A 105 -7.32 3.07 1.86
CA ILE A 105 -8.69 2.68 1.50
C ILE A 105 -8.70 1.27 0.87
N ILE A 106 -7.71 0.97 0.01
CA ILE A 106 -7.53 -0.37 -0.60
C ILE A 106 -7.45 -1.49 0.47
N ILE A 107 -6.54 -1.35 1.45
CA ILE A 107 -6.25 -2.42 2.45
C ILE A 107 -7.17 -2.34 3.69
N SER A 108 -7.92 -1.23 3.84
CA SER A 108 -8.83 -1.02 4.98
C SER A 108 -10.27 -0.73 4.47
N ARG A 109 -11.13 -1.77 4.57
CA ARG A 109 -12.60 -1.70 4.34
C ARG A 109 -12.99 -1.31 2.88
N PRO A 110 -12.20 -1.75 1.81
CA PRO A 110 -12.14 -1.12 0.45
C PRO A 110 -13.34 -0.22 0.05
N ALA A 111 -14.49 -0.86 -0.16
CA ALA A 111 -15.76 -0.21 -0.51
C ALA A 111 -16.92 -1.17 -0.19
N ARG A 112 -18.15 -0.79 -0.59
CA ARG A 112 -19.36 -1.60 -0.35
C ARG A 112 -20.39 -1.34 -1.48
N MET A 1 -14.55 -33.43 21.25
CA MET A 1 -13.63 -33.15 20.12
C MET A 1 -12.19 -33.39 20.52
N GLY A 2 -11.31 -33.07 19.58
CA GLY A 2 -9.92 -32.76 19.89
C GLY A 2 -9.62 -31.34 19.43
N HIS A 3 -10.10 -31.03 18.21
CA HIS A 3 -9.89 -29.72 17.57
C HIS A 3 -10.86 -28.66 18.12
N HIS A 4 -10.45 -27.40 18.04
CA HIS A 4 -11.31 -26.24 18.33
C HIS A 4 -11.17 -25.22 17.23
N HIS A 5 -11.86 -24.09 17.42
CA HIS A 5 -11.66 -22.92 16.57
C HIS A 5 -11.75 -23.30 15.10
N HIS A 6 -12.81 -24.01 14.76
CA HIS A 6 -12.92 -24.64 13.46
C HIS A 6 -14.07 -24.02 12.64
N HIS A 7 -13.75 -23.44 11.47
CA HIS A 7 -14.76 -22.86 10.57
C HIS A 7 -14.91 -23.70 9.30
N HIS A 8 -16.14 -23.80 8.77
CA HIS A 8 -16.33 -24.45 7.46
C HIS A 8 -16.64 -23.42 6.36
N SER A 9 -15.58 -22.76 5.82
CA SER A 9 -15.75 -21.76 4.76
C SER A 9 -14.39 -21.27 4.25
N HIS A 10 -13.73 -20.49 5.11
CA HIS A 10 -12.55 -19.72 4.74
C HIS A 10 -12.88 -18.74 3.64
N MET A 11 -13.20 -17.53 4.02
CA MET A 11 -13.54 -16.53 3.05
C MET A 11 -12.27 -15.94 2.44
N PRO A 12 -12.23 -15.73 1.10
CA PRO A 12 -11.35 -14.71 0.54
C PRO A 12 -11.74 -13.37 1.17
N LYS A 13 -11.36 -13.22 2.42
CA LYS A 13 -11.96 -12.24 3.33
C LYS A 13 -11.47 -10.83 3.02
N ALA A 14 -12.09 -10.16 2.03
CA ALA A 14 -11.66 -8.81 1.60
C ALA A 14 -10.38 -8.87 0.72
N THR A 15 -9.50 -9.81 1.03
CA THR A 15 -8.14 -9.89 0.50
C THR A 15 -8.05 -10.07 -1.03
N ALA A 16 -8.82 -11.01 -1.57
CA ALA A 16 -8.86 -11.29 -3.00
C ALA A 16 -9.23 -10.01 -3.80
N GLN A 17 -10.28 -9.36 -3.35
CA GLN A 17 -10.77 -8.15 -3.98
C GLN A 17 -9.77 -7.03 -3.77
N MET A 18 -9.22 -6.99 -2.56
CA MET A 18 -8.24 -5.96 -2.18
C MET A 18 -6.94 -6.18 -2.93
N GLU A 19 -6.70 -7.42 -3.26
CA GLU A 19 -5.58 -7.82 -4.09
C GLU A 19 -5.77 -7.26 -5.50
N GLU A 20 -7.00 -7.37 -6.01
CA GLU A 20 -7.38 -6.74 -7.28
C GLU A 20 -7.21 -5.21 -7.23
N LYS A 21 -7.89 -4.55 -6.28
CA LYS A 21 -7.74 -3.11 -6.02
C LYS A 21 -6.27 -2.71 -5.97
N LEU A 22 -5.52 -3.46 -5.19
CA LEU A 22 -4.12 -3.18 -4.90
C LEU A 22 -3.26 -3.31 -6.16
N ARG A 23 -3.39 -4.42 -6.87
CA ARG A 23 -2.59 -4.65 -8.07
C ARG A 23 -2.93 -3.64 -9.18
N ASP A 24 -4.20 -3.32 -9.32
CA ASP A 24 -4.62 -2.37 -10.35
C ASP A 24 -4.29 -0.94 -9.93
N PHE A 25 -4.07 -0.77 -8.64
CA PHE A 25 -3.39 0.41 -8.09
C PHE A 25 -1.88 0.38 -8.46
N THR A 26 -1.25 -0.75 -8.16
CA THR A 26 0.22 -0.92 -8.26
C THR A 26 0.75 -0.94 -9.69
N ARG A 27 0.29 -1.87 -10.51
CA ARG A 27 0.91 -2.17 -11.81
C ARG A 27 1.04 -0.93 -12.69
N ALA A 28 0.23 0.10 -12.45
CA ALA A 28 0.42 1.36 -13.16
C ALA A 28 1.83 1.88 -12.92
N TYR A 29 2.34 1.71 -11.70
CA TYR A 29 3.67 2.17 -11.36
C TYR A 29 4.46 1.10 -10.58
N GLU A 30 5.73 1.41 -10.34
CA GLU A 30 6.71 0.48 -9.79
C GLU A 30 7.86 1.35 -9.26
N PRO A 31 9.04 0.79 -8.89
CA PRO A 31 10.26 1.57 -8.84
C PRO A 31 10.71 1.84 -10.27
N ASP A 32 10.54 0.81 -11.08
CA ASP A 32 10.79 0.88 -12.50
C ASP A 32 10.01 2.03 -13.15
N SER A 33 8.68 2.04 -13.00
CA SER A 33 7.85 3.04 -13.69
C SER A 33 6.94 3.86 -12.78
N VAL A 34 7.19 5.16 -12.80
CA VAL A 34 6.21 6.19 -12.46
C VAL A 34 6.61 7.41 -13.26
N LEU A 35 7.70 7.95 -12.73
CA LEU A 35 8.34 9.19 -13.08
C LEU A 35 9.43 9.36 -12.04
N PRO A 36 10.67 9.70 -12.41
CA PRO A 36 11.67 10.18 -11.45
C PRO A 36 11.12 11.11 -10.38
N LEU A 37 10.61 10.54 -9.29
CA LEU A 37 10.37 11.34 -8.09
C LEU A 37 11.71 11.84 -7.60
N ALA A 38 12.19 12.94 -8.06
CA ALA A 38 13.52 13.30 -7.69
C ALA A 38 13.60 13.72 -6.22
N ASP A 39 14.85 13.63 -5.75
CA ASP A 39 15.21 13.78 -4.35
C ASP A 39 15.17 12.41 -3.64
N GLY A 40 15.96 12.29 -2.56
CA GLY A 40 16.16 11.02 -1.88
C GLY A 40 15.03 10.61 -0.94
N VAL A 41 14.28 11.55 -0.37
CA VAL A 41 13.20 11.17 0.55
C VAL A 41 11.98 10.67 -0.23
N LEU A 42 11.61 11.40 -1.30
CA LEU A 42 10.42 11.08 -2.11
C LEU A 42 10.58 9.71 -2.76
N SER A 43 11.74 9.51 -3.37
CA SER A 43 12.01 8.29 -4.08
C SER A 43 12.07 7.09 -3.13
N PHE A 44 12.50 7.33 -1.89
CA PHE A 44 12.58 6.27 -0.91
C PHE A 44 11.18 5.89 -0.41
N ILE A 45 10.33 6.87 -0.10
CA ILE A 45 8.94 6.56 0.25
C ILE A 45 8.27 5.82 -0.89
N HIS A 46 8.66 6.21 -2.10
CA HIS A 46 8.21 5.56 -3.33
C HIS A 46 8.63 4.08 -3.35
N HIS A 47 9.89 3.81 -2.98
CA HIS A 47 10.39 2.44 -2.82
C HIS A 47 9.57 1.69 -1.77
N GLN A 48 9.44 2.27 -0.58
CA GLN A 48 8.65 1.68 0.49
C GLN A 48 7.23 1.34 -0.04
N ILE A 49 6.52 2.37 -0.56
CA ILE A 49 5.13 2.22 -1.10
C ILE A 49 5.08 1.00 -2.05
N ILE A 50 5.90 1.01 -3.12
CA ILE A 50 5.79 -0.05 -4.15
C ILE A 50 6.17 -1.42 -3.60
N GLU A 51 7.25 -1.46 -2.83
CA GLU A 51 7.76 -2.72 -2.31
C GLU A 51 6.80 -3.30 -1.28
N LEU A 52 6.20 -2.41 -0.48
CA LEU A 52 5.23 -2.81 0.55
C LEU A 52 3.90 -3.12 -0.10
N ALA A 53 3.54 -2.38 -1.14
CA ALA A 53 2.31 -2.71 -1.83
C ALA A 53 2.43 -4.13 -2.33
N ARG A 54 3.63 -4.45 -2.87
CA ARG A 54 3.90 -5.76 -3.46
C ARG A 54 3.85 -6.83 -2.39
N ASP A 55 4.51 -6.59 -1.27
CA ASP A 55 4.49 -7.57 -0.18
C ASP A 55 3.07 -7.78 0.30
N CYS A 56 2.29 -6.69 0.35
CA CYS A 56 0.86 -6.75 0.68
C CYS A 56 0.10 -7.54 -0.37
N LEU A 57 0.42 -7.28 -1.62
CA LEU A 57 -0.18 -7.97 -2.75
C LEU A 57 0.09 -9.49 -2.67
N THR A 58 1.28 -9.83 -2.18
CA THR A 58 1.69 -11.21 -2.00
C THR A 58 1.22 -11.76 -0.65
N LYS A 59 0.98 -10.84 0.30
CA LYS A 59 0.56 -11.16 1.66
C LYS A 59 -0.97 -11.40 1.76
N SER A 60 -1.70 -10.67 0.91
CA SER A 60 -3.18 -10.76 0.81
C SER A 60 -3.63 -12.15 0.39
N ARG A 61 -2.69 -12.85 -0.17
CA ARG A 61 -2.95 -13.95 -1.08
C ARG A 61 -3.51 -15.22 -0.39
N ASP A 62 -4.81 -15.20 -0.01
CA ASP A 62 -5.53 -16.34 0.66
C ASP A 62 -6.50 -15.80 1.69
N GLY A 63 -6.08 -14.73 2.33
CA GLY A 63 -6.62 -14.35 3.63
C GLY A 63 -5.63 -14.82 4.67
N LEU A 64 -4.38 -14.65 4.26
CA LEU A 64 -3.18 -15.18 4.88
C LEU A 64 -2.75 -14.30 6.05
N ILE A 65 -3.30 -13.08 6.08
CA ILE A 65 -2.68 -11.95 6.85
C ILE A 65 -2.82 -12.09 8.35
N THR A 66 -1.67 -11.99 9.01
CA THR A 66 -1.62 -11.73 10.43
C THR A 66 -1.98 -10.26 10.71
N THR A 67 -3.04 -10.09 11.49
CA THR A 67 -3.73 -8.81 11.68
C THR A 67 -2.81 -7.57 11.88
N VAL A 68 -1.68 -7.74 12.56
CA VAL A 68 -0.84 -6.64 12.92
C VAL A 68 -0.30 -5.87 11.61
N TYR A 69 -0.19 -6.59 10.48
CA TYR A 69 0.36 -6.05 9.22
C TYR A 69 -0.36 -4.76 8.75
N PHE A 70 -1.70 -4.76 8.73
CA PHE A 70 -2.45 -3.56 8.30
C PHE A 70 -2.07 -2.35 9.11
N TYR A 71 -1.89 -2.55 10.42
CA TYR A 71 -1.60 -1.43 11.31
C TYR A 71 -0.19 -0.95 11.11
N GLU A 72 0.73 -1.87 10.89
CA GLU A 72 2.11 -1.53 10.60
C GLU A 72 2.17 -0.66 9.34
N LEU A 73 1.30 -0.98 8.37
CA LEU A 73 1.13 -0.15 7.18
C LEU A 73 0.55 1.22 7.52
N GLN A 74 -0.48 1.26 8.36
CA GLN A 74 -1.05 2.55 8.79
C GLN A 74 0.06 3.46 9.33
N GLU A 75 0.79 2.91 10.31
CA GLU A 75 1.85 3.63 11.03
C GLU A 75 2.98 4.07 10.09
N ASN A 76 3.50 3.14 9.29
CA ASN A 76 4.65 3.42 8.43
C ASN A 76 4.28 4.37 7.26
N LEU A 77 3.10 4.18 6.67
CA LEU A 77 2.58 5.13 5.66
C LEU A 77 2.39 6.51 6.27
N GLU A 78 1.72 6.57 7.41
CA GLU A 78 1.46 7.83 8.09
C GLU A 78 2.77 8.57 8.41
N LYS A 79 3.73 7.87 9.01
CA LYS A 79 4.98 8.54 9.38
C LYS A 79 5.77 8.93 8.15
N LEU A 80 5.92 8.01 7.19
CA LEU A 80 6.73 8.31 6.02
C LEU A 80 6.09 9.42 5.19
N LEU A 81 4.78 9.59 5.35
CA LEU A 81 4.09 10.75 4.82
C LEU A 81 4.52 12.00 5.58
N GLN A 82 4.66 11.88 6.91
CA GLN A 82 5.16 12.98 7.74
C GLN A 82 6.59 13.38 7.30
N ASP A 83 7.46 12.39 7.04
CA ASP A 83 8.82 12.65 6.56
C ASP A 83 8.80 13.34 5.20
N ALA A 84 7.90 12.88 4.35
CA ALA A 84 7.61 13.53 3.05
C ALA A 84 7.30 15.04 3.26
N TYR A 85 6.45 15.32 4.24
CA TYR A 85 6.06 16.69 4.59
C TYR A 85 7.21 17.44 5.32
N GLU A 86 8.07 16.72 6.06
CA GLU A 86 9.19 17.34 6.76
C GLU A 86 10.22 17.81 5.75
N ARG A 87 10.25 17.10 4.63
CA ARG A 87 11.17 17.36 3.55
C ARG A 87 10.39 17.57 2.24
N SER A 88 9.45 18.50 2.27
CA SER A 88 8.50 18.69 1.19
C SER A 88 9.07 19.54 0.04
N GLU A 89 9.72 18.88 -0.89
CA GLU A 89 10.05 19.47 -2.17
C GLU A 89 8.76 19.76 -2.95
N SER A 90 8.77 20.80 -3.79
CA SER A 90 7.57 21.29 -4.47
C SER A 90 7.01 20.25 -5.46
N LEU A 91 5.70 20.03 -5.42
CA LEU A 91 4.98 19.10 -6.31
C LEU A 91 5.13 17.61 -5.96
N GLU A 92 6.35 17.07 -6.10
CA GLU A 92 6.57 15.60 -6.17
C GLU A 92 6.31 14.84 -4.85
N VAL A 93 6.01 15.54 -3.75
CA VAL A 93 5.38 14.86 -2.59
C VAL A 93 4.02 14.39 -3.06
N ALA A 94 3.48 15.05 -4.08
CA ALA A 94 2.13 14.67 -4.50
C ALA A 94 1.97 13.18 -4.64
N PHE A 95 2.84 12.47 -5.48
CA PHE A 95 2.77 10.97 -5.58
C PHE A 95 2.96 10.30 -4.22
N VAL A 96 3.95 10.73 -3.49
CA VAL A 96 4.22 10.09 -2.22
C VAL A 96 3.01 10.14 -1.29
N THR A 97 2.51 11.34 -1.03
CA THR A 97 1.42 11.55 -0.08
C THR A 97 0.14 10.85 -0.59
N GLN A 98 -0.20 11.11 -1.85
CA GLN A 98 -1.34 10.46 -2.49
C GLN A 98 -1.24 8.95 -2.39
N LEU A 99 -0.06 8.42 -2.65
CA LEU A 99 0.16 6.98 -2.65
C LEU A 99 0.01 6.35 -1.24
N VAL A 100 0.81 6.78 -0.24
CA VAL A 100 0.68 6.27 1.19
C VAL A 100 -0.74 6.31 1.61
N LYS A 101 -1.40 7.41 1.25
CA LYS A 101 -2.78 7.60 1.61
C LYS A 101 -3.69 6.64 0.84
N LYS A 102 -3.48 6.49 -0.47
CA LYS A 102 -4.35 5.64 -1.29
C LYS A 102 -4.25 4.18 -0.86
N LEU A 103 -3.02 3.69 -0.73
CA LEU A 103 -2.77 2.32 -0.30
C LEU A 103 -3.22 2.11 1.13
N LEU A 104 -3.08 3.14 1.95
CA LEU A 104 -3.62 3.15 3.31
C LEU A 104 -5.13 3.03 3.28
N ILE A 105 -5.75 3.82 2.43
CA ILE A 105 -7.19 3.88 2.38
C ILE A 105 -7.78 2.61 1.72
N ILE A 106 -6.94 1.87 0.92
CA ILE A 106 -7.33 0.51 0.44
C ILE A 106 -7.19 -0.46 1.60
N ILE A 107 -5.99 -0.52 2.22
CA ILE A 107 -5.70 -1.52 3.26
C ILE A 107 -6.44 -1.27 4.60
N SER A 108 -6.93 -0.05 4.85
CA SER A 108 -7.77 0.18 6.04
C SER A 108 -8.88 1.18 5.75
N ARG A 109 -9.72 0.79 4.83
CA ARG A 109 -10.90 1.53 4.46
C ARG A 109 -11.71 1.88 5.71
N PRO A 110 -11.85 3.16 6.08
CA PRO A 110 -12.75 3.53 7.16
C PRO A 110 -14.20 3.35 6.70
N ALA A 111 -15.15 3.44 7.66
CA ALA A 111 -16.54 2.96 7.41
C ALA A 111 -17.52 4.12 7.69
N ARG A 112 -18.42 4.28 6.73
CA ARG A 112 -19.32 5.41 6.60
C ARG A 112 -20.76 4.91 6.80
#